data_3RTR
#
_entry.id   3RTR
#
_cell.length_a   88.475
_cell.length_b   119.796
_cell.length_c   231.861
_cell.angle_alpha   90.00
_cell.angle_beta   90.00
_cell.angle_gamma   90.00
#
_symmetry.space_group_name_H-M   'P 21 21 21'
#
loop_
_entity.id
_entity.type
_entity.pdbx_description
1 polymer Cullin-1
2 polymer 'E3 ubiquitin-protein ligase RBX1'
3 non-polymer 'ZINC ION'
#
loop_
_entity_poly.entity_id
_entity_poly.type
_entity_poly.pdbx_seq_one_letter_code
_entity_poly.pdbx_strand_id
1 'polypeptide(L)'
;GSMAQSSSKSPEELARYCDSLLKKSSKNPEEAELEDTLNQVMEKFKKIEDKDVFQKFYAKMLAKRLVHQNSASDDAEASM
ISKLKQACGFEYTSKLQRMFQDIGVSKDLNEQFKKHLTNSEPLDLDFSIQVLSSGSWPFQQSCTFALPSELERSYQRFTA
FYASRHSGRKLTWLYQLSKGELVTNCFKNRYTLQASTFQMAILLQYNTEDAYTVQQLTDSTQIKMDILAQVLQILLKSKL
LVLEDENANVDEVELKPDTLIKLYLGYKNKKLRVNINVPMKTEQKQEQETTHKNIEEDRKLLIQAAIVRIMKMRKVLKHQ
QLLGEVLTQLSSRFKPRVPVIKKCIDILIEKEYLERVDGEKDTYSYLA
;
A,C,E,G
2 'polypeptide(L)'
;GSMDVDTPSGTNSGAGKKRFEVKKWNAVALWAWDIVVDNCAICRNHIMDLCIECQANQASATSEECTVAWGVCNHAFHFH
CISRWLKTRQVCPLDNREWEFQKYGH
;
B,D,F,H
#
loop_
_chem_comp.id
_chem_comp.type
_chem_comp.name
_chem_comp.formula
ZN non-polymer 'ZINC ION' 'Zn 2'
#
# COMPACT_ATOMS: atom_id res chain seq x y z
N SER A 10 -2.18 -43.25 22.34
CA SER A 10 -0.99 -43.35 23.18
C SER A 10 -0.32 -41.99 23.41
N PRO A 11 -0.06 -41.23 22.32
CA PRO A 11 0.56 -39.90 22.45
C PRO A 11 -0.14 -39.02 23.53
N GLU A 12 -1.45 -38.82 23.43
CA GLU A 12 -2.26 -38.13 24.47
C GLU A 12 -1.96 -38.63 25.89
N GLU A 13 -2.04 -39.95 26.08
CA GLU A 13 -1.82 -40.60 27.37
C GLU A 13 -0.57 -40.05 28.06
N LEU A 14 0.44 -39.76 27.26
CA LEU A 14 1.71 -39.23 27.76
C LEU A 14 1.46 -37.91 28.49
N ALA A 15 0.87 -36.96 27.78
CA ALA A 15 0.53 -35.67 28.38
C ALA A 15 -0.28 -35.85 29.67
N ARG A 16 -1.35 -36.64 29.60
CA ARG A 16 -2.22 -36.85 30.75
C ARG A 16 -1.44 -37.34 31.97
N TYR A 17 -0.33 -38.03 31.70
CA TYR A 17 0.57 -38.49 32.76
C TYR A 17 1.35 -37.31 33.31
N CYS A 18 1.89 -36.49 32.40
CA CYS A 18 2.64 -35.30 32.75
C CYS A 18 1.75 -34.34 33.53
N ASP A 19 0.53 -34.15 33.06
CA ASP A 19 -0.45 -33.37 33.78
C ASP A 19 -0.52 -33.87 35.22
N SER A 20 -0.78 -35.17 35.34
CA SER A 20 -0.78 -35.88 36.63
C SER A 20 0.43 -35.53 37.52
N LEU A 21 1.63 -35.61 36.96
CA LEU A 21 2.86 -35.26 37.68
C LEU A 21 2.88 -33.80 38.12
N LEU A 22 2.77 -32.88 37.16
CA LEU A 22 2.86 -31.44 37.41
C LEU A 22 1.71 -30.89 38.25
N LYS A 23 0.65 -31.69 38.37
CA LYS A 23 -0.56 -31.30 39.07
C LYS A 23 -0.33 -31.16 40.57
N LYS A 24 -0.80 -30.05 41.12
CA LYS A 24 -0.66 -29.75 42.53
C LYS A 24 -1.47 -30.70 43.40
N GLU A 31 11.18 -33.18 44.80
CA GLU A 31 11.94 -32.27 43.94
C GLU A 31 13.02 -32.96 43.11
N ALA A 32 13.95 -33.65 43.78
CA ALA A 32 15.12 -34.24 43.11
C ALA A 32 14.79 -35.39 42.15
N GLU A 33 13.96 -36.33 42.62
CA GLU A 33 13.51 -37.47 41.84
C GLU A 33 12.47 -37.06 40.81
N LEU A 34 11.95 -35.85 40.94
CA LEU A 34 10.97 -35.30 40.01
C LEU A 34 11.64 -34.90 38.68
N GLU A 35 12.82 -34.28 38.76
CA GLU A 35 13.57 -33.95 37.55
C GLU A 35 13.94 -35.23 36.77
N ASP A 36 14.02 -36.34 37.50
CA ASP A 36 14.36 -37.66 36.94
C ASP A 36 13.20 -38.25 36.11
N THR A 37 12.02 -38.32 36.72
CA THR A 37 10.82 -38.87 36.07
C THR A 37 10.33 -38.05 34.88
N LEU A 38 10.66 -36.75 34.87
CA LEU A 38 10.40 -35.86 33.74
C LEU A 38 11.36 -36.16 32.59
N ASN A 39 12.57 -36.58 32.96
CA ASN A 39 13.58 -36.96 31.99
C ASN A 39 13.28 -38.31 31.36
N GLN A 40 12.92 -39.29 32.18
CA GLN A 40 12.52 -40.60 31.68
C GLN A 40 11.42 -40.46 30.61
N VAL A 41 10.33 -39.81 30.97
CA VAL A 41 9.22 -39.55 30.04
C VAL A 41 9.70 -38.81 28.80
N MET A 42 10.70 -37.94 28.97
CA MET A 42 11.23 -37.13 27.87
C MET A 42 11.93 -37.96 26.77
N GLU A 43 12.49 -39.10 27.15
CA GLU A 43 13.00 -40.07 26.18
C GLU A 43 11.85 -40.69 25.39
N LYS A 44 10.80 -41.10 26.11
CA LYS A 44 9.61 -41.71 25.54
C LYS A 44 8.89 -40.83 24.50
N PHE A 45 9.11 -39.52 24.56
CA PHE A 45 8.51 -38.58 23.62
C PHE A 45 9.17 -38.67 22.23
N LYS A 46 10.49 -38.85 22.22
CA LYS A 46 11.28 -38.93 20.99
C LYS A 46 10.82 -40.09 20.10
N LYS A 47 10.03 -40.99 20.67
CA LYS A 47 9.46 -42.11 19.94
C LYS A 47 7.95 -41.92 19.68
N ILE A 48 7.58 -40.76 19.13
CA ILE A 48 6.20 -40.51 18.69
C ILE A 48 6.14 -39.78 17.35
N GLU A 49 5.45 -40.37 16.37
CA GLU A 49 5.33 -39.79 15.02
C GLU A 49 4.46 -38.53 14.97
N ASP A 50 3.28 -38.61 15.58
CA ASP A 50 2.34 -37.47 15.62
C ASP A 50 2.67 -36.48 16.73
N LYS A 51 3.77 -35.73 16.57
CA LYS A 51 4.19 -34.74 17.57
C LYS A 51 3.05 -33.80 17.97
N ASP A 52 2.53 -33.10 16.98
CA ASP A 52 1.50 -32.09 17.21
C ASP A 52 0.43 -32.55 18.18
N VAL A 53 0.05 -33.83 18.10
CA VAL A 53 -1.03 -34.34 18.94
C VAL A 53 -0.70 -34.19 20.42
N PHE A 54 0.49 -34.66 20.79
CA PHE A 54 0.95 -34.61 22.17
C PHE A 54 1.22 -33.18 22.63
N GLN A 55 1.67 -32.37 21.67
CA GLN A 55 1.89 -30.95 21.93
C GLN A 55 0.56 -30.36 22.39
N LYS A 56 -0.42 -30.39 21.49
CA LYS A 56 -1.71 -29.75 21.73
C LYS A 56 -2.34 -30.15 23.07
N PHE A 57 -2.33 -31.45 23.38
CA PHE A 57 -2.84 -31.87 24.68
C PHE A 57 -2.06 -31.25 25.82
N TYR A 58 -0.74 -31.40 25.79
CA TYR A 58 0.06 -30.84 26.88
C TYR A 58 -0.14 -29.35 27.00
N ALA A 59 -0.44 -28.71 25.89
CA ALA A 59 -0.73 -27.29 25.93
C ALA A 59 -2.02 -27.11 26.71
N LYS A 60 -3.08 -27.72 26.20
CA LYS A 60 -4.38 -27.65 26.85
C LYS A 60 -4.32 -27.99 28.34
N MET A 61 -3.54 -29.01 28.70
CA MET A 61 -3.39 -29.40 30.09
C MET A 61 -2.75 -28.29 30.90
N LEU A 62 -1.66 -27.74 30.39
CA LEU A 62 -0.94 -26.65 31.04
C LEU A 62 -1.83 -25.44 31.24
N ALA A 63 -2.62 -25.12 30.23
CA ALA A 63 -3.51 -23.98 30.28
C ALA A 63 -4.44 -24.12 31.46
N LYS A 64 -5.07 -25.29 31.58
CA LYS A 64 -5.97 -25.57 32.70
C LYS A 64 -5.28 -25.38 34.05
N ARG A 65 -4.10 -25.95 34.21
CA ARG A 65 -3.31 -25.78 35.43
C ARG A 65 -3.06 -24.32 35.78
N LEU A 66 -2.60 -23.54 34.79
CA LEU A 66 -2.27 -22.14 35.06
C LEU A 66 -3.47 -21.33 35.53
N VAL A 67 -4.62 -21.52 34.90
CA VAL A 67 -5.78 -20.68 35.19
C VAL A 67 -6.41 -20.92 36.57
N HIS A 68 -6.16 -22.09 37.15
CA HIS A 68 -6.77 -22.45 38.43
C HIS A 68 -5.74 -22.54 39.57
N GLN A 69 -4.58 -21.92 39.37
CA GLN A 69 -3.52 -21.95 40.37
C GLN A 69 -3.10 -23.40 40.67
N ASN A 70 -3.55 -24.32 39.82
CA ASN A 70 -3.30 -25.74 40.01
C ASN A 70 -1.98 -26.20 39.38
N SER A 71 -0.86 -25.70 39.89
CA SER A 71 0.44 -26.22 39.44
C SER A 71 1.34 -26.63 40.60
N ALA A 72 2.12 -27.69 40.39
CA ALA A 72 2.95 -28.21 41.46
C ALA A 72 3.93 -27.13 41.88
N SER A 73 5.02 -27.00 41.13
CA SER A 73 5.97 -25.92 41.37
C SER A 73 6.41 -25.30 40.04
N ASP A 74 6.55 -23.97 40.02
CA ASP A 74 6.97 -23.26 38.81
C ASP A 74 8.24 -23.85 38.20
N ASP A 75 9.10 -24.38 39.06
CA ASP A 75 10.35 -25.01 38.63
C ASP A 75 10.08 -26.17 37.67
N ALA A 76 9.20 -27.08 38.07
CA ALA A 76 8.81 -28.24 37.25
C ALA A 76 8.36 -27.83 35.85
N GLU A 77 7.58 -26.75 35.78
CA GLU A 77 7.02 -26.26 34.54
C GLU A 77 8.11 -25.78 33.58
N ALA A 78 8.82 -24.72 33.99
CA ALA A 78 9.89 -24.14 33.18
C ALA A 78 10.99 -25.16 32.88
N SER A 79 11.12 -26.16 33.75
CA SER A 79 12.08 -27.24 33.56
C SER A 79 11.64 -28.18 32.45
N MET A 80 10.35 -28.46 32.38
CA MET A 80 9.88 -29.34 31.32
C MET A 80 9.69 -28.58 30.02
N ILE A 81 9.39 -27.29 30.13
CA ILE A 81 9.31 -26.43 28.96
C ILE A 81 10.67 -26.39 28.31
N SER A 82 11.70 -26.44 29.17
CA SER A 82 13.09 -26.48 28.74
C SER A 82 13.42 -27.85 28.13
N LYS A 83 12.79 -28.91 28.64
CA LYS A 83 12.96 -30.26 28.10
C LYS A 83 12.25 -30.42 26.76
N LEU A 84 11.17 -29.69 26.61
CA LEU A 84 10.44 -29.64 25.35
C LEU A 84 10.96 -28.52 24.45
N LYS A 85 11.92 -27.75 24.96
CA LYS A 85 12.52 -26.66 24.19
C LYS A 85 13.74 -27.13 23.39
N GLN A 86 14.58 -27.94 24.03
CA GLN A 86 15.80 -28.48 23.41
C GLN A 86 15.46 -29.59 22.43
N ALA A 87 14.28 -30.18 22.62
CA ALA A 87 13.80 -31.24 21.72
C ALA A 87 12.79 -30.72 20.68
N CYS A 88 11.86 -29.87 21.10
CA CYS A 88 10.82 -29.33 20.20
C CYS A 88 11.24 -28.05 19.48
N GLY A 89 12.25 -27.36 20.01
CA GLY A 89 12.66 -26.07 19.48
C GLY A 89 12.05 -24.92 20.26
N PHE A 90 12.23 -23.69 19.76
CA PHE A 90 11.73 -22.52 20.47
C PHE A 90 10.29 -22.17 20.06
N GLU A 91 10.00 -22.29 18.76
CA GLU A 91 8.67 -21.95 18.28
C GLU A 91 7.60 -23.00 18.66
N TYR A 92 8.05 -24.18 19.08
CA TYR A 92 7.11 -25.22 19.54
C TYR A 92 6.64 -24.96 20.97
N THR A 93 7.56 -24.60 21.86
CA THR A 93 7.20 -24.20 23.22
C THR A 93 6.93 -22.70 23.25
N SER A 94 6.51 -22.15 22.12
CA SER A 94 6.30 -20.72 22.00
C SER A 94 5.00 -20.31 22.66
N LYS A 95 3.89 -20.69 22.06
CA LYS A 95 2.56 -20.38 22.59
C LYS A 95 2.47 -20.72 24.07
N LEU A 96 3.32 -21.63 24.52
CA LEU A 96 3.30 -22.08 25.91
C LEU A 96 3.98 -21.07 26.83
N GLN A 97 5.04 -20.43 26.35
CA GLN A 97 5.68 -19.37 27.13
C GLN A 97 4.94 -18.04 27.00
N ARG A 98 4.11 -17.92 25.97
CA ARG A 98 3.23 -16.78 25.85
C ARG A 98 2.12 -16.89 26.90
N MET A 99 1.75 -18.11 27.27
CA MET A 99 0.71 -18.33 28.27
C MET A 99 1.23 -18.01 29.67
N PHE A 100 2.43 -18.49 29.97
CA PHE A 100 3.13 -18.16 31.20
C PHE A 100 3.22 -16.65 31.30
N GLN A 101 3.68 -16.05 30.22
CA GLN A 101 3.86 -14.60 30.15
C GLN A 101 2.51 -13.95 30.42
N ASP A 102 1.57 -14.23 29.53
CA ASP A 102 0.22 -13.69 29.66
C ASP A 102 -0.29 -13.78 31.09
N ILE A 103 -0.20 -14.96 31.71
CA ILE A 103 -0.72 -15.11 33.07
C ILE A 103 -0.10 -14.07 34.00
N GLY A 104 1.06 -13.55 33.60
CA GLY A 104 1.71 -12.49 34.34
C GLY A 104 0.96 -11.19 34.15
N VAL A 105 0.68 -10.87 32.89
CA VAL A 105 -0.09 -9.68 32.59
C VAL A 105 -1.42 -9.71 33.32
N SER A 106 -1.91 -10.92 33.52
CA SER A 106 -3.17 -11.10 34.22
C SER A 106 -3.05 -10.63 35.66
N LYS A 107 -2.20 -11.31 36.45
CA LYS A 107 -2.05 -11.00 37.87
C LYS A 107 -1.75 -9.53 38.13
N ASP A 108 -1.06 -8.89 37.19
CA ASP A 108 -0.70 -7.48 37.32
C ASP A 108 -1.89 -6.59 37.01
N LEU A 109 -2.67 -6.98 36.01
CA LEU A 109 -3.89 -6.26 35.66
C LEU A 109 -4.87 -6.37 36.82
N ASN A 110 -4.74 -7.45 37.58
CA ASN A 110 -5.58 -7.68 38.73
C ASN A 110 -5.19 -6.80 39.91
N GLU A 111 -3.88 -6.70 40.16
CA GLU A 111 -3.38 -5.77 41.16
C GLU A 111 -3.92 -4.39 40.83
N GLN A 112 -3.69 -3.97 39.59
CA GLN A 112 -4.15 -2.68 39.09
C GLN A 112 -5.64 -2.44 39.36
N PHE A 113 -6.44 -3.51 39.38
CA PHE A 113 -7.88 -3.36 39.57
C PHE A 113 -8.23 -3.12 41.05
N LYS A 114 -7.49 -3.75 41.95
CA LYS A 114 -7.74 -3.56 43.38
C LYS A 114 -7.40 -2.13 43.87
N LYS A 115 -6.38 -1.51 43.25
CA LYS A 115 -5.96 -0.15 43.59
C LYS A 115 -6.95 0.93 43.13
N HIS A 116 -7.59 0.69 41.99
CA HIS A 116 -8.72 1.52 41.53
C HIS A 116 -9.94 1.21 42.38
N LEU A 117 -10.04 -0.04 42.82
CA LEU A 117 -11.12 -0.49 43.69
C LEU A 117 -11.02 0.22 45.04
N THR A 118 -9.79 0.36 45.53
CA THR A 118 -9.51 1.11 46.75
C THR A 118 -9.50 2.60 46.42
N ASN A 119 -10.66 3.10 45.99
CA ASN A 119 -10.89 4.51 45.81
C ASN A 119 -12.34 4.88 46.09
N SER A 120 -13.15 4.92 45.03
CA SER A 120 -14.53 5.37 45.14
C SER A 120 -15.52 4.21 45.30
N GLU A 121 -15.07 3.01 45.01
CA GLU A 121 -15.99 1.89 44.88
C GLU A 121 -15.85 0.79 45.94
N PRO A 122 -16.98 0.40 46.53
CA PRO A 122 -17.06 -0.81 47.37
C PRO A 122 -17.46 -2.00 46.52
N LEU A 123 -16.73 -3.11 46.60
CA LEU A 123 -17.16 -4.34 45.95
C LEU A 123 -17.74 -5.33 46.96
N ASP A 124 -18.80 -6.01 46.55
CA ASP A 124 -19.62 -6.82 47.46
C ASP A 124 -19.04 -8.22 47.74
N LEU A 125 -18.05 -8.62 46.95
CA LEU A 125 -17.43 -9.93 47.10
C LEU A 125 -15.95 -9.88 46.75
N ASP A 126 -15.19 -10.88 47.21
CA ASP A 126 -13.80 -11.01 46.81
C ASP A 126 -13.74 -11.40 45.35
N PHE A 127 -13.43 -10.45 44.50
CA PHE A 127 -13.48 -10.66 43.06
C PHE A 127 -12.09 -10.60 42.44
N SER A 128 -11.78 -11.60 41.63
CA SER A 128 -10.51 -11.68 40.94
C SER A 128 -10.73 -12.28 39.55
N ILE A 129 -10.37 -11.52 38.51
CA ILE A 129 -10.54 -11.94 37.14
C ILE A 129 -9.17 -12.06 36.51
N GLN A 130 -9.03 -12.97 35.56
CA GLN A 130 -7.75 -13.18 34.91
C GLN A 130 -7.93 -13.11 33.42
N VAL A 131 -7.46 -12.03 32.81
CA VAL A 131 -7.64 -11.80 31.39
C VAL A 131 -6.51 -12.41 30.56
N LEU A 132 -6.87 -13.29 29.63
CA LEU A 132 -5.90 -13.97 28.78
C LEU A 132 -6.09 -13.65 27.30
N SER A 133 -5.02 -13.74 26.52
CA SER A 133 -5.04 -13.33 25.11
C SER A 133 -5.61 -14.38 24.16
N SER A 134 -6.60 -13.98 23.37
CA SER A 134 -7.32 -14.89 22.48
C SER A 134 -6.42 -15.53 21.45
N GLY A 135 -5.13 -15.21 21.48
CA GLY A 135 -4.20 -15.73 20.49
C GLY A 135 -3.23 -16.75 21.04
N SER A 136 -3.53 -17.31 22.20
CA SER A 136 -2.63 -18.26 22.82
C SER A 136 -3.38 -19.43 23.48
N TRP A 137 -4.40 -19.11 24.26
CA TRP A 137 -5.10 -20.10 25.07
C TRP A 137 -6.17 -20.85 24.30
N PRO A 138 -6.06 -22.19 24.25
CA PRO A 138 -7.00 -23.06 23.54
C PRO A 138 -8.31 -23.23 24.29
N PHE A 139 -8.99 -22.13 24.60
CA PHE A 139 -10.29 -22.21 25.26
C PHE A 139 -11.41 -21.87 24.27
N GLN A 140 -12.66 -22.03 24.68
CA GLN A 140 -13.77 -21.77 23.77
C GLN A 140 -14.86 -20.91 24.42
N GLN A 141 -15.86 -20.54 23.63
CA GLN A 141 -16.90 -19.60 24.07
C GLN A 141 -17.83 -20.22 25.09
N SER A 142 -18.30 -19.41 26.03
CA SER A 142 -19.22 -19.90 27.07
C SER A 142 -20.54 -20.35 26.46
N CYS A 143 -21.51 -20.67 27.32
CA CYS A 143 -22.80 -21.17 26.86
C CYS A 143 -23.96 -20.26 27.25
N THR A 144 -23.97 -19.04 26.73
CA THR A 144 -25.09 -18.11 26.90
C THR A 144 -25.64 -18.07 28.32
N PHE A 145 -24.73 -18.10 29.28
CA PHE A 145 -25.02 -18.04 30.70
C PHE A 145 -25.87 -16.80 31.03
N ALA A 146 -26.39 -16.75 32.25
CA ALA A 146 -27.20 -15.61 32.69
C ALA A 146 -26.70 -14.97 33.99
N LEU A 147 -25.63 -14.20 33.88
CA LEU A 147 -25.02 -13.52 35.02
C LEU A 147 -26.01 -13.19 36.13
N PRO A 148 -25.94 -13.93 37.25
CA PRO A 148 -26.76 -13.75 38.45
C PRO A 148 -26.52 -12.37 39.03
N SER A 149 -27.54 -11.81 39.68
CA SER A 149 -27.49 -10.46 40.21
C SER A 149 -26.28 -10.21 41.14
N GLU A 150 -25.86 -11.26 41.83
CA GLU A 150 -24.74 -11.17 42.75
C GLU A 150 -23.44 -10.77 42.03
N LEU A 151 -23.22 -11.37 40.87
CA LEU A 151 -21.99 -11.14 40.11
C LEU A 151 -22.07 -9.97 39.14
N GLU A 152 -23.29 -9.48 38.90
CA GLU A 152 -23.50 -8.37 37.98
C GLU A 152 -22.61 -7.19 38.29
N ARG A 153 -22.64 -6.76 39.54
CA ARG A 153 -21.86 -5.58 39.91
C ARG A 153 -20.37 -5.79 39.62
N SER A 154 -19.88 -6.99 39.87
CA SER A 154 -18.46 -7.25 39.65
C SER A 154 -18.17 -7.19 38.17
N TYR A 155 -19.10 -7.70 37.37
CA TYR A 155 -18.94 -7.71 35.93
C TYR A 155 -18.86 -6.30 35.36
N GLN A 156 -19.95 -5.55 35.47
CA GLN A 156 -19.99 -4.23 34.86
C GLN A 156 -18.88 -3.29 35.31
N ARG A 157 -18.47 -3.36 36.57
CA ARG A 157 -17.41 -2.48 37.03
C ARG A 157 -16.06 -2.76 36.36
N PHE A 158 -15.74 -4.03 36.15
CA PHE A 158 -14.46 -4.37 35.54
C PHE A 158 -14.49 -4.25 34.03
N THR A 159 -15.67 -4.37 33.44
CA THR A 159 -15.74 -4.16 32.01
C THR A 159 -15.43 -2.71 31.73
N ALA A 160 -15.90 -1.84 32.62
CA ALA A 160 -15.67 -0.42 32.44
C ALA A 160 -14.22 -0.10 32.78
N PHE A 161 -13.69 -0.76 33.79
CA PHE A 161 -12.31 -0.55 34.15
C PHE A 161 -11.37 -0.92 33.02
N TYR A 162 -11.72 -1.98 32.30
CA TYR A 162 -10.89 -2.49 31.21
C TYR A 162 -10.95 -1.63 29.96
N ALA A 163 -12.06 -0.96 29.75
CA ALA A 163 -12.18 -0.07 28.62
C ALA A 163 -11.19 1.09 28.80
N SER A 164 -10.78 1.32 30.04
CA SER A 164 -9.84 2.38 30.37
C SER A 164 -8.54 2.35 29.56
N ARG A 165 -7.71 1.33 29.75
CA ARG A 165 -6.37 1.35 29.17
C ARG A 165 -6.30 1.06 27.67
N HIS A 166 -7.37 0.49 27.11
CA HIS A 166 -7.34 0.10 25.69
C HIS A 166 -8.64 0.38 24.93
N SER A 167 -8.53 1.00 23.75
CA SER A 167 -9.71 1.34 22.96
C SER A 167 -10.12 0.21 22.01
N GLY A 168 -9.13 -0.52 21.51
CA GLY A 168 -9.39 -1.53 20.51
C GLY A 168 -10.06 -2.78 21.04
N ARG A 169 -9.91 -3.02 22.34
CA ARG A 169 -10.14 -4.35 22.89
C ARG A 169 -11.59 -4.63 23.27
N LYS A 170 -11.96 -5.89 23.15
CA LYS A 170 -13.25 -6.41 23.55
C LYS A 170 -12.93 -7.54 24.50
N LEU A 171 -13.76 -7.75 25.51
CA LEU A 171 -13.51 -8.82 26.45
C LEU A 171 -14.54 -9.91 26.26
N THR A 172 -14.09 -11.15 26.38
CA THR A 172 -14.98 -12.30 26.22
C THR A 172 -14.95 -13.18 27.46
N TRP A 173 -16.03 -13.12 28.22
CA TRP A 173 -16.11 -13.86 29.47
C TRP A 173 -16.39 -15.33 29.28
N LEU A 174 -15.61 -16.15 29.96
CA LEU A 174 -15.73 -17.59 29.82
C LEU A 174 -16.24 -18.18 31.10
N TYR A 175 -17.56 -18.30 31.18
CA TYR A 175 -18.22 -18.69 32.40
C TYR A 175 -18.05 -20.15 32.72
N GLN A 176 -17.47 -20.92 31.82
CA GLN A 176 -17.27 -22.32 32.12
C GLN A 176 -15.90 -22.61 32.73
N LEU A 177 -15.10 -21.56 32.88
CA LEU A 177 -13.82 -21.69 33.58
C LEU A 177 -13.81 -20.79 34.80
N SER A 178 -14.94 -20.14 35.04
CA SER A 178 -15.10 -19.33 36.23
C SER A 178 -15.59 -20.18 37.39
N LYS A 179 -14.90 -20.07 38.52
CA LYS A 179 -15.27 -20.75 39.74
C LYS A 179 -15.46 -19.69 40.82
N GLY A 180 -16.24 -20.01 41.83
CA GLY A 180 -16.43 -19.12 42.96
C GLY A 180 -16.46 -19.87 44.29
N GLU A 181 -16.88 -19.17 45.33
CA GLU A 181 -17.06 -19.77 46.65
C GLU A 181 -18.31 -19.20 47.32
N LEU A 182 -19.30 -20.07 47.54
CA LEU A 182 -20.56 -19.70 48.20
C LEU A 182 -20.54 -19.97 49.71
N VAL A 183 -21.41 -19.26 50.44
CA VAL A 183 -21.54 -19.44 51.88
C VAL A 183 -22.99 -19.78 52.23
N THR A 184 -23.20 -20.85 53.00
CA THR A 184 -24.55 -21.32 53.32
C THR A 184 -25.08 -20.74 54.63
N ASN A 185 -26.20 -20.04 54.53
CA ASN A 185 -26.89 -19.53 55.71
C ASN A 185 -28.18 -20.29 55.90
N CYS A 186 -28.26 -21.52 55.40
CA CYS A 186 -29.56 -22.20 55.34
C CYS A 186 -29.56 -23.64 55.83
N PHE A 187 -28.38 -24.22 55.99
CA PHE A 187 -28.28 -25.61 56.42
C PHE A 187 -28.13 -25.70 57.92
N LYS A 188 -27.97 -26.92 58.42
CA LYS A 188 -27.73 -27.10 59.84
C LYS A 188 -26.40 -26.42 60.18
N ASN A 189 -25.43 -26.53 59.28
CA ASN A 189 -24.11 -25.94 59.51
C ASN A 189 -23.73 -24.75 58.60
N ARG A 190 -22.48 -24.34 58.74
CA ARG A 190 -21.92 -23.26 57.94
C ARG A 190 -20.85 -23.85 57.03
N TYR A 191 -21.26 -24.23 55.83
CA TYR A 191 -20.33 -24.76 54.84
C TYR A 191 -19.94 -23.66 53.83
N THR A 192 -18.66 -23.68 53.40
CA THR A 192 -18.22 -22.86 52.27
C THR A 192 -18.03 -23.77 51.05
N LEU A 193 -18.88 -23.56 50.04
CA LEU A 193 -18.90 -24.39 48.84
C LEU A 193 -18.04 -23.81 47.74
N GLN A 194 -16.93 -24.47 47.45
CA GLN A 194 -16.14 -24.11 46.29
C GLN A 194 -16.81 -24.68 45.05
N ALA A 195 -17.75 -23.93 44.48
CA ALA A 195 -18.50 -24.37 43.31
C ALA A 195 -18.15 -23.57 42.06
N SER A 196 -18.52 -24.11 40.90
CA SER A 196 -18.30 -23.42 39.63
C SER A 196 -19.28 -22.28 39.49
N THR A 197 -19.11 -21.49 38.44
CA THR A 197 -20.02 -20.40 38.17
C THR A 197 -21.40 -20.99 37.87
N PHE A 198 -21.46 -21.93 36.94
CA PHE A 198 -22.75 -22.51 36.60
C PHE A 198 -23.50 -23.00 37.83
N GLN A 199 -22.77 -23.63 38.75
CA GLN A 199 -23.37 -24.15 39.97
C GLN A 199 -23.85 -23.02 40.88
N MET A 200 -22.95 -22.10 41.21
CA MET A 200 -23.31 -20.91 41.98
C MET A 200 -24.62 -20.27 41.54
N ALA A 201 -24.98 -20.41 40.27
CA ALA A 201 -26.13 -19.69 39.72
C ALA A 201 -27.41 -20.46 39.93
N ILE A 202 -27.25 -21.77 40.05
CA ILE A 202 -28.38 -22.63 40.28
C ILE A 202 -28.72 -22.60 41.75
N LEU A 203 -27.69 -22.65 42.58
CA LEU A 203 -27.90 -22.56 44.02
C LEU A 203 -28.56 -21.23 44.41
N LEU A 204 -28.03 -20.13 43.88
CA LEU A 204 -28.52 -18.81 44.25
C LEU A 204 -30.00 -18.70 43.89
N GLN A 205 -30.44 -19.54 42.97
CA GLN A 205 -31.86 -19.59 42.61
C GLN A 205 -32.70 -20.08 43.79
N TYR A 206 -32.08 -20.93 44.62
CA TYR A 206 -32.74 -21.46 45.80
C TYR A 206 -32.60 -20.51 46.97
N ASN A 207 -32.93 -19.24 46.72
CA ASN A 207 -33.02 -18.20 47.74
C ASN A 207 -34.45 -17.67 47.80
N THR A 208 -35.12 -17.66 46.63
CA THR A 208 -36.47 -17.14 46.50
C THR A 208 -37.54 -18.24 46.56
N GLU A 209 -37.27 -19.36 45.90
CA GLU A 209 -38.11 -20.54 46.05
C GLU A 209 -37.20 -21.73 46.33
N ASP A 210 -37.77 -22.88 46.65
CA ASP A 210 -36.96 -24.06 46.99
C ASP A 210 -37.40 -25.26 46.19
N ALA A 211 -38.16 -24.99 45.14
CA ALA A 211 -38.54 -25.99 44.16
C ALA A 211 -38.57 -25.35 42.77
N TYR A 212 -37.71 -25.85 41.90
CA TYR A 212 -37.71 -25.46 40.50
C TYR A 212 -37.66 -26.72 39.67
N THR A 213 -38.29 -26.68 38.51
CA THR A 213 -38.20 -27.79 37.58
C THR A 213 -37.04 -27.54 36.63
N VAL A 214 -36.62 -28.58 35.90
CA VAL A 214 -35.48 -28.46 34.99
C VAL A 214 -35.72 -27.38 33.93
N GLN A 215 -37.00 -27.13 33.61
CA GLN A 215 -37.40 -26.09 32.65
C GLN A 215 -37.24 -24.70 33.25
N GLN A 216 -37.86 -24.49 34.40
CA GLN A 216 -37.77 -23.23 35.12
C GLN A 216 -36.33 -22.71 35.25
N LEU A 217 -35.39 -23.64 35.39
CA LEU A 217 -34.00 -23.26 35.62
C LEU A 217 -33.30 -22.81 34.35
N THR A 218 -33.52 -23.52 33.25
CA THR A 218 -32.92 -23.12 31.96
C THR A 218 -33.34 -21.69 31.64
N ASP A 219 -34.48 -21.29 32.18
CA ASP A 219 -35.08 -19.99 31.89
C ASP A 219 -34.47 -18.87 32.74
N SER A 220 -33.99 -19.22 33.93
CA SER A 220 -33.47 -18.22 34.86
C SER A 220 -31.95 -18.16 34.88
N THR A 221 -31.32 -19.15 34.25
CA THR A 221 -29.86 -19.20 34.18
C THR A 221 -29.42 -19.24 32.71
N GLN A 222 -30.37 -19.57 31.83
CA GLN A 222 -30.15 -19.54 30.40
C GLN A 222 -29.07 -20.52 29.98
N ILE A 223 -28.89 -21.57 30.76
CA ILE A 223 -27.88 -22.55 30.42
C ILE A 223 -28.49 -23.65 29.57
N LYS A 224 -27.95 -23.82 28.37
CA LYS A 224 -28.31 -24.93 27.51
C LYS A 224 -28.62 -26.16 28.35
N MET A 225 -29.82 -26.72 28.22
CA MET A 225 -30.17 -27.92 28.95
C MET A 225 -29.15 -29.06 28.79
N ASP A 226 -28.46 -29.13 27.67
CA ASP A 226 -27.47 -30.20 27.53
C ASP A 226 -26.41 -30.02 28.63
N ILE A 227 -26.07 -28.76 28.88
CA ILE A 227 -25.13 -28.38 29.94
C ILE A 227 -25.81 -28.41 31.31
N LEU A 228 -27.02 -27.88 31.39
CA LEU A 228 -27.74 -27.84 32.66
C LEU A 228 -27.96 -29.22 33.23
N ALA A 229 -28.34 -30.16 32.38
CA ALA A 229 -28.51 -31.52 32.87
C ALA A 229 -27.22 -32.05 33.46
N GLN A 230 -26.10 -31.88 32.76
CA GLN A 230 -24.85 -32.46 33.24
C GLN A 230 -24.36 -31.83 34.54
N VAL A 231 -24.68 -30.55 34.71
CA VAL A 231 -24.29 -29.82 35.91
C VAL A 231 -25.17 -30.26 37.09
N LEU A 232 -26.46 -30.34 36.84
CA LEU A 232 -27.39 -30.89 37.81
C LEU A 232 -26.91 -32.26 38.22
N GLN A 233 -26.65 -33.11 37.23
CA GLN A 233 -26.13 -34.44 37.50
C GLN A 233 -24.91 -34.40 38.43
N ILE A 234 -24.31 -33.23 38.60
CA ILE A 234 -23.26 -33.07 39.61
C ILE A 234 -23.83 -32.60 40.94
N LEU A 235 -24.77 -31.67 40.88
CA LEU A 235 -25.37 -31.08 42.08
C LEU A 235 -26.22 -32.08 42.85
N LEU A 236 -26.70 -33.11 42.16
CA LEU A 236 -27.49 -34.16 42.78
C LEU A 236 -26.61 -35.12 43.54
N LYS A 237 -25.53 -35.59 42.91
CA LYS A 237 -24.61 -36.52 43.56
C LYS A 237 -24.17 -35.96 44.90
N SER A 238 -23.79 -34.69 44.94
CA SER A 238 -23.59 -34.03 46.22
C SER A 238 -24.98 -33.84 46.81
N LYS A 239 -25.10 -33.92 48.14
CA LYS A 239 -26.42 -33.90 48.76
C LYS A 239 -27.10 -32.51 48.85
N LEU A 240 -26.60 -31.56 48.07
CA LEU A 240 -27.14 -30.19 48.06
C LEU A 240 -28.55 -30.12 47.47
N LEU A 241 -28.78 -30.88 46.41
CA LEU A 241 -30.08 -30.90 45.76
C LEU A 241 -30.53 -32.32 45.63
N VAL A 242 -31.85 -32.52 45.68
CA VAL A 242 -32.42 -33.85 45.64
C VAL A 242 -33.64 -33.90 44.76
N LEU A 243 -33.92 -35.09 44.22
CA LEU A 243 -35.07 -35.28 43.37
C LEU A 243 -36.32 -35.45 44.21
N GLU A 244 -37.46 -35.78 43.58
CA GLU A 244 -38.66 -36.13 44.33
C GLU A 244 -38.45 -37.51 44.96
N ASP A 245 -38.08 -38.47 44.12
CA ASP A 245 -37.75 -39.83 44.51
C ASP A 245 -36.31 -39.89 45.05
N GLU A 246 -36.15 -39.94 46.38
CA GLU A 246 -34.82 -39.98 46.99
C GLU A 246 -34.17 -41.36 46.87
N ASN A 247 -34.64 -42.15 45.93
CA ASN A 247 -34.08 -43.47 45.67
C ASN A 247 -33.69 -43.62 44.20
N ALA A 248 -33.69 -42.51 43.47
CA ALA A 248 -33.33 -42.54 42.06
C ALA A 248 -31.81 -42.54 41.85
N ASN A 249 -31.35 -43.43 40.97
CA ASN A 249 -29.95 -43.45 40.59
C ASN A 249 -29.64 -42.27 39.69
N VAL A 250 -29.11 -41.21 40.29
CA VAL A 250 -28.84 -39.97 39.56
C VAL A 250 -28.19 -40.20 38.20
N ASP A 251 -27.25 -41.13 38.16
CA ASP A 251 -26.56 -41.50 36.93
C ASP A 251 -27.53 -41.93 35.82
N GLU A 252 -28.33 -42.95 36.09
CA GLU A 252 -29.15 -43.58 35.06
C GLU A 252 -30.51 -42.94 34.81
N VAL A 253 -30.84 -41.91 35.59
CA VAL A 253 -32.10 -41.22 35.43
C VAL A 253 -31.96 -40.05 34.47
N GLU A 254 -32.94 -39.87 33.59
CA GLU A 254 -32.92 -38.77 32.63
C GLU A 254 -33.79 -37.59 33.11
N LEU A 255 -33.15 -36.50 33.49
CA LEU A 255 -33.86 -35.33 33.99
C LEU A 255 -34.74 -34.75 32.90
N LYS A 256 -36.05 -34.84 33.07
CA LYS A 256 -36.98 -34.27 32.08
C LYS A 256 -37.26 -32.81 32.37
N PRO A 257 -37.55 -32.03 31.32
CA PRO A 257 -37.84 -30.59 31.45
C PRO A 257 -38.83 -30.27 32.57
N ASP A 258 -39.60 -31.26 32.99
CA ASP A 258 -40.65 -31.06 33.99
C ASP A 258 -40.34 -31.70 35.35
N THR A 259 -39.21 -32.39 35.45
CA THR A 259 -38.82 -33.05 36.69
C THR A 259 -38.32 -32.05 37.73
N LEU A 260 -38.85 -32.14 38.94
CA LEU A 260 -38.56 -31.16 39.98
C LEU A 260 -37.13 -31.32 40.49
N ILE A 261 -36.58 -30.26 41.06
CA ILE A 261 -35.32 -30.32 41.75
C ILE A 261 -35.53 -29.62 43.09
N LYS A 262 -35.34 -30.35 44.18
CA LYS A 262 -35.54 -29.77 45.50
C LYS A 262 -34.22 -29.47 46.21
N LEU A 263 -34.25 -28.49 47.10
CA LEU A 263 -33.11 -28.11 47.92
C LEU A 263 -33.10 -28.95 49.20
N TYR A 264 -32.03 -29.72 49.42
CA TYR A 264 -32.00 -30.66 50.55
C TYR A 264 -31.54 -30.00 51.85
N LEU A 265 -32.49 -29.39 52.56
CA LEU A 265 -32.18 -28.55 53.73
C LEU A 265 -31.42 -29.28 54.84
N GLY A 266 -31.56 -30.59 54.88
CA GLY A 266 -30.84 -31.39 55.86
C GLY A 266 -29.42 -31.71 55.44
N TYR A 267 -28.84 -30.84 54.61
CA TYR A 267 -27.50 -31.10 54.11
C TYR A 267 -26.51 -31.21 55.26
N LYS A 268 -25.55 -32.13 55.10
CA LYS A 268 -24.51 -32.34 56.08
C LYS A 268 -23.25 -32.84 55.39
N ASN A 269 -22.10 -32.48 55.94
CA ASN A 269 -20.82 -32.97 55.44
C ASN A 269 -19.71 -32.87 56.49
N LYS A 270 -18.78 -33.81 56.44
CA LYS A 270 -17.66 -33.85 57.38
C LYS A 270 -16.82 -32.56 57.40
N LYS A 271 -16.49 -32.03 56.23
CA LYS A 271 -15.71 -30.78 56.12
C LYS A 271 -16.58 -29.53 56.04
N LEU A 272 -16.03 -28.40 56.49
CA LEU A 272 -16.75 -27.11 56.42
C LEU A 272 -16.48 -26.40 55.09
N ARG A 273 -15.52 -26.92 54.32
CA ARG A 273 -15.18 -26.34 53.02
C ARG A 273 -15.28 -27.41 51.93
N VAL A 274 -16.50 -27.58 51.42
CA VAL A 274 -16.79 -28.63 50.44
C VAL A 274 -16.47 -28.20 49.03
N ASN A 275 -15.76 -29.06 48.32
CA ASN A 275 -15.48 -28.85 46.93
C ASN A 275 -16.46 -29.66 46.11
N ILE A 276 -17.40 -28.97 45.46
CA ILE A 276 -18.37 -29.60 44.59
C ILE A 276 -18.05 -29.32 43.13
N ASN A 277 -16.95 -28.61 42.89
CA ASN A 277 -16.53 -28.24 41.52
C ASN A 277 -15.77 -29.36 40.83
N VAL A 278 -16.47 -30.43 40.44
CA VAL A 278 -15.82 -31.59 39.83
C VAL A 278 -16.02 -31.66 38.33
N PRO A 279 -15.24 -32.51 37.65
CA PRO A 279 -15.51 -32.74 36.23
C PRO A 279 -16.90 -33.31 36.05
N MET A 280 -17.46 -33.23 34.83
CA MET A 280 -18.74 -33.86 34.52
C MET A 280 -18.47 -35.15 33.77
N LYS A 281 -19.34 -36.16 33.91
CA LYS A 281 -19.04 -37.46 33.31
C LYS A 281 -18.61 -37.35 31.85
N THR A 282 -19.42 -36.66 31.05
CA THR A 282 -19.13 -36.50 29.64
C THR A 282 -18.28 -35.25 29.37
N GLU A 283 -17.41 -34.90 30.30
CA GLU A 283 -16.54 -33.72 30.15
C GLU A 283 -15.25 -34.13 29.46
N GLN A 284 -14.52 -35.02 30.11
CA GLN A 284 -13.27 -35.52 29.56
C GLN A 284 -13.45 -35.95 28.11
N LYS A 285 -14.55 -36.61 27.80
CA LYS A 285 -14.71 -37.14 26.45
C LYS A 285 -14.90 -36.03 25.44
N GLN A 286 -15.73 -35.06 25.79
CA GLN A 286 -16.08 -34.01 24.85
C GLN A 286 -14.97 -32.96 24.76
N GLU A 287 -14.09 -32.93 25.77
CA GLU A 287 -12.86 -32.14 25.69
C GLU A 287 -11.86 -32.87 24.82
N GLN A 288 -11.76 -34.18 25.01
CA GLN A 288 -10.90 -35.00 24.16
C GLN A 288 -11.29 -34.86 22.69
N GLU A 289 -12.59 -34.80 22.44
CA GLU A 289 -13.10 -34.67 21.09
C GLU A 289 -12.87 -33.29 20.49
N THR A 290 -12.95 -32.25 21.31
CA THR A 290 -12.72 -30.91 20.78
C THR A 290 -11.23 -30.69 20.51
N THR A 291 -10.35 -31.23 21.36
CA THR A 291 -8.91 -31.07 21.14
C THR A 291 -8.46 -31.68 19.82
N HIS A 292 -9.05 -32.80 19.44
CA HIS A 292 -8.64 -33.43 18.19
C HIS A 292 -9.04 -32.60 16.98
N LYS A 293 -10.22 -32.02 17.01
CA LYS A 293 -10.64 -31.07 15.98
C LYS A 293 -9.63 -29.93 15.92
N ASN A 294 -9.20 -29.48 17.09
CA ASN A 294 -8.22 -28.42 17.19
C ASN A 294 -6.87 -28.80 16.59
N ILE A 295 -6.54 -30.09 16.65
CA ILE A 295 -5.29 -30.56 16.07
C ILE A 295 -5.39 -30.64 14.56
N GLU A 296 -6.53 -31.10 14.06
CA GLU A 296 -6.71 -31.20 12.62
C GLU A 296 -6.57 -29.82 11.98
N GLU A 297 -7.21 -28.81 12.58
CA GLU A 297 -7.20 -27.45 12.03
C GLU A 297 -5.82 -26.82 12.04
N ASP A 298 -5.08 -26.99 13.14
CA ASP A 298 -3.72 -26.50 13.19
C ASP A 298 -2.94 -27.13 12.04
N ARG A 299 -3.31 -28.37 11.71
CA ARG A 299 -2.65 -29.10 10.64
C ARG A 299 -2.99 -28.51 9.28
N LYS A 300 -4.23 -28.11 9.10
CA LYS A 300 -4.65 -27.54 7.82
C LYS A 300 -3.96 -26.21 7.58
N LEU A 301 -3.77 -25.46 8.65
CA LEU A 301 -3.02 -24.20 8.58
C LEU A 301 -1.59 -24.46 8.20
N LEU A 302 -0.99 -25.49 8.80
CA LEU A 302 0.39 -25.85 8.50
C LEU A 302 0.50 -26.16 7.03
N ILE A 303 -0.53 -26.80 6.50
CA ILE A 303 -0.53 -27.12 5.08
C ILE A 303 -0.50 -25.82 4.28
N GLN A 304 -1.42 -24.91 4.58
CA GLN A 304 -1.44 -23.64 3.87
C GLN A 304 -0.09 -22.95 3.97
N ALA A 305 0.44 -22.88 5.18
CA ALA A 305 1.71 -22.21 5.40
C ALA A 305 2.78 -22.87 4.56
N ALA A 306 2.68 -24.18 4.38
CA ALA A 306 3.64 -24.90 3.56
C ALA A 306 3.44 -24.51 2.11
N ILE A 307 2.22 -24.72 1.62
CA ILE A 307 1.91 -24.40 0.25
C ILE A 307 2.35 -23.00 -0.06
N VAL A 308 2.13 -22.10 0.89
CA VAL A 308 2.48 -20.70 0.68
C VAL A 308 3.98 -20.50 0.51
N ARG A 309 4.78 -21.14 1.36
CA ARG A 309 6.24 -21.02 1.29
C ARG A 309 6.76 -21.60 0.00
N ILE A 310 6.30 -22.80 -0.31
CA ILE A 310 6.75 -23.50 -1.51
C ILE A 310 6.39 -22.77 -2.79
N MET A 311 5.23 -22.14 -2.83
CA MET A 311 4.83 -21.40 -4.03
C MET A 311 5.49 -20.05 -4.12
N LYS A 312 5.77 -19.47 -2.96
CA LYS A 312 6.34 -18.14 -2.91
C LYS A 312 7.73 -18.21 -3.51
N MET A 313 8.34 -19.38 -3.29
CA MET A 313 9.71 -19.64 -3.71
C MET A 313 9.76 -19.87 -5.23
N ARG A 314 9.53 -21.11 -5.66
CA ARG A 314 9.47 -21.41 -7.08
C ARG A 314 8.22 -20.84 -7.69
N LYS A 315 8.31 -19.63 -8.24
CA LYS A 315 7.13 -18.91 -8.75
C LYS A 315 5.99 -19.75 -9.38
N VAL A 316 6.32 -20.92 -9.93
CA VAL A 316 5.33 -21.81 -10.56
C VAL A 316 5.63 -23.28 -10.25
N LEU A 317 4.60 -24.14 -10.30
CA LEU A 317 4.78 -25.57 -10.02
C LEU A 317 3.57 -26.42 -10.44
N LYS A 318 3.81 -27.69 -10.74
CA LYS A 318 2.73 -28.59 -11.15
C LYS A 318 2.04 -29.16 -9.92
N HIS A 319 0.75 -29.47 -10.04
CA HIS A 319 0.01 -30.03 -8.92
C HIS A 319 0.87 -31.10 -8.23
N GLN A 320 0.98 -32.27 -8.85
CA GLN A 320 1.70 -33.40 -8.25
C GLN A 320 3.01 -32.96 -7.61
N GLN A 321 3.75 -32.07 -8.27
CA GLN A 321 5.06 -31.64 -7.82
C GLN A 321 4.97 -30.91 -6.49
N LEU A 322 4.08 -29.93 -6.45
CA LEU A 322 3.80 -29.19 -5.24
C LEU A 322 3.44 -30.15 -4.11
N LEU A 323 2.59 -31.13 -4.44
CA LEU A 323 2.15 -32.16 -3.51
C LEU A 323 3.30 -32.83 -2.76
N GLY A 324 4.29 -33.29 -3.51
CA GLY A 324 5.45 -33.94 -2.94
C GLY A 324 6.18 -32.99 -2.03
N GLU A 325 6.42 -31.78 -2.53
CA GLU A 325 7.15 -30.76 -1.77
C GLU A 325 6.58 -30.61 -0.37
N VAL A 326 5.25 -30.57 -0.29
CA VAL A 326 4.55 -30.42 0.95
C VAL A 326 4.78 -31.62 1.85
N LEU A 327 4.52 -32.80 1.31
CA LEU A 327 4.73 -34.04 2.04
C LEU A 327 6.10 -34.09 2.70
N THR A 328 7.14 -33.72 1.95
CA THR A 328 8.51 -33.75 2.47
C THR A 328 8.61 -32.86 3.70
N GLN A 329 8.24 -31.61 3.53
CA GLN A 329 8.40 -30.60 4.57
C GLN A 329 7.61 -30.88 5.84
N LEU A 330 6.47 -31.54 5.71
CA LEU A 330 5.63 -31.82 6.86
C LEU A 330 5.83 -33.20 7.41
N SER A 331 6.64 -34.00 6.72
CA SER A 331 6.87 -35.37 7.15
C SER A 331 7.42 -35.40 8.57
N SER A 332 8.29 -34.45 8.89
CA SER A 332 8.84 -34.34 10.23
C SER A 332 7.75 -34.31 11.31
N ARG A 333 6.65 -33.61 11.03
CA ARG A 333 5.63 -33.37 12.05
C ARG A 333 4.45 -34.35 12.01
N PHE A 334 4.10 -34.81 10.80
CA PHE A 334 2.95 -35.69 10.61
C PHE A 334 2.74 -36.06 9.13
N LYS A 335 1.75 -36.93 8.88
CA LYS A 335 1.50 -37.42 7.52
C LYS A 335 0.22 -36.84 6.89
N PRO A 336 0.37 -35.81 6.04
CA PRO A 336 -0.72 -35.11 5.33
C PRO A 336 -1.49 -36.00 4.35
N ARG A 337 -2.80 -36.14 4.53
CA ARG A 337 -3.62 -36.87 3.56
C ARG A 337 -3.71 -36.05 2.27
N VAL A 338 -3.64 -36.72 1.13
CA VAL A 338 -3.53 -36.01 -0.15
C VAL A 338 -4.74 -35.17 -0.54
N PRO A 339 -5.95 -35.68 -0.29
CA PRO A 339 -7.18 -34.92 -0.58
C PRO A 339 -7.28 -33.67 0.28
N VAL A 340 -6.71 -33.70 1.47
CA VAL A 340 -6.74 -32.51 2.32
C VAL A 340 -5.82 -31.43 1.79
N ILE A 341 -4.63 -31.81 1.33
CA ILE A 341 -3.70 -30.83 0.77
C ILE A 341 -4.32 -30.22 -0.47
N LYS A 342 -5.08 -31.02 -1.20
CA LYS A 342 -5.80 -30.55 -2.37
C LYS A 342 -6.83 -29.52 -1.92
N LYS A 343 -7.54 -29.84 -0.85
CA LYS A 343 -8.52 -28.94 -0.27
C LYS A 343 -7.87 -27.61 0.13
N CYS A 344 -6.64 -27.69 0.64
CA CYS A 344 -5.94 -26.47 1.04
C CYS A 344 -5.60 -25.62 -0.17
N ILE A 345 -5.27 -26.26 -1.29
CA ILE A 345 -4.92 -25.54 -2.49
C ILE A 345 -6.11 -24.76 -3.03
N ASP A 346 -7.26 -25.42 -3.13
CA ASP A 346 -8.47 -24.77 -3.60
C ASP A 346 -8.76 -23.53 -2.77
N ILE A 347 -8.74 -23.69 -1.46
CA ILE A 347 -8.97 -22.59 -0.53
C ILE A 347 -8.04 -21.42 -0.78
N LEU A 348 -6.78 -21.69 -1.09
CA LEU A 348 -5.83 -20.62 -1.39
C LEU A 348 -6.18 -19.94 -2.69
N ILE A 349 -6.68 -20.72 -3.65
CA ILE A 349 -7.09 -20.15 -4.93
C ILE A 349 -8.27 -19.21 -4.76
N GLU A 350 -9.13 -19.52 -3.81
CA GLU A 350 -10.32 -18.72 -3.56
C GLU A 350 -9.98 -17.48 -2.74
N LYS A 351 -8.82 -17.54 -2.08
CA LYS A 351 -8.32 -16.44 -1.28
C LYS A 351 -7.34 -15.63 -2.11
N GLU A 352 -7.24 -15.96 -3.39
CA GLU A 352 -6.45 -15.18 -4.33
C GLU A 352 -4.97 -15.13 -4.00
N TYR A 353 -4.47 -16.21 -3.40
CA TYR A 353 -3.05 -16.32 -3.11
C TYR A 353 -2.34 -17.13 -4.18
N LEU A 354 -3.10 -17.96 -4.89
CA LEU A 354 -2.58 -18.56 -6.10
C LEU A 354 -3.65 -18.84 -7.14
N GLU A 355 -3.25 -18.84 -8.41
CA GLU A 355 -4.19 -19.01 -9.50
C GLU A 355 -3.85 -20.25 -10.31
N ARG A 356 -4.75 -20.59 -11.23
CA ARG A 356 -4.50 -21.62 -12.23
C ARG A 356 -4.01 -20.94 -13.49
N VAL A 357 -2.89 -21.42 -14.01
CA VAL A 357 -2.28 -20.85 -15.21
C VAL A 357 -3.00 -21.30 -16.49
N ASP A 358 -3.69 -20.36 -17.14
CA ASP A 358 -4.41 -20.69 -18.38
C ASP A 358 -3.47 -21.12 -19.52
N GLY A 359 -3.73 -22.29 -20.08
CA GLY A 359 -2.82 -22.88 -21.05
C GLY A 359 -2.04 -24.03 -20.41
N GLU A 360 -2.46 -24.39 -19.20
CA GLU A 360 -1.91 -25.55 -18.49
C GLU A 360 -3.08 -26.28 -17.81
N LYS A 361 -2.86 -27.54 -17.44
CA LYS A 361 -3.94 -28.30 -16.81
C LYS A 361 -3.90 -28.16 -15.30
N ASP A 362 -2.90 -28.79 -14.69
CA ASP A 362 -2.73 -28.74 -13.25
C ASP A 362 -1.48 -27.98 -12.89
N THR A 363 -1.36 -26.77 -13.41
CA THR A 363 -0.23 -25.94 -13.07
C THR A 363 -0.71 -24.72 -12.30
N TYR A 364 -0.05 -24.45 -11.17
CA TYR A 364 -0.37 -23.30 -10.32
C TYR A 364 0.75 -22.26 -10.34
N SER A 365 0.47 -21.09 -9.79
CA SER A 365 1.40 -19.98 -9.81
C SER A 365 1.09 -18.92 -8.75
N TYR A 366 1.99 -18.74 -7.79
CA TYR A 366 1.77 -17.80 -6.70
C TYR A 366 1.41 -16.40 -7.21
N LEU A 367 0.67 -15.65 -6.41
CA LEU A 367 0.21 -14.32 -6.80
C LEU A 367 0.87 -13.25 -5.92
N ALA A 368 1.92 -12.63 -6.45
CA ALA A 368 2.72 -11.63 -5.75
C ALA A 368 1.90 -10.41 -5.38
N ARG B 19 -30.97 -19.39 51.62
CA ARG B 19 -30.12 -18.25 51.30
C ARG B 19 -28.64 -18.62 51.09
N PHE B 20 -28.15 -18.33 49.90
CA PHE B 20 -26.74 -18.48 49.56
C PHE B 20 -26.11 -17.11 49.35
N GLU B 21 -24.89 -16.94 49.86
CA GLU B 21 -24.17 -15.68 49.68
C GLU B 21 -22.83 -15.89 48.96
N VAL B 22 -22.42 -14.90 48.18
CA VAL B 22 -21.21 -15.03 47.37
C VAL B 22 -19.99 -14.34 47.99
N LYS B 23 -18.97 -15.14 48.29
CA LYS B 23 -17.76 -14.65 48.91
C LYS B 23 -16.63 -14.40 47.90
N LYS B 24 -16.33 -15.40 47.08
CA LYS B 24 -15.27 -15.29 46.06
C LYS B 24 -15.74 -15.67 44.65
N TRP B 25 -15.08 -15.10 43.65
CA TRP B 25 -15.36 -15.39 42.25
C TRP B 25 -14.09 -15.13 41.45
N ASN B 26 -13.62 -16.17 40.76
CA ASN B 26 -12.44 -16.03 39.92
C ASN B 26 -12.78 -16.16 38.44
N ALA B 27 -12.94 -15.01 37.78
CA ALA B 27 -13.35 -14.97 36.39
C ALA B 27 -12.19 -15.24 35.44
N VAL B 28 -12.53 -15.53 34.20
CA VAL B 28 -11.56 -15.83 33.18
C VAL B 28 -12.15 -15.29 31.88
N ALA B 29 -11.47 -14.35 31.24
CA ALA B 29 -11.96 -13.79 29.99
C ALA B 29 -10.86 -13.72 28.94
N LEU B 30 -11.24 -13.84 27.68
CA LEU B 30 -10.31 -13.70 26.56
C LEU B 30 -10.43 -12.32 25.95
N TRP B 31 -9.30 -11.65 25.80
CA TRP B 31 -9.29 -10.37 25.12
C TRP B 31 -8.84 -10.54 23.68
N ALA B 32 -9.41 -9.70 22.81
CA ALA B 32 -9.07 -9.69 21.39
C ALA B 32 -9.65 -8.41 20.80
N TRP B 33 -9.05 -7.94 19.72
CA TRP B 33 -9.52 -6.71 19.10
C TRP B 33 -10.99 -6.84 18.71
N ASP B 34 -11.75 -5.77 18.90
CA ASP B 34 -13.16 -5.75 18.56
C ASP B 34 -13.30 -5.18 17.17
N ILE B 35 -13.83 -5.99 16.26
CA ILE B 35 -14.08 -5.49 14.92
C ILE B 35 -15.57 -5.37 14.72
N VAL B 36 -16.05 -4.15 14.79
CA VAL B 36 -17.45 -3.88 14.55
C VAL B 36 -17.71 -4.06 13.06
N VAL B 37 -18.57 -5.01 12.74
CA VAL B 37 -18.89 -5.30 11.36
C VAL B 37 -20.37 -5.47 11.19
N ASP B 38 -21.05 -4.42 10.78
CA ASP B 38 -22.46 -4.54 10.49
C ASP B 38 -22.77 -4.38 9.00
N ASN B 39 -21.91 -4.93 8.15
CA ASN B 39 -22.14 -4.95 6.70
C ASN B 39 -22.16 -6.37 6.10
N CYS B 40 -22.79 -6.55 4.94
CA CYS B 40 -22.60 -7.81 4.23
C CYS B 40 -21.23 -7.86 3.54
N ALA B 41 -20.38 -8.74 4.04
CA ALA B 41 -19.02 -8.86 3.54
C ALA B 41 -18.92 -8.89 2.02
N ILE B 42 -19.96 -9.33 1.34
CA ILE B 42 -19.87 -9.57 -0.11
C ILE B 42 -20.22 -8.35 -0.95
N CYS B 43 -21.29 -7.66 -0.58
CA CYS B 43 -21.76 -6.53 -1.35
C CYS B 43 -21.39 -5.21 -0.67
N ARG B 44 -21.02 -5.32 0.60
CA ARG B 44 -20.42 -4.22 1.36
C ARG B 44 -21.40 -3.20 1.91
N ASN B 45 -22.70 -3.44 1.80
CA ASN B 45 -23.62 -2.54 2.47
C ASN B 45 -24.38 -3.23 3.57
N HIS B 46 -25.05 -2.44 4.41
CA HIS B 46 -25.56 -2.87 5.71
C HIS B 46 -26.37 -4.14 5.59
N ILE B 47 -26.33 -4.98 6.62
CA ILE B 47 -27.09 -6.23 6.58
C ILE B 47 -28.56 -5.97 6.73
N MET B 48 -28.89 -4.85 7.35
CA MET B 48 -30.26 -4.57 7.71
C MET B 48 -31.08 -4.04 6.54
N ASP B 49 -30.40 -3.56 5.50
CA ASP B 49 -31.10 -3.06 4.33
C ASP B 49 -30.77 -3.84 3.06
N LEU B 50 -31.37 -3.48 1.93
CA LEU B 50 -31.30 -4.30 0.73
C LEU B 50 -29.90 -4.65 0.24
N CYS B 51 -29.80 -5.78 -0.45
CA CYS B 51 -28.56 -6.18 -1.10
C CYS B 51 -28.36 -5.42 -2.40
N ILE B 52 -27.13 -5.39 -2.87
CA ILE B 52 -26.80 -4.70 -4.12
C ILE B 52 -27.75 -5.10 -5.28
N GLU B 53 -27.83 -6.39 -5.58
CA GLU B 53 -28.67 -6.85 -6.70
C GLU B 53 -30.13 -6.44 -6.57
N CYS B 54 -30.65 -6.44 -5.33
CA CYS B 54 -32.03 -6.03 -5.07
C CYS B 54 -32.22 -4.54 -5.29
N GLN B 55 -31.21 -3.75 -4.97
CA GLN B 55 -31.32 -2.32 -5.16
C GLN B 55 -31.33 -2.03 -6.65
N ALA B 56 -30.99 -3.05 -7.44
CA ALA B 56 -30.90 -2.90 -8.88
C ALA B 56 -32.10 -3.51 -9.61
N ASN B 57 -33.06 -4.01 -8.84
CA ASN B 57 -34.35 -4.47 -9.37
C ASN B 57 -35.48 -3.71 -8.69
N GLN B 58 -35.13 -3.03 -7.61
CA GLN B 58 -36.05 -2.27 -6.77
C GLN B 58 -37.31 -3.03 -6.33
N ALA B 59 -38.48 -2.45 -6.60
CA ALA B 59 -39.74 -3.09 -6.20
C ALA B 59 -40.11 -4.21 -7.17
N SER B 60 -40.50 -5.36 -6.60
CA SER B 60 -40.84 -6.54 -7.39
C SER B 60 -41.24 -7.72 -6.51
N ALA B 61 -41.15 -8.92 -7.08
CA ALA B 61 -41.49 -10.15 -6.37
C ALA B 61 -40.28 -10.81 -5.66
N THR B 62 -39.09 -10.72 -6.26
CA THR B 62 -37.89 -11.26 -5.61
C THR B 62 -37.49 -10.43 -4.38
N SER B 63 -37.31 -9.13 -4.57
CA SER B 63 -36.82 -8.20 -3.54
C SER B 63 -37.73 -8.08 -2.32
N GLU B 64 -38.78 -8.91 -2.30
CA GLU B 64 -39.72 -9.01 -1.20
C GLU B 64 -39.03 -9.69 -0.04
N GLU B 65 -38.37 -10.80 -0.36
CA GLU B 65 -37.60 -11.56 0.61
C GLU B 65 -36.09 -11.45 0.34
N CYS B 66 -35.50 -10.31 0.68
CA CYS B 66 -34.05 -10.25 0.74
C CYS B 66 -33.67 -10.31 2.20
N THR B 67 -33.63 -11.52 2.74
CA THR B 67 -33.29 -11.70 4.15
C THR B 67 -31.84 -12.13 4.31
N VAL B 68 -31.36 -12.10 5.54
CA VAL B 68 -30.02 -12.57 5.84
C VAL B 68 -30.00 -14.08 5.96
N ALA B 69 -28.80 -14.63 5.88
CA ALA B 69 -28.58 -16.04 6.04
C ALA B 69 -27.46 -16.17 7.05
N TRP B 70 -27.49 -17.23 7.85
CA TRP B 70 -26.47 -17.45 8.86
C TRP B 70 -25.80 -18.78 8.56
N GLY B 71 -24.50 -18.88 8.84
CA GLY B 71 -23.80 -20.14 8.68
C GLY B 71 -23.59 -20.75 10.05
N VAL B 72 -23.02 -21.96 10.10
CA VAL B 72 -22.77 -22.58 11.40
C VAL B 72 -21.67 -21.82 12.14
N CYS B 73 -21.01 -20.95 11.40
CA CYS B 73 -20.00 -20.04 11.94
C CYS B 73 -20.67 -18.77 12.46
N ASN B 74 -21.99 -18.74 12.39
CA ASN B 74 -22.78 -17.60 12.85
C ASN B 74 -22.57 -16.33 12.05
N HIS B 75 -21.71 -16.41 11.03
CA HIS B 75 -21.48 -15.26 10.16
C HIS B 75 -22.71 -15.00 9.30
N ALA B 76 -23.01 -13.74 9.02
CA ALA B 76 -24.25 -13.40 8.34
C ALA B 76 -24.07 -12.61 7.04
N PHE B 77 -24.80 -13.03 6.01
CA PHE B 77 -24.77 -12.40 4.71
C PHE B 77 -26.16 -12.37 4.13
N HIS B 78 -26.48 -11.33 3.36
CA HIS B 78 -27.72 -11.37 2.61
C HIS B 78 -27.74 -12.73 1.98
N PHE B 79 -28.91 -13.37 1.97
CA PHE B 79 -29.00 -14.68 1.35
C PHE B 79 -28.64 -14.60 -0.14
N HIS B 80 -28.93 -13.44 -0.74
CA HIS B 80 -28.70 -13.24 -2.17
C HIS B 80 -27.23 -13.12 -2.51
N CYS B 81 -26.44 -12.76 -1.52
CA CYS B 81 -25.03 -12.52 -1.77
C CYS B 81 -24.25 -13.83 -1.57
N ILE B 82 -24.54 -14.52 -0.48
CA ILE B 82 -23.92 -15.80 -0.23
C ILE B 82 -24.31 -16.89 -1.27
N SER B 83 -25.46 -16.73 -1.93
CA SER B 83 -25.87 -17.66 -3.00
C SER B 83 -25.10 -17.42 -4.28
N ARG B 84 -24.68 -16.17 -4.45
CA ARG B 84 -23.89 -15.77 -5.59
C ARG B 84 -22.47 -16.24 -5.36
N TRP B 85 -22.00 -16.03 -4.14
CA TRP B 85 -20.67 -16.44 -3.69
C TRP B 85 -20.43 -17.93 -3.92
N LEU B 86 -21.41 -18.75 -3.55
CA LEU B 86 -21.27 -20.20 -3.59
C LEU B 86 -21.26 -20.80 -4.99
N LYS B 87 -21.30 -19.95 -6.00
CA LYS B 87 -21.24 -20.39 -7.38
C LYS B 87 -19.79 -20.58 -7.80
N THR B 88 -18.88 -19.90 -7.12
CA THR B 88 -17.47 -19.94 -7.46
C THR B 88 -16.57 -20.31 -6.30
N ARG B 89 -17.04 -20.06 -5.07
CA ARG B 89 -16.26 -20.28 -3.85
C ARG B 89 -17.01 -21.09 -2.79
N GLN B 90 -16.29 -21.84 -1.97
CA GLN B 90 -16.93 -22.67 -0.95
C GLN B 90 -16.64 -22.17 0.46
N VAL B 91 -15.52 -21.46 0.62
CA VAL B 91 -15.13 -20.98 1.93
C VAL B 91 -15.87 -19.72 2.31
N CYS B 92 -16.04 -19.54 3.61
CA CYS B 92 -16.74 -18.38 4.14
C CYS B 92 -15.91 -17.14 3.92
N PRO B 93 -16.55 -16.08 3.44
CA PRO B 93 -15.95 -14.77 3.22
C PRO B 93 -15.13 -14.33 4.42
N LEU B 94 -15.47 -14.82 5.60
CA LEU B 94 -14.83 -14.36 6.84
C LEU B 94 -14.12 -15.43 7.69
N ASP B 95 -13.80 -16.59 7.12
CA ASP B 95 -12.99 -17.58 7.84
C ASP B 95 -12.47 -18.65 6.91
N ASN B 96 -11.78 -19.64 7.46
CA ASN B 96 -11.16 -20.68 6.66
C ASN B 96 -12.00 -21.94 6.47
N ARG B 97 -13.14 -22.00 7.15
CA ARG B 97 -14.01 -23.16 7.08
C ARG B 97 -15.04 -22.95 6.00
N GLU B 98 -15.42 -24.03 5.31
CA GLU B 98 -16.43 -23.93 4.28
C GLU B 98 -17.72 -23.39 4.87
N TRP B 99 -18.41 -22.58 4.08
CA TRP B 99 -19.68 -22.03 4.51
C TRP B 99 -20.65 -23.16 4.68
N GLU B 100 -21.52 -23.05 5.66
CA GLU B 100 -22.57 -24.01 5.85
C GLU B 100 -23.80 -23.28 6.34
N PHE B 101 -24.89 -23.41 5.58
CA PHE B 101 -26.14 -22.79 5.97
C PHE B 101 -26.56 -23.38 7.30
N GLN B 102 -27.14 -22.54 8.15
CA GLN B 102 -27.81 -23.03 9.36
C GLN B 102 -29.23 -22.48 9.53
N LYS B 103 -29.42 -21.16 9.42
CA LYS B 103 -30.78 -20.61 9.48
C LYS B 103 -31.08 -19.63 8.34
N TYR B 104 -32.37 -19.39 8.07
CA TYR B 104 -32.78 -18.57 6.93
C TYR B 104 -34.06 -17.79 7.21
N PRO C 11 -35.43 22.89 -1.30
CA PRO C 11 -35.95 21.56 -0.94
C PRO C 11 -35.82 21.27 0.56
N GLU C 12 -34.72 21.66 1.21
CA GLU C 12 -34.53 21.44 2.65
C GLU C 12 -35.52 22.26 3.46
N GLU C 13 -35.48 23.58 3.28
CA GLU C 13 -36.38 24.51 3.96
C GLU C 13 -37.83 24.05 3.81
N LEU C 14 -38.11 23.40 2.68
CA LEU C 14 -39.43 22.86 2.38
C LEU C 14 -39.79 21.73 3.36
N ALA C 15 -38.79 20.97 3.79
CA ALA C 15 -39.02 19.93 4.79
C ALA C 15 -38.93 20.44 6.24
N ARG C 16 -37.98 21.34 6.51
CA ARG C 16 -37.84 21.93 7.84
C ARG C 16 -39.14 22.65 8.21
N TYR C 17 -39.90 23.00 7.17
CA TYR C 17 -41.20 23.67 7.28
C TYR C 17 -42.26 22.65 7.69
N CYS C 18 -42.31 21.53 6.96
CA CYS C 18 -43.23 20.44 7.27
C CYS C 18 -43.09 20.05 8.73
N ASP C 19 -41.88 20.22 9.28
CA ASP C 19 -41.61 19.94 10.68
C ASP C 19 -42.50 20.79 11.60
N SER C 20 -42.28 22.10 11.62
CA SER C 20 -43.03 23.01 12.50
C SER C 20 -44.55 22.82 12.39
N LEU C 21 -45.01 22.38 11.22
CA LEU C 21 -46.43 22.09 10.99
C LEU C 21 -46.94 20.97 11.90
N LEU C 22 -46.26 19.82 11.84
CA LEU C 22 -46.69 18.63 12.58
C LEU C 22 -45.92 18.44 13.89
N LYS C 23 -45.20 19.47 14.31
CA LYS C 23 -44.45 19.47 15.57
C LYS C 23 -45.44 19.64 16.75
N LYS C 24 -44.98 19.49 17.99
CA LYS C 24 -45.87 19.59 19.13
C LYS C 24 -45.44 20.67 20.14
N GLU C 33 -57.60 22.51 9.18
CA GLU C 33 -56.76 23.56 8.60
C GLU C 33 -55.38 23.00 8.26
N LEU C 34 -55.02 21.90 8.93
CA LEU C 34 -53.73 21.25 8.73
C LEU C 34 -53.77 20.39 7.48
N GLU C 35 -54.96 19.87 7.20
CA GLU C 35 -55.20 19.14 5.95
C GLU C 35 -55.08 20.12 4.78
N ASP C 36 -55.37 21.38 5.08
CA ASP C 36 -55.32 22.45 4.07
C ASP C 36 -53.87 22.79 3.70
N THR C 37 -53.05 23.05 4.72
CA THR C 37 -51.62 23.32 4.52
C THR C 37 -50.83 22.06 4.10
N LEU C 38 -51.40 20.88 4.37
CA LEU C 38 -50.82 19.61 3.91
C LEU C 38 -50.80 19.50 2.38
N ASN C 39 -51.80 20.08 1.73
CA ASN C 39 -51.93 20.00 0.28
C ASN C 39 -51.32 21.24 -0.41
N GLN C 40 -50.87 22.19 0.40
CA GLN C 40 -50.13 23.35 -0.09
C GLN C 40 -48.64 23.03 -0.23
N VAL C 41 -48.14 22.19 0.68
CA VAL C 41 -46.76 21.71 0.62
C VAL C 41 -46.68 20.48 -0.30
N MET C 42 -47.84 20.08 -0.82
CA MET C 42 -47.94 18.97 -1.76
C MET C 42 -47.63 19.43 -3.18
N GLU C 43 -48.00 20.67 -3.48
CA GLU C 43 -47.75 21.27 -4.78
C GLU C 43 -46.29 21.72 -4.93
N LYS C 44 -45.80 22.49 -3.97
CA LYS C 44 -44.45 23.07 -4.04
C LYS C 44 -43.34 22.01 -4.09
N PHE C 45 -43.64 20.79 -3.63
CA PHE C 45 -42.67 19.68 -3.59
C PHE C 45 -42.31 19.11 -4.99
N LYS C 46 -43.31 18.86 -5.82
CA LYS C 46 -43.14 18.25 -7.14
C LYS C 46 -42.30 19.07 -8.14
N LYS C 47 -42.06 20.34 -7.78
CA LYS C 47 -41.19 21.24 -8.56
C LYS C 47 -39.71 21.19 -8.13
N ILE C 48 -39.43 20.48 -7.03
CA ILE C 48 -38.05 20.29 -6.60
C ILE C 48 -37.41 19.18 -7.45
N GLU C 49 -36.26 19.48 -8.07
CA GLU C 49 -35.56 18.50 -8.89
C GLU C 49 -34.76 17.53 -8.01
N ASP C 50 -34.07 18.07 -7.01
CA ASP C 50 -33.46 17.24 -5.97
C ASP C 50 -34.55 16.73 -5.01
N LYS C 51 -35.27 15.69 -5.46
CA LYS C 51 -36.33 15.05 -4.67
C LYS C 51 -35.78 14.30 -3.46
N ASP C 52 -34.82 13.41 -3.71
CA ASP C 52 -34.19 12.63 -2.64
C ASP C 52 -33.80 13.51 -1.43
N VAL C 53 -33.18 14.66 -1.71
CA VAL C 53 -32.78 15.64 -0.69
C VAL C 53 -33.92 16.07 0.23
N PHE C 54 -35.04 16.48 -0.37
CA PHE C 54 -36.22 16.76 0.44
C PHE C 54 -36.60 15.55 1.32
N GLN C 55 -36.71 14.39 0.68
CA GLN C 55 -37.08 13.16 1.39
C GLN C 55 -36.21 12.90 2.62
N LYS C 56 -34.91 12.72 2.41
CA LYS C 56 -34.02 12.43 3.51
C LYS C 56 -34.31 13.34 4.70
N PHE C 57 -34.45 14.63 4.42
CA PHE C 57 -34.69 15.60 5.49
C PHE C 57 -36.03 15.35 6.19
N TYR C 58 -37.06 15.04 5.39
CA TYR C 58 -38.37 14.78 5.99
C TYR C 58 -38.28 13.61 6.95
N ALA C 59 -37.65 12.53 6.50
CA ALA C 59 -37.46 11.33 7.31
C ALA C 59 -36.67 11.57 8.61
N LYS C 60 -35.50 12.21 8.50
CA LYS C 60 -34.68 12.52 9.67
C LYS C 60 -35.47 13.35 10.66
N MET C 61 -36.28 14.26 10.12
CA MET C 61 -37.10 15.17 10.92
C MET C 61 -38.30 14.41 11.55
N LEU C 62 -38.92 13.55 10.75
CA LEU C 62 -39.97 12.64 11.23
C LEU C 62 -39.42 11.77 12.35
N ALA C 63 -38.25 11.21 12.07
CA ALA C 63 -37.50 10.42 13.03
C ALA C 63 -37.44 11.12 14.39
N LYS C 64 -36.96 12.36 14.39
CA LYS C 64 -36.75 13.05 15.65
C LYS C 64 -38.07 13.22 16.39
N ARG C 65 -39.15 13.36 15.63
CA ARG C 65 -40.46 13.57 16.24
C ARG C 65 -41.07 12.32 16.88
N LEU C 66 -40.93 11.17 16.25
CA LEU C 66 -41.50 9.94 16.81
C LEU C 66 -40.73 9.51 18.06
N VAL C 67 -39.45 9.86 18.11
CA VAL C 67 -38.56 9.43 19.18
C VAL C 67 -38.94 10.00 20.53
N HIS C 68 -39.01 11.33 20.63
CA HIS C 68 -39.25 11.98 21.91
C HIS C 68 -40.74 12.22 22.20
N GLN C 69 -41.60 11.52 21.45
CA GLN C 69 -43.05 11.63 21.62
C GLN C 69 -43.54 13.03 21.18
N ASN C 70 -42.72 13.72 20.40
CA ASN C 70 -42.98 15.11 20.00
C ASN C 70 -43.60 15.26 18.62
N SER C 71 -44.73 14.59 18.41
CA SER C 71 -45.44 14.63 17.14
C SER C 71 -46.73 15.44 17.33
N ALA C 72 -47.28 16.00 16.26
CA ALA C 72 -48.57 16.69 16.37
C ALA C 72 -49.69 15.68 16.66
N SER C 73 -50.14 14.99 15.61
CA SER C 73 -51.18 13.99 15.78
C SER C 73 -50.81 12.71 15.03
N ASP C 74 -51.34 11.58 15.49
CA ASP C 74 -51.11 10.29 14.83
C ASP C 74 -51.88 10.20 13.52
N ASP C 75 -52.61 11.28 13.21
CA ASP C 75 -53.37 11.39 11.98
C ASP C 75 -52.55 12.23 11.00
N ALA C 76 -51.82 13.21 11.52
CA ALA C 76 -51.01 14.10 10.70
C ALA C 76 -49.75 13.41 10.16
N GLU C 77 -49.42 12.26 10.74
CA GLU C 77 -48.23 11.51 10.34
C GLU C 77 -48.55 10.55 9.17
N ALA C 78 -49.49 9.65 9.40
CA ALA C 78 -49.91 8.67 8.39
C ALA C 78 -50.47 9.35 7.14
N SER C 79 -51.10 10.51 7.34
CA SER C 79 -51.73 11.25 6.26
C SER C 79 -50.72 11.73 5.22
N MET C 80 -49.70 12.42 5.71
CA MET C 80 -48.62 12.97 4.88
C MET C 80 -47.91 11.88 4.07
N ILE C 81 -47.64 10.76 4.72
CA ILE C 81 -46.99 9.63 4.09
C ILE C 81 -47.83 9.09 2.93
N SER C 82 -49.14 8.98 3.19
CA SER C 82 -50.14 8.54 2.22
C SER C 82 -50.21 9.49 1.01
N LYS C 83 -50.29 10.79 1.29
CA LYS C 83 -50.42 11.81 0.26
C LYS C 83 -49.11 12.05 -0.48
N LEU C 84 -47.98 11.76 0.18
CA LEU C 84 -46.66 11.92 -0.43
C LEU C 84 -46.18 10.61 -1.07
N LYS C 85 -46.95 9.55 -0.83
CA LYS C 85 -46.74 8.25 -1.44
C LYS C 85 -47.32 8.23 -2.86
N GLN C 86 -48.03 9.31 -3.23
CA GLN C 86 -48.78 9.37 -4.49
C GLN C 86 -47.88 9.53 -5.72
N ALA C 87 -46.85 10.36 -5.57
CA ALA C 87 -45.88 10.57 -6.63
C ALA C 87 -44.52 10.06 -6.19
N GLU C 91 -40.77 2.03 -2.20
CA GLU C 91 -39.43 2.15 -1.63
C GLU C 91 -39.11 3.61 -1.30
N TYR C 92 -40.02 4.49 -1.66
CA TYR C 92 -39.87 5.92 -1.38
C TYR C 92 -40.39 6.21 0.03
N THR C 93 -41.38 5.42 0.43
CA THR C 93 -42.05 5.60 1.70
C THR C 93 -41.80 4.36 2.58
N SER C 94 -40.96 3.46 2.06
CA SER C 94 -40.66 2.20 2.73
C SER C 94 -39.99 2.42 4.09
N LYS C 95 -38.75 2.90 4.08
CA LYS C 95 -37.98 3.14 5.30
C LYS C 95 -38.78 3.97 6.31
N LEU C 96 -39.63 4.85 5.77
CA LEU C 96 -40.52 5.68 6.58
C LEU C 96 -41.59 4.87 7.33
N GLN C 97 -42.27 3.97 6.61
CA GLN C 97 -43.34 3.15 7.17
C GLN C 97 -42.81 2.03 8.08
N ARG C 98 -41.51 1.75 7.96
CA ARG C 98 -40.87 0.70 8.78
C ARG C 98 -40.33 1.31 10.08
N MET C 99 -40.43 2.63 10.18
CA MET C 99 -40.09 3.32 11.41
C MET C 99 -41.32 3.29 12.32
N PHE C 100 -42.50 3.36 11.71
CA PHE C 100 -43.72 3.41 12.51
C PHE C 100 -44.00 2.08 13.21
N GLN C 101 -44.18 1.03 12.43
CA GLN C 101 -44.26 -0.33 12.92
C GLN C 101 -43.22 -0.53 14.02
N ASP C 102 -42.10 0.15 13.87
CA ASP C 102 -40.97 -0.01 14.78
C ASP C 102 -41.20 0.60 16.16
N ILE C 103 -41.71 1.83 16.19
CA ILE C 103 -42.01 2.47 17.47
C ILE C 103 -43.10 1.73 18.23
N GLY C 104 -44.05 1.14 17.49
CA GLY C 104 -45.09 0.36 18.12
C GLY C 104 -44.49 -0.89 18.74
N VAL C 105 -43.59 -1.51 17.98
CA VAL C 105 -42.85 -2.69 18.43
C VAL C 105 -41.99 -2.33 19.65
N SER C 106 -41.49 -1.10 19.68
CA SER C 106 -40.68 -0.62 20.78
C SER C 106 -41.47 -0.49 22.08
N LYS C 107 -42.72 -0.04 21.98
CA LYS C 107 -43.53 0.13 23.17
C LYS C 107 -43.90 -1.25 23.72
N ASP C 108 -44.44 -2.09 22.84
CA ASP C 108 -44.76 -3.47 23.16
C ASP C 108 -43.63 -4.13 23.94
N LEU C 109 -42.41 -3.93 23.44
CA LEU C 109 -41.23 -4.56 24.01
C LEU C 109 -40.86 -3.94 25.36
N ASN C 110 -41.09 -2.63 25.47
CA ASN C 110 -40.87 -1.95 26.74
C ASN C 110 -41.92 -2.33 27.77
N GLU C 111 -43.11 -2.73 27.30
CA GLU C 111 -44.17 -3.25 28.18
C GLU C 111 -43.82 -4.65 28.70
N GLN C 112 -43.32 -5.50 27.81
CA GLN C 112 -42.96 -6.87 28.16
C GLN C 112 -41.80 -6.89 29.18
N PHE C 113 -40.94 -5.87 29.10
CA PHE C 113 -39.77 -5.75 29.96
C PHE C 113 -40.16 -5.29 31.36
N LYS C 114 -41.18 -4.45 31.41
CA LYS C 114 -41.78 -4.07 32.69
C LYS C 114 -42.48 -5.28 33.37
N LYS C 115 -43.17 -6.13 32.59
CA LYS C 115 -43.80 -7.31 33.17
C LYS C 115 -42.76 -8.29 33.72
N HIS C 116 -41.62 -8.38 33.04
CA HIS C 116 -40.50 -9.22 33.46
C HIS C 116 -39.70 -8.58 34.59
N LEU C 117 -39.96 -7.29 34.83
CA LEU C 117 -39.33 -6.55 35.93
C LEU C 117 -40.08 -6.77 37.26
N THR C 118 -41.39 -7.04 37.18
CA THR C 118 -42.18 -7.44 38.35
C THR C 118 -41.88 -8.89 38.68
N ASN C 119 -40.59 -9.20 38.81
CA ASN C 119 -40.13 -10.55 39.12
C ASN C 119 -39.21 -10.54 40.34
N SER C 120 -37.91 -10.43 40.08
CA SER C 120 -36.93 -10.33 41.15
C SER C 120 -36.08 -9.08 40.90
N GLU C 121 -36.60 -8.18 40.07
CA GLU C 121 -35.78 -7.09 39.56
C GLU C 121 -36.19 -5.71 40.07
N PRO C 122 -35.44 -5.19 41.06
CA PRO C 122 -35.57 -3.85 41.64
C PRO C 122 -34.84 -2.80 40.82
N LEU C 123 -35.62 -1.89 40.23
CA LEU C 123 -35.07 -0.81 39.42
C LEU C 123 -35.02 0.53 40.17
N ASP C 124 -33.81 1.04 40.43
CA ASP C 124 -33.60 2.30 41.16
C ASP C 124 -33.91 3.58 40.37
N LEU C 125 -34.83 3.45 39.41
CA LEU C 125 -35.38 4.60 38.70
C LEU C 125 -36.52 4.14 37.79
N ASP C 126 -37.04 5.07 37.00
CA ASP C 126 -38.00 4.74 35.96
C ASP C 126 -37.26 4.70 34.62
N PHE C 127 -37.28 3.54 33.97
CA PHE C 127 -36.52 3.34 32.74
C PHE C 127 -37.45 3.18 31.54
N SER C 128 -36.99 3.62 30.37
CA SER C 128 -37.84 3.63 29.19
C SER C 128 -37.03 3.72 27.90
N ILE C 129 -36.77 2.56 27.29
CA ILE C 129 -36.00 2.51 26.05
C ILE C 129 -36.93 2.38 24.85
N GLN C 130 -36.38 2.73 23.69
CA GLN C 130 -37.12 2.69 22.44
C GLN C 130 -36.27 2.04 21.36
N VAL C 131 -36.37 0.72 21.28
CA VAL C 131 -35.56 -0.08 20.37
C VAL C 131 -35.97 0.11 18.91
N LEU C 132 -35.08 0.72 18.13
CA LEU C 132 -35.30 0.96 16.69
C LEU C 132 -34.40 0.10 15.79
N SER C 133 -34.97 -0.37 14.68
CA SER C 133 -34.23 -1.17 13.71
C SER C 133 -33.24 -0.32 12.93
N SER C 134 -31.99 -0.75 12.94
CA SER C 134 -30.88 -0.02 12.35
C SER C 134 -31.01 -0.02 10.83
N GLY C 135 -32.13 -0.53 10.34
CA GLY C 135 -32.36 -0.65 8.91
C GLY C 135 -33.43 0.29 8.40
N SER C 136 -33.87 1.21 9.25
CA SER C 136 -34.95 2.13 8.90
C SER C 136 -34.64 3.57 9.29
N TRP C 137 -34.07 3.73 10.48
CA TRP C 137 -33.81 5.05 11.04
C TRP C 137 -32.43 5.56 10.65
N PRO C 138 -32.31 6.89 10.52
CA PRO C 138 -31.06 7.60 10.25
C PRO C 138 -30.42 8.15 11.51
N PHE C 139 -29.71 7.33 12.26
CA PHE C 139 -28.97 7.81 13.42
C PHE C 139 -27.56 7.22 13.44
N GLN C 140 -26.63 7.92 14.10
CA GLN C 140 -25.23 7.50 14.14
C GLN C 140 -24.82 7.06 15.53
N GLN C 141 -23.53 6.85 15.69
CA GLN C 141 -22.97 6.31 16.92
C GLN C 141 -22.74 7.40 17.95
N SER C 142 -22.78 7.01 19.22
CA SER C 142 -22.41 7.88 20.32
C SER C 142 -20.90 8.03 20.37
N CYS C 143 -20.44 9.04 21.09
CA CYS C 143 -19.00 9.31 21.21
C CYS C 143 -18.37 8.60 22.40
N THR C 144 -18.29 7.28 22.33
CA THR C 144 -17.57 6.51 23.34
C THR C 144 -18.03 6.86 24.76
N PHE C 145 -19.28 7.27 24.87
CA PHE C 145 -19.81 7.69 26.15
C PHE C 145 -19.48 6.66 27.26
N ALA C 146 -18.82 7.13 28.32
CA ALA C 146 -18.59 6.31 29.50
C ALA C 146 -19.81 6.34 30.42
N LEU C 147 -20.51 5.22 30.53
CA LEU C 147 -21.80 5.18 31.24
C LEU C 147 -21.63 5.26 32.77
N PRO C 148 -22.20 6.31 33.38
CA PRO C 148 -22.14 6.54 34.84
C PRO C 148 -22.63 5.32 35.60
N SER C 149 -22.27 5.23 36.88
CA SER C 149 -22.66 4.09 37.70
C SER C 149 -24.17 4.01 37.86
N GLU C 150 -24.86 5.07 37.47
CA GLU C 150 -26.26 5.24 37.80
C GLU C 150 -27.19 4.43 36.88
N LEU C 151 -26.96 4.59 35.58
CA LEU C 151 -27.75 3.89 34.57
C LEU C 151 -27.18 2.48 34.35
N GLU C 152 -25.95 2.26 34.82
CA GLU C 152 -25.25 0.99 34.63
C GLU C 152 -26.08 -0.19 35.15
N ARG C 153 -26.73 -0.02 36.28
CA ARG C 153 -27.55 -1.10 36.80
C ARG C 153 -28.59 -1.48 35.74
N SER C 154 -29.21 -0.45 35.17
CA SER C 154 -30.30 -0.58 34.21
C SER C 154 -29.82 -1.03 32.84
N TYR C 155 -28.60 -0.60 32.49
CA TYR C 155 -28.02 -0.87 31.18
C TYR C 155 -27.81 -2.34 30.92
N GLN C 156 -27.03 -2.96 31.79
CA GLN C 156 -26.77 -4.37 31.61
C GLN C 156 -28.05 -5.16 31.81
N ARG C 157 -28.88 -4.72 32.77
CA ARG C 157 -30.13 -5.43 33.01
C ARG C 157 -30.96 -5.57 31.74
N PHE C 158 -30.99 -4.53 30.92
CA PHE C 158 -31.82 -4.56 29.74
C PHE C 158 -31.16 -5.25 28.56
N THR C 159 -29.84 -5.11 28.45
CA THR C 159 -29.15 -5.81 27.37
C THR C 159 -29.30 -7.32 27.60
N ALA C 160 -29.17 -7.75 28.85
CA ALA C 160 -29.39 -9.16 29.17
C ALA C 160 -30.76 -9.62 28.70
N PHE C 161 -31.80 -8.91 29.16
CA PHE C 161 -33.17 -9.29 28.86
C PHE C 161 -33.44 -9.44 27.37
N TYR C 162 -32.92 -8.51 26.57
CA TYR C 162 -33.10 -8.51 25.13
C TYR C 162 -32.34 -9.67 24.50
N ALA C 163 -31.23 -10.05 25.12
CA ALA C 163 -30.44 -11.18 24.68
C ALA C 163 -31.21 -12.47 24.83
N SER C 164 -31.97 -12.57 25.92
CA SER C 164 -32.79 -13.75 26.17
C SER C 164 -33.88 -13.90 25.12
N ARG C 165 -34.48 -12.78 24.74
CA ARG C 165 -35.69 -12.78 23.94
C ARG C 165 -35.37 -12.94 22.45
N HIS C 166 -34.14 -12.62 22.05
CA HIS C 166 -33.78 -12.77 20.65
C HIS C 166 -32.46 -13.55 20.48
N SER C 167 -32.37 -14.33 19.41
CA SER C 167 -31.27 -15.29 19.26
C SER C 167 -29.92 -14.68 18.89
N GLY C 168 -29.87 -14.00 17.76
CA GLY C 168 -28.64 -13.36 17.35
C GLY C 168 -28.73 -11.86 17.12
N ARG C 169 -29.10 -11.13 18.16
CA ARG C 169 -29.32 -9.72 18.07
C ARG C 169 -28.16 -8.91 18.62
N LYS C 170 -28.19 -7.59 18.44
CA LYS C 170 -27.12 -6.70 18.89
C LYS C 170 -27.68 -5.29 19.10
N LEU C 171 -27.36 -4.69 20.25
CA LEU C 171 -27.88 -3.36 20.58
C LEU C 171 -26.83 -2.28 20.41
N THR C 172 -27.23 -1.16 19.84
CA THR C 172 -26.34 -0.03 19.67
C THR C 172 -26.94 1.23 20.27
N TRP C 173 -26.54 1.53 21.50
CA TRP C 173 -27.08 2.66 22.26
C TRP C 173 -26.68 4.02 21.69
N LEU C 174 -27.66 4.90 21.51
CA LEU C 174 -27.39 6.24 21.01
C LEU C 174 -27.52 7.27 22.13
N TYR C 175 -26.50 7.38 22.96
CA TYR C 175 -26.58 8.24 24.12
C TYR C 175 -26.92 9.67 23.79
N GLN C 176 -26.77 10.04 22.51
CA GLN C 176 -27.03 11.41 22.10
C GLN C 176 -28.53 11.73 21.99
N LEU C 177 -29.36 10.70 21.89
CA LEU C 177 -30.81 10.92 21.85
C LEU C 177 -31.43 10.48 23.16
N SER C 178 -30.59 9.93 24.03
CA SER C 178 -31.05 9.48 25.33
C SER C 178 -31.17 10.67 26.28
N LYS C 179 -32.38 10.84 26.82
CA LYS C 179 -32.68 11.91 27.76
C LYS C 179 -32.96 11.35 29.16
N GLY C 180 -32.98 12.24 30.15
CA GLY C 180 -33.31 11.86 31.52
C GLY C 180 -33.73 13.01 32.42
N GLU C 181 -34.12 12.68 33.65
CA GLU C 181 -34.57 13.67 34.62
C GLU C 181 -33.84 13.50 35.95
N LEU C 182 -33.26 14.59 36.46
CA LEU C 182 -32.51 14.56 37.72
C LEU C 182 -33.09 15.51 38.76
N ALA C 195 -32.88 17.54 30.74
CA ALA C 195 -31.47 17.26 30.47
C ALA C 195 -31.24 16.02 29.59
N SER C 196 -30.23 16.13 28.72
CA SER C 196 -29.79 15.01 27.88
C SER C 196 -28.81 14.15 28.65
N THR C 197 -28.60 12.93 28.18
CA THR C 197 -27.76 11.97 28.89
C THR C 197 -26.31 12.48 29.01
N PHE C 198 -25.87 13.30 28.06
CA PHE C 198 -24.51 13.85 28.13
C PHE C 198 -24.39 14.80 29.33
N GLN C 199 -25.43 15.62 29.53
CA GLN C 199 -25.47 16.53 30.67
C GLN C 199 -25.58 15.74 31.99
N MET C 200 -26.41 14.70 32.00
CA MET C 200 -26.59 13.86 33.19
C MET C 200 -25.30 13.16 33.58
N ALA C 201 -24.32 13.22 32.70
CA ALA C 201 -23.00 12.67 32.97
C ALA C 201 -22.14 13.65 33.76
N ILE C 202 -21.86 14.81 33.16
CA ILE C 202 -21.03 15.85 33.79
C ILE C 202 -21.61 16.40 35.10
N LEU C 203 -22.87 16.09 35.38
CA LEU C 203 -23.57 16.58 36.58
C LEU C 203 -23.47 15.62 37.77
N LEU C 204 -23.57 14.31 37.50
CA LEU C 204 -23.48 13.31 38.56
C LEU C 204 -22.09 13.30 39.21
N GLN C 205 -21.07 13.53 38.40
CA GLN C 205 -19.71 13.73 38.89
C GLN C 205 -19.71 14.46 40.23
N TYR C 206 -20.46 15.56 40.27
CA TYR C 206 -20.42 16.47 41.40
C TYR C 206 -21.35 16.02 42.53
N TYR C 212 -14.13 20.24 39.52
CA TYR C 212 -13.48 19.52 38.43
C TYR C 212 -13.02 20.47 37.29
N THR C 213 -11.88 20.17 36.66
CA THR C 213 -11.47 20.89 35.45
C THR C 213 -12.00 20.19 34.19
N VAL C 214 -11.83 20.83 33.04
CA VAL C 214 -12.33 20.29 31.76
C VAL C 214 -11.72 18.94 31.45
N GLN C 215 -10.39 18.87 31.54
CA GLN C 215 -9.64 17.64 31.35
C GLN C 215 -10.11 16.50 32.29
N GLN C 216 -10.32 16.81 33.57
CA GLN C 216 -10.79 15.80 34.55
C GLN C 216 -12.13 15.15 34.17
N LEU C 217 -12.99 15.92 33.49
CA LEU C 217 -14.29 15.41 33.07
C LEU C 217 -14.19 14.54 31.81
N THR C 218 -13.40 14.96 30.83
CA THR C 218 -13.16 14.17 29.63
C THR C 218 -12.53 12.81 29.98
N ASP C 219 -12.13 12.67 31.24
CA ASP C 219 -11.42 11.47 31.69
C ASP C 219 -12.31 10.60 32.58
N SER C 220 -13.34 11.22 33.16
CA SER C 220 -14.29 10.48 33.98
C SER C 220 -15.58 10.12 33.22
N THR C 221 -15.97 10.94 32.24
CA THR C 221 -17.14 10.66 31.38
C THR C 221 -16.76 10.28 29.96
N GLN C 222 -15.47 10.31 29.65
CA GLN C 222 -14.98 9.84 28.36
C GLN C 222 -15.64 10.53 27.18
N ILE C 223 -16.46 11.53 27.45
CA ILE C 223 -17.10 12.29 26.39
C ILE C 223 -16.03 13.08 25.65
N LYS C 224 -16.00 12.95 24.32
CA LYS C 224 -15.03 13.67 23.51
C LYS C 224 -15.18 15.17 23.71
N MET C 225 -14.08 15.84 24.05
CA MET C 225 -14.11 17.28 24.32
C MET C 225 -14.82 18.09 23.22
N ASP C 226 -14.59 17.72 21.96
CA ASP C 226 -15.20 18.42 20.82
C ASP C 226 -16.68 18.68 21.11
N ILE C 227 -17.25 17.84 21.95
CA ILE C 227 -18.64 17.95 22.36
C ILE C 227 -18.74 18.40 23.82
N LEU C 228 -17.81 17.96 24.66
CA LEU C 228 -17.83 18.34 26.08
C LEU C 228 -17.91 19.85 26.24
N ALA C 229 -17.38 20.56 25.23
CA ALA C 229 -17.44 22.02 25.17
C ALA C 229 -18.86 22.53 24.86
N GLN C 230 -19.42 22.04 23.76
CA GLN C 230 -20.80 22.37 23.37
C GLN C 230 -21.82 21.89 24.41
N VAL C 231 -21.39 21.04 25.34
CA VAL C 231 -22.26 20.58 26.42
C VAL C 231 -22.17 21.52 27.63
N LEU C 232 -20.95 21.79 28.10
CA LEU C 232 -20.77 22.64 29.29
C LEU C 232 -21.31 24.06 29.06
N GLN C 233 -21.10 24.60 27.86
CA GLN C 233 -21.59 25.93 27.50
C GLN C 233 -23.10 26.07 27.76
N ILE C 234 -23.84 24.99 27.51
CA ILE C 234 -25.27 24.94 27.81
C ILE C 234 -25.51 24.78 29.32
N LEU C 235 -24.55 24.17 30.02
CA LEU C 235 -24.63 24.05 31.48
C LEU C 235 -24.32 25.36 32.24
N LEU C 236 -23.37 26.15 31.72
CA LEU C 236 -23.08 27.48 32.27
C LEU C 236 -24.29 28.40 32.16
N LYS C 237 -24.90 28.37 30.97
CA LYS C 237 -26.07 29.18 30.64
C LYS C 237 -27.12 29.16 31.75
N SER C 238 -27.79 28.03 31.92
CA SER C 238 -28.63 27.86 33.09
C SER C 238 -27.71 28.01 34.30
N LYS C 239 -28.25 28.46 35.42
CA LYS C 239 -27.41 28.77 36.57
C LYS C 239 -27.00 27.50 37.35
N LEU C 240 -26.46 26.52 36.62
CA LEU C 240 -26.06 25.24 37.21
C LEU C 240 -24.55 25.16 37.49
N LEU C 241 -23.74 25.68 36.57
CA LEU C 241 -22.28 25.69 36.72
C LEU C 241 -21.75 27.09 36.47
N ASP C 245 -15.04 33.73 37.54
CA ASP C 245 -15.42 35.03 36.98
C ASP C 245 -16.87 35.11 36.49
N GLU C 246 -17.80 35.33 37.41
CA GLU C 246 -19.22 35.46 37.09
C GLU C 246 -19.56 36.56 36.09
N ASN C 247 -18.53 37.26 35.60
CA ASN C 247 -18.70 38.34 34.64
C ASN C 247 -18.25 37.95 33.23
N ALA C 248 -17.37 36.95 33.14
CA ALA C 248 -16.82 36.53 31.85
C ALA C 248 -17.91 36.20 30.83
N ASN C 249 -17.64 36.49 29.56
CA ASN C 249 -18.60 36.28 28.50
C ASN C 249 -18.81 34.79 28.25
N VAL C 250 -19.87 34.25 28.85
CA VAL C 250 -20.16 32.80 28.80
C VAL C 250 -20.72 32.37 27.43
N ASP C 251 -20.40 33.10 26.38
CA ASP C 251 -20.95 32.87 25.03
C ASP C 251 -19.90 32.66 23.93
N GLU C 252 -18.74 33.32 24.04
CA GLU C 252 -17.66 33.13 23.06
C GLU C 252 -16.35 32.69 23.70
N VAL C 253 -16.19 32.95 25.00
CA VAL C 253 -14.97 32.60 25.73
C VAL C 253 -14.67 31.09 25.65
N LYS C 256 -10.88 25.67 28.05
CA LYS C 256 -9.58 25.00 28.14
C LYS C 256 -9.58 23.83 29.14
N PRO C 257 -8.70 22.83 28.92
CA PRO C 257 -8.57 21.61 29.72
C PRO C 257 -8.17 21.85 31.18
N ASP C 258 -7.95 23.11 31.55
CA ASP C 258 -7.54 23.44 32.91
C ASP C 258 -8.53 24.38 33.61
N THR C 259 -9.50 24.88 32.85
CA THR C 259 -10.51 25.79 33.37
C THR C 259 -11.49 25.08 34.34
N LEU C 260 -11.47 25.51 35.60
CA LEU C 260 -12.35 24.91 36.63
C LEU C 260 -13.86 25.10 36.32
N ILE C 261 -14.68 24.19 36.84
CA ILE C 261 -16.13 24.29 36.74
C ILE C 261 -16.78 24.08 38.12
N LYS C 262 -17.54 25.07 38.58
CA LYS C 262 -18.07 25.07 39.95
C LYS C 262 -19.59 24.87 39.98
N GLY C 266 -26.88 27.72 44.77
CA GLY C 266 -27.57 29.00 44.70
C GLY C 266 -28.41 29.15 43.45
N TYR C 267 -28.84 28.03 42.89
CA TYR C 267 -29.64 28.05 41.68
C TYR C 267 -31.14 28.32 41.91
N LYS C 268 -31.65 29.38 41.28
CA LYS C 268 -33.07 29.74 41.35
C LYS C 268 -33.75 29.70 39.99
N ASN C 269 -35.08 29.55 40.01
CA ASN C 269 -35.89 29.55 38.79
C ASN C 269 -37.39 29.63 39.06
N ASN C 275 -36.21 22.28 32.26
CA ASN C 275 -35.88 21.57 31.03
C ASN C 275 -34.65 22.14 30.34
N ILE C 276 -33.48 21.66 30.75
CA ILE C 276 -32.22 22.18 30.23
C ILE C 276 -31.70 21.39 29.03
N ASN C 277 -32.49 20.41 28.59
CA ASN C 277 -32.17 19.62 27.41
C ASN C 277 -32.46 20.40 26.13
N VAL C 278 -31.75 21.51 25.93
CA VAL C 278 -31.91 22.33 24.72
C VAL C 278 -30.84 22.00 23.68
N PRO C 279 -31.23 22.00 22.40
CA PRO C 279 -30.25 21.87 21.32
C PRO C 279 -29.16 22.93 21.41
N MET C 280 -27.91 22.51 21.26
CA MET C 280 -26.77 23.43 21.30
C MET C 280 -26.67 24.23 19.99
N LYS C 281 -25.94 25.35 20.04
CA LYS C 281 -25.89 26.31 18.94
C LYS C 281 -25.28 25.75 17.64
N THR C 282 -24.25 24.94 17.79
CA THR C 282 -23.56 24.33 16.65
C THR C 282 -24.27 23.08 16.13
N GLU C 283 -25.50 22.85 16.58
CA GLU C 283 -26.15 21.56 16.32
C GLU C 283 -26.94 21.49 15.03
N GLN C 284 -27.73 22.50 14.72
CA GLN C 284 -28.53 22.46 13.48
C GLN C 284 -27.62 22.51 12.25
N LYS C 285 -26.42 23.02 12.42
CA LYS C 285 -25.46 23.02 11.33
C LYS C 285 -24.92 21.61 11.08
N GLN C 286 -24.49 20.94 12.16
CA GLN C 286 -23.97 19.57 12.09
C GLN C 286 -25.05 18.55 11.70
N GLU C 287 -26.29 18.77 12.11
CA GLU C 287 -27.39 17.92 11.69
C GLU C 287 -27.63 18.14 10.21
N GLN C 288 -27.53 19.40 9.79
CA GLN C 288 -27.56 19.71 8.37
C GLN C 288 -26.42 18.98 7.66
N GLU C 289 -25.19 19.15 8.15
CA GLU C 289 -24.00 18.64 7.47
C GLU C 289 -24.00 17.12 7.33
N THR C 290 -24.55 16.46 8.34
CA THR C 290 -24.60 15.01 8.43
C THR C 290 -25.60 14.44 7.42
N THR C 291 -26.79 15.04 7.36
CA THR C 291 -27.81 14.69 6.38
C THR C 291 -27.28 14.83 4.94
N HIS C 292 -26.39 15.80 4.70
CA HIS C 292 -25.83 15.96 3.36
C HIS C 292 -24.86 14.83 3.04
N LYS C 293 -24.06 14.43 4.02
CA LYS C 293 -23.09 13.35 3.85
C LYS C 293 -23.83 12.05 3.57
N ASN C 294 -24.93 11.85 4.28
CA ASN C 294 -25.75 10.67 4.10
C ASN C 294 -26.30 10.60 2.68
N ILE C 295 -26.88 11.71 2.22
CA ILE C 295 -27.45 11.74 0.90
C ILE C 295 -26.39 11.49 -0.16
N GLU C 296 -25.24 12.13 0.03
CA GLU C 296 -24.13 11.96 -0.91
C GLU C 296 -23.85 10.48 -1.11
N GLU C 297 -23.62 9.76 -0.02
CA GLU C 297 -23.26 8.35 -0.14
C GLU C 297 -24.41 7.52 -0.70
N ASP C 298 -25.59 7.70 -0.12
CA ASP C 298 -26.82 7.10 -0.64
C ASP C 298 -26.87 7.22 -2.16
N ARG C 299 -26.47 8.39 -2.66
CA ARG C 299 -26.50 8.68 -4.09
C ARG C 299 -25.53 7.77 -4.83
N LYS C 300 -24.40 7.46 -4.20
CA LYS C 300 -23.41 6.58 -4.81
C LYS C 300 -23.97 5.17 -4.89
N LEU C 301 -24.71 4.77 -3.87
CA LEU C 301 -25.36 3.46 -3.88
C LEU C 301 -26.37 3.37 -5.00
N LEU C 302 -27.10 4.46 -5.24
CA LEU C 302 -28.04 4.49 -6.35
C LEU C 302 -27.30 4.32 -7.66
N ILE C 303 -26.18 5.02 -7.79
CA ILE C 303 -25.37 4.89 -8.99
C ILE C 303 -24.88 3.47 -9.15
N GLN C 304 -24.54 2.84 -8.03
CA GLN C 304 -24.08 1.46 -8.05
C GLN C 304 -25.18 0.57 -8.61
N ALA C 305 -26.33 0.61 -7.95
CA ALA C 305 -27.48 -0.16 -8.41
C ALA C 305 -27.67 0.06 -9.91
N ALA C 306 -27.77 1.32 -10.30
CA ALA C 306 -27.95 1.67 -11.70
C ALA C 306 -26.95 0.94 -12.60
N ILE C 307 -25.70 0.95 -12.18
CA ILE C 307 -24.64 0.32 -12.95
C ILE C 307 -24.82 -1.19 -13.02
N VAL C 308 -25.44 -1.77 -12.00
CA VAL C 308 -25.64 -3.21 -12.02
C VAL C 308 -26.87 -3.64 -12.80
N ARG C 309 -27.95 -2.88 -12.68
CA ARG C 309 -29.13 -3.17 -13.46
C ARG C 309 -28.76 -3.16 -14.92
N ILE C 310 -27.91 -2.20 -15.29
CA ILE C 310 -27.54 -2.01 -16.68
C ILE C 310 -26.62 -3.10 -17.24
N MET C 311 -25.60 -3.50 -16.49
CA MET C 311 -24.67 -4.51 -17.00
C MET C 311 -25.22 -5.92 -16.97
N LYS C 312 -26.22 -6.13 -16.11
CA LYS C 312 -26.81 -7.45 -15.88
C LYS C 312 -27.75 -7.72 -17.03
N MET C 313 -28.52 -6.69 -17.37
CA MET C 313 -29.39 -6.67 -18.54
C MET C 313 -28.56 -6.96 -19.81
N ARG C 314 -27.87 -5.95 -20.33
CA ARG C 314 -27.00 -6.13 -21.50
C ARG C 314 -25.64 -6.75 -21.12
N LYS C 315 -25.57 -8.07 -21.23
CA LYS C 315 -24.43 -8.86 -20.73
C LYS C 315 -23.08 -8.14 -20.89
N VAL C 316 -22.93 -7.36 -21.96
CA VAL C 316 -21.70 -6.62 -22.18
C VAL C 316 -21.98 -5.20 -22.64
N LEU C 317 -21.10 -4.28 -22.28
CA LEU C 317 -21.28 -2.88 -22.62
C LEU C 317 -19.93 -2.19 -22.58
N LYS C 318 -19.85 -1.03 -23.24
CA LYS C 318 -18.62 -0.29 -23.38
C LYS C 318 -18.63 0.83 -22.35
N HIS C 319 -17.48 1.47 -22.14
CA HIS C 319 -17.38 2.43 -21.06
C HIS C 319 -18.26 3.66 -21.28
N GLN C 320 -18.19 4.24 -22.46
CA GLN C 320 -18.92 5.47 -22.69
C GLN C 320 -20.41 5.20 -22.77
N GLN C 321 -20.77 4.08 -23.40
CA GLN C 321 -22.16 3.71 -23.56
C GLN C 321 -22.78 3.44 -22.19
N LEU C 322 -21.98 2.89 -21.29
CA LEU C 322 -22.40 2.62 -19.93
C LEU C 322 -22.54 3.91 -19.11
N LEU C 323 -21.65 4.86 -19.34
CA LEU C 323 -21.76 6.12 -18.64
C LEU C 323 -23.01 6.84 -19.11
N GLY C 324 -23.36 6.65 -20.38
CA GLY C 324 -24.58 7.19 -20.92
C GLY C 324 -25.83 6.61 -20.27
N GLU C 325 -25.88 5.28 -20.19
CA GLU C 325 -27.06 4.58 -19.69
C GLU C 325 -27.39 4.96 -18.25
N VAL C 326 -26.34 5.26 -17.48
CA VAL C 326 -26.52 5.62 -16.09
C VAL C 326 -27.12 7.01 -15.93
N LEU C 327 -26.57 7.98 -16.65
CA LEU C 327 -27.05 9.35 -16.55
C LEU C 327 -28.50 9.42 -16.98
N THR C 328 -28.86 8.57 -17.94
CA THR C 328 -30.22 8.50 -18.44
C THR C 328 -31.18 8.06 -17.35
N GLN C 329 -30.94 6.87 -16.80
CA GLN C 329 -31.83 6.29 -15.79
C GLN C 329 -31.96 7.15 -14.54
N LEU C 330 -30.89 7.85 -14.20
CA LEU C 330 -30.84 8.61 -12.97
C LEU C 330 -31.30 10.04 -13.14
N SER C 331 -31.33 10.48 -14.39
CA SER C 331 -31.59 11.89 -14.66
C SER C 331 -32.91 12.35 -14.07
N SER C 332 -33.94 11.52 -14.17
CA SER C 332 -35.23 11.92 -13.65
C SER C 332 -35.16 12.26 -12.16
N ARG C 333 -34.17 11.71 -11.46
CA ARG C 333 -34.02 11.94 -10.02
C ARG C 333 -32.99 13.05 -9.71
N PHE C 334 -31.79 12.91 -10.26
CA PHE C 334 -30.73 13.90 -10.05
C PHE C 334 -29.68 13.79 -11.13
N LYS C 335 -28.66 14.63 -11.04
CA LYS C 335 -27.59 14.60 -12.02
C LYS C 335 -26.31 14.02 -11.43
N PRO C 336 -26.02 12.74 -11.75
CA PRO C 336 -24.87 12.02 -11.20
C PRO C 336 -23.57 12.50 -11.84
N ARG C 337 -22.67 13.06 -11.03
CA ARG C 337 -21.40 13.56 -11.54
C ARG C 337 -20.61 12.44 -12.22
N VAL C 338 -19.81 12.79 -13.23
CA VAL C 338 -19.12 11.75 -13.99
C VAL C 338 -18.12 10.96 -13.17
N PRO C 339 -17.30 11.66 -12.38
CA PRO C 339 -16.22 11.00 -11.61
C PRO C 339 -16.76 10.06 -10.54
N VAL C 340 -17.93 10.37 -10.01
CA VAL C 340 -18.53 9.48 -9.02
C VAL C 340 -18.85 8.15 -9.67
N ILE C 341 -19.41 8.21 -10.88
CA ILE C 341 -19.81 7.01 -11.59
C ILE C 341 -18.61 6.13 -11.97
N LYS C 342 -17.49 6.75 -12.34
CA LYS C 342 -16.32 5.98 -12.72
C LYS C 342 -15.73 5.25 -11.52
N LYS C 343 -15.81 5.91 -10.37
CA LYS C 343 -15.31 5.35 -9.12
C LYS C 343 -16.17 4.15 -8.75
N CYS C 344 -17.49 4.31 -8.90
CA CYS C 344 -18.44 3.23 -8.67
C CYS C 344 -18.17 2.05 -9.58
N ILE C 345 -17.61 2.32 -10.75
CA ILE C 345 -17.32 1.27 -11.70
C ILE C 345 -16.11 0.47 -11.24
N ASP C 346 -15.10 1.18 -10.74
CA ASP C 346 -13.92 0.55 -10.18
C ASP C 346 -14.24 -0.24 -8.92
N ILE C 347 -15.10 0.32 -8.07
CA ILE C 347 -15.49 -0.33 -6.83
C ILE C 347 -16.24 -1.62 -7.10
N LEU C 348 -17.02 -1.64 -8.16
CA LEU C 348 -17.70 -2.86 -8.56
C LEU C 348 -16.74 -3.89 -9.12
N ILE C 349 -15.66 -3.43 -9.75
CA ILE C 349 -14.66 -4.35 -10.30
C ILE C 349 -13.85 -4.98 -9.18
N GLU C 350 -13.57 -4.22 -8.14
CA GLU C 350 -12.87 -4.75 -6.99
C GLU C 350 -13.75 -5.71 -6.20
N LYS C 351 -15.03 -5.41 -6.14
CA LYS C 351 -16.00 -6.24 -5.42
C LYS C 351 -16.35 -7.48 -6.21
N GLU C 352 -15.89 -7.54 -7.45
CA GLU C 352 -16.04 -8.71 -8.32
C GLU C 352 -17.41 -8.82 -9.01
N TYR C 353 -18.17 -7.74 -9.06
CA TYR C 353 -19.44 -7.76 -9.76
C TYR C 353 -19.33 -7.52 -11.27
N LEU C 354 -18.17 -7.05 -11.71
CA LEU C 354 -17.92 -6.88 -13.14
C LEU C 354 -16.42 -6.84 -13.44
N GLU C 355 -16.03 -7.42 -14.58
CA GLU C 355 -14.63 -7.61 -14.92
C GLU C 355 -14.23 -6.90 -16.22
N ARG C 356 -12.92 -6.81 -16.47
CA ARG C 356 -12.41 -6.14 -17.66
C ARG C 356 -12.13 -7.11 -18.81
N VAL C 357 -12.76 -6.85 -19.95
CA VAL C 357 -12.57 -7.68 -21.13
C VAL C 357 -11.20 -7.47 -21.73
N ASP C 358 -10.32 -8.46 -21.60
CA ASP C 358 -9.04 -8.40 -22.30
C ASP C 358 -9.30 -8.55 -23.81
N GLY C 359 -8.47 -7.90 -24.62
CA GLY C 359 -8.71 -7.84 -26.05
C GLY C 359 -9.58 -6.64 -26.40
N GLU C 360 -9.92 -5.86 -25.37
CA GLU C 360 -10.63 -4.61 -25.55
C GLU C 360 -10.03 -3.55 -24.64
N LYS C 361 -10.20 -2.28 -25.02
CA LYS C 361 -9.69 -1.17 -24.23
C LYS C 361 -10.53 -0.98 -22.96
N ASP C 362 -11.66 -0.30 -23.13
CA ASP C 362 -12.56 0.00 -22.01
C ASP C 362 -13.90 -0.72 -22.18
N THR C 363 -13.84 -2.04 -22.28
CA THR C 363 -15.06 -2.85 -22.35
C THR C 363 -15.31 -3.56 -21.02
N TYR C 364 -16.54 -3.46 -20.51
CA TYR C 364 -16.91 -4.06 -19.24
C TYR C 364 -17.88 -5.23 -19.40
N SER C 365 -17.68 -6.26 -18.58
CA SER C 365 -18.45 -7.50 -18.66
C SER C 365 -18.99 -7.88 -17.28
N TYR C 366 -20.30 -8.09 -17.18
CA TYR C 366 -20.91 -8.55 -15.94
C TYR C 366 -20.46 -9.97 -15.60
N LEU C 367 -20.60 -10.34 -14.33
CA LEU C 367 -20.22 -11.66 -13.84
C LEU C 367 -21.39 -12.32 -13.11
N ALA C 368 -22.00 -13.30 -13.76
CA ALA C 368 -23.19 -13.96 -13.22
C ALA C 368 -22.89 -14.94 -12.08
N VAL D 22 -31.61 10.17 40.21
CA VAL D 22 -32.22 9.82 38.93
C VAL D 22 -33.63 9.27 39.09
N LYS D 23 -34.60 9.93 38.47
CA LYS D 23 -35.98 9.48 38.56
C LYS D 23 -36.40 8.79 37.26
N LYS D 24 -36.22 9.47 36.13
CA LYS D 24 -36.60 8.91 34.85
C LYS D 24 -35.44 8.92 33.86
N TRP D 25 -35.54 8.09 32.83
CA TRP D 25 -34.51 8.00 31.80
C TRP D 25 -35.03 7.27 30.55
N ASN D 26 -35.32 8.05 29.51
CA ASN D 26 -35.73 7.51 28.21
C ASN D 26 -34.50 7.33 27.30
N ALA D 27 -34.10 6.08 27.08
CA ALA D 27 -32.96 5.75 26.23
C ALA D 27 -33.41 5.33 24.83
N VAL D 28 -32.47 5.29 23.90
CA VAL D 28 -32.78 4.99 22.50
C VAL D 28 -31.63 4.21 21.85
N ALA D 29 -31.88 2.96 21.49
CA ALA D 29 -30.84 2.14 20.89
C ALA D 29 -31.27 1.48 19.57
N LEU D 30 -30.29 1.23 18.70
CA LEU D 30 -30.52 0.54 17.44
C LEU D 30 -30.26 -0.96 17.60
N TRP D 31 -31.06 -1.78 16.92
CA TRP D 31 -30.82 -3.22 16.89
C TRP D 31 -30.43 -3.66 15.49
N ALA D 32 -29.44 -4.53 15.40
CA ALA D 32 -29.07 -5.10 14.12
C ALA D 32 -28.47 -6.47 14.36
N TRP D 33 -28.38 -7.28 13.31
CA TRP D 33 -27.84 -8.62 13.46
C TRP D 33 -26.38 -8.55 13.79
N ASP D 34 -25.95 -9.43 14.68
CA ASP D 34 -24.59 -9.38 15.16
C ASP D 34 -23.69 -10.26 14.34
N ILE D 35 -22.60 -9.69 13.84
CA ILE D 35 -21.59 -10.48 13.18
C ILE D 35 -20.28 -10.43 13.94
N VAL D 36 -19.97 -11.53 14.63
CA VAL D 36 -18.70 -11.63 15.34
C VAL D 36 -17.57 -11.96 14.37
N VAL D 37 -16.59 -11.08 14.29
CA VAL D 37 -15.46 -11.29 13.41
C VAL D 37 -14.18 -11.34 14.23
N ASP D 38 -13.62 -12.54 14.40
CA ASP D 38 -12.36 -12.68 15.09
C ASP D 38 -11.21 -12.92 14.12
N ASN D 39 -11.49 -12.75 12.83
CA ASN D 39 -10.52 -13.09 11.81
C ASN D 39 -10.11 -11.94 10.92
N CYS D 40 -8.93 -12.07 10.33
CA CYS D 40 -8.49 -11.19 9.27
C CYS D 40 -9.28 -11.51 8.01
N ALA D 41 -10.23 -10.66 7.67
CA ALA D 41 -11.06 -10.94 6.52
C ALA D 41 -10.21 -11.31 5.31
N ILE D 42 -8.94 -10.94 5.31
CA ILE D 42 -8.12 -11.11 4.11
C ILE D 42 -7.53 -12.51 3.93
N CYS D 43 -6.85 -13.03 4.95
CA CYS D 43 -6.20 -14.34 4.88
C CYS D 43 -6.92 -15.30 5.78
N ARG D 44 -7.92 -14.77 6.45
CA ARG D 44 -8.97 -15.55 7.11
C ARG D 44 -8.66 -16.12 8.50
N ASN D 45 -7.45 -15.97 9.02
CA ASN D 45 -7.20 -16.54 10.34
C ASN D 45 -7.05 -15.48 11.42
N HIS D 46 -7.06 -15.92 12.67
CA HIS D 46 -7.29 -15.05 13.84
C HIS D 46 -6.50 -13.75 13.86
N ILE D 47 -7.10 -12.65 14.31
CA ILE D 47 -6.41 -11.37 14.32
C ILE D 47 -5.26 -11.39 15.31
N MET D 48 -5.33 -12.30 16.25
CA MET D 48 -4.42 -12.33 17.37
C MET D 48 -3.14 -13.07 17.05
N ASP D 49 -3.19 -13.96 16.06
CA ASP D 49 -2.00 -14.72 15.70
C ASP D 49 -1.42 -14.32 14.34
N LEU D 50 -0.40 -15.04 13.90
CA LEU D 50 0.36 -14.67 12.71
C LEU D 50 -0.51 -14.66 11.45
N CYS D 51 -0.08 -13.95 10.42
CA CYS D 51 -0.81 -13.96 9.15
C CYS D 51 -0.40 -15.17 8.36
N ILE D 52 -1.09 -15.42 7.26
CA ILE D 52 -0.79 -16.56 6.42
C ILE D 52 0.69 -16.58 5.96
N GLU D 53 1.20 -15.46 5.43
CA GLU D 53 2.56 -15.40 4.93
C GLU D 53 3.62 -15.65 6.02
N CYS D 54 3.38 -15.14 7.22
CA CYS D 54 4.36 -15.27 8.29
C CYS D 54 4.49 -16.71 8.81
N GLN D 55 3.43 -17.49 8.60
CA GLN D 55 3.38 -18.86 9.08
C GLN D 55 4.16 -19.64 8.09
N ALA D 56 4.32 -19.04 6.91
CA ALA D 56 5.17 -19.59 5.88
C ALA D 56 6.65 -19.42 6.26
N ASN D 57 6.96 -18.47 7.13
CA ASN D 57 8.33 -18.31 7.62
C ASN D 57 8.60 -18.90 9.02
N GLN D 58 7.59 -19.55 9.59
CA GLN D 58 7.72 -20.23 10.88
C GLN D 58 8.17 -19.30 12.00
N ALA D 59 7.45 -18.20 12.21
CA ALA D 59 7.84 -17.21 13.21
C ALA D 59 6.97 -17.24 14.46
N GLU D 64 5.98 -11.54 16.84
CA GLU D 64 7.11 -11.13 15.99
C GLU D 64 6.90 -9.74 15.38
N GLU D 65 6.77 -9.69 14.06
CA GLU D 65 6.54 -8.43 13.38
C GLU D 65 5.11 -8.33 12.83
N CYS D 66 4.28 -9.35 13.06
CA CYS D 66 2.93 -9.33 12.49
C CYS D 66 1.98 -8.48 13.33
N THR D 67 1.97 -7.18 13.05
CA THR D 67 1.08 -6.26 13.74
C THR D 67 -0.24 -6.13 13.00
N VAL D 68 -1.24 -5.55 13.66
CA VAL D 68 -2.50 -5.29 12.99
C VAL D 68 -2.65 -3.80 12.76
N ALA D 69 -3.47 -3.47 11.78
CA ALA D 69 -3.68 -2.10 11.40
C ALA D 69 -5.15 -1.82 11.48
N TRP D 70 -5.48 -0.56 11.71
CA TRP D 70 -6.86 -0.14 11.81
C TRP D 70 -7.08 0.92 10.78
N GLY D 71 -8.30 1.05 10.31
CA GLY D 71 -8.62 2.08 9.35
C GLY D 71 -9.50 3.14 9.99
N VAL D 72 -9.84 4.16 9.24
CA VAL D 72 -10.73 5.19 9.76
C VAL D 72 -12.15 4.66 9.87
N CYS D 73 -12.39 3.55 9.17
CA CYS D 73 -13.62 2.78 9.23
C CYS D 73 -13.66 1.94 10.51
N ASN D 74 -12.53 1.89 11.19
CA ASN D 74 -12.38 1.14 12.43
C ASN D 74 -12.33 -0.38 12.27
N HIS D 75 -12.16 -0.86 11.04
CA HIS D 75 -11.91 -2.28 10.80
C HIS D 75 -10.45 -2.55 11.03
N ALA D 76 -10.08 -3.81 11.08
CA ALA D 76 -8.70 -4.16 11.34
C ALA D 76 -8.31 -5.41 10.57
N PHE D 77 -7.07 -5.39 10.08
CA PHE D 77 -6.49 -6.52 9.37
C PHE D 77 -5.04 -6.61 9.77
N HIS D 78 -4.43 -7.77 9.54
CA HIS D 78 -2.99 -7.90 9.69
C HIS D 78 -2.36 -6.85 8.80
N PHE D 79 -1.31 -6.21 9.27
CA PHE D 79 -0.69 -5.17 8.44
C PHE D 79 -0.22 -5.72 7.10
N HIS D 80 0.49 -6.85 7.14
CA HIS D 80 0.96 -7.55 5.95
C HIS D 80 -0.13 -7.83 4.94
N CYS D 81 -1.29 -8.20 5.45
CA CYS D 81 -2.38 -8.58 4.57
C CYS D 81 -2.98 -7.37 3.88
N ILE D 82 -3.41 -6.38 4.65
CA ILE D 82 -3.98 -5.19 4.08
C ILE D 82 -3.06 -4.57 3.02
N SER D 83 -1.76 -4.83 3.16
CA SER D 83 -0.79 -4.32 2.19
C SER D 83 -0.87 -5.05 0.85
N ARG D 84 -0.83 -6.39 0.86
CA ARG D 84 -1.13 -7.13 -0.35
C ARG D 84 -2.38 -6.57 -1.00
N TRP D 85 -3.44 -6.47 -0.19
CA TRP D 85 -4.74 -6.04 -0.69
C TRP D 85 -4.58 -4.78 -1.51
N LEU D 86 -3.92 -3.78 -0.93
CA LEU D 86 -3.74 -2.49 -1.59
C LEU D 86 -3.02 -2.55 -2.93
N LYS D 87 -2.31 -3.64 -3.19
CA LYS D 87 -1.64 -3.78 -4.48
C LYS D 87 -2.65 -3.93 -5.62
N THR D 88 -3.86 -4.38 -5.33
CA THR D 88 -4.84 -4.65 -6.38
C THR D 88 -6.20 -3.98 -6.16
N ARG D 89 -6.54 -3.69 -4.91
CA ARG D 89 -7.82 -3.08 -4.54
C ARG D 89 -7.69 -1.94 -3.56
N GLN D 90 -8.57 -0.97 -3.68
CA GLN D 90 -8.51 0.25 -2.88
C GLN D 90 -9.61 0.33 -1.84
N VAL D 91 -10.62 -0.53 -1.95
CA VAL D 91 -11.73 -0.51 -1.00
C VAL D 91 -11.45 -1.43 0.17
N CYS D 92 -11.83 -0.98 1.36
CA CYS D 92 -11.82 -1.82 2.53
C CYS D 92 -12.56 -3.10 2.20
N PRO D 93 -11.99 -4.22 2.65
CA PRO D 93 -12.58 -5.53 2.44
C PRO D 93 -13.97 -5.69 3.11
N LEU D 94 -14.36 -4.75 3.96
CA LEU D 94 -15.59 -4.86 4.77
C LEU D 94 -16.54 -3.66 4.67
N ASP D 95 -16.28 -2.74 3.76
CA ASP D 95 -17.23 -1.65 3.54
C ASP D 95 -17.02 -1.04 2.16
N ASN D 96 -17.73 0.04 1.89
CA ASN D 96 -17.73 0.62 0.56
C ASN D 96 -16.68 1.72 0.38
N ARG D 97 -16.08 2.15 1.48
CA ARG D 97 -15.13 3.25 1.45
C ARG D 97 -13.73 2.81 1.04
N GLU D 98 -12.91 3.78 0.66
CA GLU D 98 -11.51 3.51 0.40
C GLU D 98 -10.81 3.33 1.74
N TRP D 99 -9.68 2.63 1.74
CA TRP D 99 -8.95 2.37 2.98
C TRP D 99 -8.20 3.61 3.45
N GLU D 100 -7.99 3.75 4.75
CA GLU D 100 -7.17 4.82 5.32
C GLU D 100 -6.63 4.39 6.67
N PHE D 101 -5.33 4.16 6.76
CA PHE D 101 -4.74 3.85 8.06
C PHE D 101 -5.06 4.98 9.01
N GLN D 102 -5.11 4.69 10.31
CA GLN D 102 -5.72 5.64 11.21
C GLN D 102 -4.75 6.40 12.08
N LYS D 103 -5.23 7.53 12.60
CA LYS D 103 -4.62 8.26 13.71
C LYS D 103 -3.08 8.36 13.66
N TYR D 104 -2.44 8.07 14.80
CA TYR D 104 -0.97 8.11 14.91
C TYR D 104 -0.40 6.72 15.21
N SER E 10 -15.34 29.90 -25.57
CA SER E 10 -14.99 31.31 -25.65
C SER E 10 -13.58 31.60 -25.08
N PRO E 11 -13.28 31.13 -23.86
CA PRO E 11 -11.89 31.29 -23.40
C PRO E 11 -10.92 30.55 -24.31
N GLU E 12 -11.34 29.39 -24.82
CA GLU E 12 -10.55 28.66 -25.81
C GLU E 12 -10.67 29.26 -27.20
N GLU E 13 -11.90 29.35 -27.71
CA GLU E 13 -12.15 29.94 -29.02
C GLU E 13 -11.30 31.19 -29.24
N LEU E 14 -11.35 32.08 -28.25
CA LEU E 14 -10.62 33.35 -28.28
C LEU E 14 -9.11 33.13 -28.45
N ALA E 15 -8.63 31.97 -28.01
CA ALA E 15 -7.22 31.64 -28.17
C ALA E 15 -6.94 31.01 -29.55
N ARG E 16 -7.92 30.31 -30.11
CA ARG E 16 -7.81 29.70 -31.43
C ARG E 16 -7.96 30.76 -32.54
N TYR E 17 -8.48 31.92 -32.16
CA TYR E 17 -8.68 33.03 -33.10
C TYR E 17 -7.38 33.79 -33.31
N CYS E 18 -6.68 34.06 -32.22
CA CYS E 18 -5.41 34.78 -32.29
C CYS E 18 -4.35 33.93 -32.96
N ASP E 19 -4.57 32.61 -32.94
CA ASP E 19 -3.74 31.68 -33.69
C ASP E 19 -4.12 31.84 -35.16
N SER E 20 -5.40 31.96 -35.42
CA SER E 20 -5.94 32.17 -36.76
C SER E 20 -5.34 33.43 -37.42
N LEU E 21 -5.12 34.47 -36.62
CA LEU E 21 -4.52 35.72 -37.12
C LEU E 21 -3.00 35.63 -37.28
N LEU E 22 -2.31 35.24 -36.20
CA LEU E 22 -0.84 35.20 -36.18
C LEU E 22 -0.23 34.02 -36.94
N LYS E 23 -1.08 33.09 -37.39
CA LYS E 23 -0.64 31.95 -38.18
C LYS E 23 -0.60 32.28 -39.67
N LYS E 24 0.51 31.94 -40.33
CA LYS E 24 0.64 32.15 -41.77
C LYS E 24 -0.56 31.58 -42.52
N SER E 25 -1.48 32.48 -42.86
CA SER E 25 -2.65 32.16 -43.69
C SER E 25 -2.53 32.93 -44.99
N SER E 26 -3.34 32.56 -45.99
CA SER E 26 -3.30 33.20 -47.31
C SER E 26 -3.89 34.62 -47.31
N LYS E 27 -4.91 34.83 -46.48
CA LYS E 27 -5.54 36.14 -46.32
C LYS E 27 -4.85 36.95 -45.22
N ASN E 28 -4.01 37.90 -45.64
CA ASN E 28 -3.19 38.69 -44.73
C ASN E 28 -3.43 40.20 -44.86
N PRO E 29 -4.11 40.79 -43.85
CA PRO E 29 -4.42 42.24 -43.81
C PRO E 29 -3.19 43.09 -43.46
N GLU E 30 -3.25 44.38 -43.78
CA GLU E 30 -2.18 45.32 -43.44
C GLU E 30 -1.96 45.30 -41.93
N GLU E 31 -0.73 45.62 -41.50
CA GLU E 31 -0.39 45.63 -40.07
C GLU E 31 -1.26 46.63 -39.28
N ALA E 32 -1.65 47.72 -39.94
CA ALA E 32 -2.55 48.72 -39.35
C ALA E 32 -3.91 48.13 -38.99
N GLU E 33 -4.27 47.06 -39.70
CA GLU E 33 -5.58 46.40 -39.55
C GLU E 33 -5.55 45.19 -38.60
N LEU E 34 -4.37 44.61 -38.38
CA LEU E 34 -4.21 43.59 -37.35
C LEU E 34 -3.97 44.25 -36.00
N GLU E 35 -2.97 45.16 -35.94
CA GLU E 35 -2.62 45.86 -34.70
C GLU E 35 -3.83 46.45 -33.99
N ASP E 36 -4.80 46.91 -34.78
CA ASP E 36 -6.04 47.46 -34.22
C ASP E 36 -7.10 46.38 -34.03
N THR E 37 -6.90 45.21 -34.62
CA THR E 37 -7.82 44.08 -34.40
C THR E 37 -7.45 43.27 -33.16
N LEU E 38 -6.17 43.27 -32.79
CA LEU E 38 -5.69 42.61 -31.58
C LEU E 38 -6.15 43.36 -30.33
N ASN E 39 -6.25 44.68 -30.44
CA ASN E 39 -6.74 45.54 -29.35
C ASN E 39 -8.20 45.20 -28.97
N GLN E 40 -8.99 44.80 -29.97
CA GLN E 40 -10.38 44.41 -29.78
C GLN E 40 -10.46 43.01 -29.19
N VAL E 41 -9.55 42.15 -29.64
CA VAL E 41 -9.43 40.79 -29.14
C VAL E 41 -8.94 40.82 -27.71
N MET E 42 -8.01 41.74 -27.45
CA MET E 42 -7.46 41.96 -26.11
C MET E 42 -8.53 42.44 -25.15
N GLU E 43 -9.38 43.37 -25.61
CA GLU E 43 -10.45 43.90 -24.78
C GLU E 43 -11.50 42.81 -24.49
N LYS E 44 -11.70 41.90 -25.45
CA LYS E 44 -12.59 40.76 -25.28
C LYS E 44 -12.05 39.81 -24.20
N PHE E 45 -10.71 39.69 -24.13
CA PHE E 45 -10.04 38.88 -23.10
C PHE E 45 -10.22 39.47 -21.70
N LYS E 46 -9.91 40.75 -21.56
CA LYS E 46 -10.15 41.48 -20.32
C LYS E 46 -11.48 41.03 -19.71
N LYS E 47 -12.42 40.69 -20.59
CA LYS E 47 -13.81 40.39 -20.25
C LYS E 47 -14.12 38.94 -19.91
N ILE E 48 -13.22 38.03 -20.30
CA ILE E 48 -13.33 36.61 -19.92
C ILE E 48 -13.00 36.46 -18.44
N GLU E 49 -13.46 35.35 -17.85
CA GLU E 49 -13.26 35.10 -16.42
C GLU E 49 -12.08 34.17 -16.17
N ASP E 50 -12.13 32.99 -16.79
CA ASP E 50 -11.02 32.07 -16.69
C ASP E 50 -9.88 32.48 -17.59
N LYS E 51 -9.04 33.37 -17.07
CA LYS E 51 -7.89 33.89 -17.80
C LYS E 51 -6.86 32.78 -18.08
N ASP E 52 -6.61 31.93 -17.08
CA ASP E 52 -5.65 30.84 -17.23
C ASP E 52 -5.88 30.00 -18.48
N VAL E 53 -7.12 29.58 -18.72
CA VAL E 53 -7.48 28.79 -19.90
C VAL E 53 -7.02 29.41 -21.22
N PHE E 54 -7.45 30.64 -21.48
CA PHE E 54 -7.01 31.34 -22.68
C PHE E 54 -5.49 31.39 -22.70
N GLN E 55 -4.91 31.68 -21.55
CA GLN E 55 -3.47 31.87 -21.45
C GLN E 55 -2.69 30.64 -21.87
N LYS E 56 -3.06 29.48 -21.31
CA LYS E 56 -2.37 28.22 -21.62
C LYS E 56 -2.50 27.86 -23.09
N PHE E 57 -3.74 27.90 -23.60
CA PHE E 57 -3.97 27.65 -25.01
C PHE E 57 -3.17 28.58 -25.91
N TYR E 58 -3.22 29.89 -25.64
CA TYR E 58 -2.52 30.83 -26.50
C TYR E 58 -1.05 30.45 -26.55
N ALA E 59 -0.56 29.90 -25.45
CA ALA E 59 0.82 29.43 -25.34
C ALA E 59 1.05 28.22 -26.24
N LYS E 60 0.25 27.18 -26.05
CA LYS E 60 0.34 26.00 -26.88
C LYS E 60 0.33 26.41 -28.34
N MET E 61 -0.52 27.37 -28.68
CA MET E 61 -0.65 27.81 -30.07
C MET E 61 0.66 28.41 -30.51
N LEU E 62 1.15 29.34 -29.71
CA LEU E 62 2.41 30.01 -29.97
C LEU E 62 3.56 29.03 -30.06
N ALA E 63 3.50 27.99 -29.23
CA ALA E 63 4.50 26.95 -29.24
C ALA E 63 4.52 26.23 -30.58
N LYS E 64 3.34 25.86 -31.05
CA LYS E 64 3.19 25.16 -32.33
C LYS E 64 3.70 25.99 -33.51
N ARG E 65 3.51 27.30 -33.41
CA ARG E 65 3.91 28.21 -34.48
C ARG E 65 5.43 28.39 -34.60
N LEU E 66 6.13 28.28 -33.48
CA LEU E 66 7.57 28.52 -33.46
C LEU E 66 8.37 27.30 -33.89
N VAL E 67 7.83 26.12 -33.60
CA VAL E 67 8.49 24.88 -33.99
C VAL E 67 8.36 24.64 -35.49
N HIS E 68 7.18 24.96 -36.03
CA HIS E 68 6.90 24.69 -37.44
C HIS E 68 7.17 25.88 -38.37
N GLN E 69 7.75 26.95 -37.84
CA GLN E 69 8.03 28.14 -38.63
C GLN E 69 6.75 28.71 -39.26
N ASN E 70 5.61 28.34 -38.69
CA ASN E 70 4.30 28.79 -39.14
C ASN E 70 3.89 30.10 -38.49
N SER E 71 4.86 30.99 -38.30
CA SER E 71 4.63 32.28 -37.69
C SER E 71 4.32 33.34 -38.74
N ALA E 72 3.16 33.98 -38.63
CA ALA E 72 2.77 35.01 -39.59
C ALA E 72 3.88 36.06 -39.74
N SER E 73 4.09 36.85 -38.68
CA SER E 73 5.19 37.82 -38.65
C SER E 73 5.87 37.87 -37.28
N ASP E 74 7.20 37.98 -37.28
CA ASP E 74 7.95 38.01 -36.02
C ASP E 74 7.80 39.33 -35.29
N ASP E 75 6.99 40.24 -35.85
CA ASP E 75 6.75 41.53 -35.24
C ASP E 75 5.36 41.59 -34.64
N ALA E 76 4.42 40.91 -35.28
CA ALA E 76 3.05 40.82 -34.80
C ALA E 76 3.00 39.97 -33.52
N GLU E 77 3.87 38.96 -33.47
CA GLU E 77 3.98 38.06 -32.33
C GLU E 77 4.30 38.80 -31.05
N ALA E 78 5.36 39.61 -31.10
CA ALA E 78 5.81 40.39 -29.95
C ALA E 78 4.80 41.48 -29.59
N SER E 79 4.03 41.91 -30.59
CA SER E 79 3.00 42.95 -30.42
C SER E 79 1.86 42.49 -29.54
N MET E 80 1.47 41.23 -29.76
CA MET E 80 0.44 40.59 -28.97
C MET E 80 0.97 40.17 -27.61
N ILE E 81 2.28 39.95 -27.52
CA ILE E 81 2.91 39.57 -26.25
C ILE E 81 3.02 40.78 -25.31
N SER E 82 3.46 41.92 -25.82
CA SER E 82 3.59 43.16 -25.03
C SER E 82 2.23 43.63 -24.52
N LYS E 83 1.18 43.36 -25.29
CA LYS E 83 -0.17 43.64 -24.84
C LYS E 83 -0.56 42.68 -23.72
N LEU E 84 -0.09 41.44 -23.82
CA LEU E 84 -0.32 40.43 -22.78
C LEU E 84 0.63 40.62 -21.60
N LYS E 85 1.72 41.33 -21.84
CA LYS E 85 2.64 41.76 -20.78
C LYS E 85 1.88 42.71 -19.85
N GLN E 86 1.17 43.67 -20.46
CA GLN E 86 0.28 44.59 -19.74
C GLN E 86 -1.17 44.09 -19.74
N ALA E 87 -1.36 42.79 -19.99
CA ALA E 87 -2.67 42.16 -19.91
C ALA E 87 -2.74 41.16 -18.74
N CYS E 88 -1.68 40.37 -18.59
CA CYS E 88 -1.61 39.37 -17.54
C CYS E 88 -0.46 39.68 -16.58
N GLY E 89 0.77 39.44 -17.02
CA GLY E 89 1.93 39.78 -16.21
C GLY E 89 3.22 39.26 -16.79
N PHE E 90 4.30 39.46 -16.05
CA PHE E 90 5.59 38.88 -16.44
C PHE E 90 5.74 37.52 -15.76
N GLU E 91 4.62 36.83 -15.58
CA GLU E 91 4.64 35.46 -15.08
C GLU E 91 3.67 34.61 -15.90
N TYR E 92 2.92 35.27 -16.78
CA TYR E 92 1.98 34.59 -17.68
C TYR E 92 2.53 34.64 -19.09
N THR E 93 3.50 35.52 -19.29
CA THR E 93 4.07 35.79 -20.61
C THR E 93 5.58 35.69 -20.56
N SER E 94 6.13 35.71 -19.35
CA SER E 94 7.56 35.52 -19.19
C SER E 94 7.92 34.19 -19.82
N LYS E 95 7.00 33.24 -19.74
CA LYS E 95 7.21 31.89 -20.27
C LYS E 95 7.29 31.87 -21.79
N LEU E 96 6.60 32.80 -22.44
CA LEU E 96 6.62 32.90 -23.90
C LEU E 96 7.98 33.37 -24.38
N GLN E 97 8.46 34.47 -23.79
CA GLN E 97 9.76 35.03 -24.15
C GLN E 97 10.88 34.01 -23.93
N ARG E 98 10.63 33.04 -23.07
CA ARG E 98 11.60 31.97 -22.81
C ARG E 98 11.62 30.95 -23.95
N MET E 99 10.48 30.82 -24.63
CA MET E 99 10.36 29.93 -25.79
C MET E 99 11.03 30.57 -26.98
N PHE E 100 10.90 31.87 -27.11
CA PHE E 100 11.60 32.57 -28.17
C PHE E 100 13.11 32.44 -27.94
N GLN E 101 13.54 32.78 -26.73
CA GLN E 101 14.96 32.71 -26.39
C GLN E 101 15.49 31.31 -26.67
N ASP E 102 14.72 30.32 -26.26
CA ASP E 102 15.12 28.93 -26.39
C ASP E 102 15.21 28.54 -27.86
N ILE E 103 14.22 28.93 -28.65
CA ILE E 103 14.25 28.50 -30.03
C ILE E 103 15.45 29.09 -30.73
N GLY E 104 15.92 30.21 -30.20
CA GLY E 104 17.13 30.82 -30.69
C GLY E 104 18.31 29.92 -30.39
N VAL E 105 18.45 29.54 -29.13
CA VAL E 105 19.54 28.64 -28.73
C VAL E 105 19.49 27.36 -29.54
N SER E 106 18.28 26.98 -29.95
CA SER E 106 18.08 25.79 -30.76
C SER E 106 18.66 25.97 -32.14
N LYS E 107 18.26 27.04 -32.82
CA LYS E 107 18.78 27.30 -34.15
C LYS E 107 20.29 27.43 -34.11
N ASP E 108 20.80 28.07 -33.06
CA ASP E 108 22.23 28.22 -32.87
C ASP E 108 22.89 26.83 -32.87
N LEU E 109 22.29 25.91 -32.13
CA LEU E 109 22.88 24.60 -31.88
C LEU E 109 22.94 23.72 -33.14
N ASN E 110 21.90 23.79 -33.96
CA ASN E 110 21.83 23.06 -35.23
C ASN E 110 22.95 23.48 -36.18
N GLU E 111 23.26 24.77 -36.20
CA GLU E 111 24.42 25.24 -36.94
C GLU E 111 25.70 24.62 -36.36
N GLN E 112 25.84 24.62 -35.05
CA GLN E 112 27.01 24.00 -34.41
C GLN E 112 27.15 22.54 -34.87
N PHE E 113 26.01 21.90 -35.13
CA PHE E 113 26.01 20.47 -35.47
C PHE E 113 26.41 20.19 -36.92
N LYS E 114 25.90 20.97 -37.86
CA LYS E 114 26.34 20.88 -39.25
C LYS E 114 27.86 21.11 -39.33
N LYS E 115 28.31 22.23 -38.75
CA LYS E 115 29.72 22.61 -38.76
C LYS E 115 30.60 21.50 -38.14
N HIS E 116 30.00 20.70 -37.27
CA HIS E 116 30.67 19.56 -36.68
C HIS E 116 30.55 18.36 -37.60
N LEU E 117 29.51 18.37 -38.42
CA LEU E 117 29.23 17.30 -39.38
C LEU E 117 30.24 17.40 -40.53
N THR E 118 30.77 18.61 -40.71
CA THR E 118 31.74 18.90 -41.75
C THR E 118 33.13 18.45 -41.34
N ASN E 119 33.19 17.38 -40.53
CA ASN E 119 34.48 16.84 -40.14
C ASN E 119 34.72 15.45 -40.68
N SER E 120 33.90 14.49 -40.28
CA SER E 120 34.06 13.12 -40.73
C SER E 120 32.71 12.43 -40.80
N GLU E 121 31.69 13.20 -41.17
CA GLU E 121 30.33 12.72 -40.98
C GLU E 121 29.40 12.97 -42.16
N PRO E 122 29.52 12.14 -43.20
CA PRO E 122 28.53 12.22 -44.27
C PRO E 122 27.19 11.69 -43.74
N LEU E 123 26.18 12.54 -43.70
CA LEU E 123 24.84 12.04 -43.42
C LEU E 123 24.16 11.56 -44.70
N ASP E 124 23.25 10.60 -44.54
CA ASP E 124 22.48 10.00 -45.64
C ASP E 124 21.35 10.90 -46.15
N LEU E 125 21.02 11.92 -45.37
CA LEU E 125 19.91 12.81 -45.69
C LEU E 125 20.17 14.23 -45.17
N ASP E 126 19.18 15.10 -45.39
CA ASP E 126 19.17 16.44 -44.81
C ASP E 126 18.60 16.34 -43.41
N PHE E 127 19.48 16.29 -42.42
CA PHE E 127 19.07 16.27 -41.03
C PHE E 127 18.84 17.68 -40.51
N SER E 128 18.11 17.78 -39.42
CA SER E 128 17.75 19.03 -38.81
C SER E 128 17.06 18.68 -37.50
N ILE E 129 17.25 19.50 -36.47
CA ILE E 129 16.68 19.22 -35.17
C ILE E 129 16.55 20.49 -34.35
N GLN E 130 15.53 20.53 -33.49
CA GLN E 130 15.34 21.66 -32.59
C GLN E 130 15.29 21.15 -31.15
N VAL E 131 16.32 21.48 -30.37
CA VAL E 131 16.42 21.02 -28.98
C VAL E 131 15.93 22.06 -27.98
N LEU E 132 14.73 21.84 -27.45
CA LEU E 132 14.07 22.78 -26.55
C LEU E 132 14.02 22.30 -25.09
N SER E 133 14.04 23.23 -24.15
CA SER E 133 14.06 22.92 -22.73
C SER E 133 12.70 22.44 -22.22
N SER E 134 12.70 21.26 -21.60
CA SER E 134 11.48 20.61 -21.13
C SER E 134 10.69 21.49 -20.17
N GLY E 135 11.37 22.40 -19.50
CA GLY E 135 10.71 23.28 -18.55
C GLY E 135 10.17 24.56 -19.14
N SER E 136 9.86 24.56 -20.44
CA SER E 136 9.36 25.76 -21.12
C SER E 136 8.19 25.47 -22.05
N TRP E 137 8.32 24.39 -22.81
CA TRP E 137 7.38 24.04 -23.86
C TRP E 137 6.34 23.02 -23.40
N PRO E 138 5.07 23.30 -23.68
CA PRO E 138 3.91 22.47 -23.34
C PRO E 138 3.77 21.23 -24.23
N PHE E 139 4.86 20.51 -24.47
CA PHE E 139 4.77 19.27 -25.25
C PHE E 139 4.95 18.05 -24.34
N GLN E 140 4.52 16.89 -24.86
CA GLN E 140 4.57 15.63 -24.11
C GLN E 140 5.23 14.52 -24.90
N GLN E 141 5.76 13.53 -24.19
CA GLN E 141 6.45 12.40 -24.80
C GLN E 141 5.68 11.74 -25.97
N SER E 142 6.41 11.25 -26.96
CA SER E 142 5.82 10.49 -28.06
C SER E 142 5.33 9.14 -27.56
N CYS E 143 4.73 8.37 -28.46
CA CYS E 143 4.18 7.08 -28.08
C CYS E 143 4.79 5.93 -28.88
N THR E 144 5.45 5.02 -28.18
CA THR E 144 6.03 3.80 -28.76
C THR E 144 6.35 3.93 -30.25
N PHE E 145 7.42 4.65 -30.58
CA PHE E 145 7.79 4.78 -31.97
C PHE E 145 8.99 3.92 -32.31
N ALA E 146 8.82 3.09 -33.33
CA ALA E 146 9.91 2.28 -33.83
C ALA E 146 10.71 3.10 -34.81
N LEU E 147 11.83 3.65 -34.35
CA LEU E 147 12.67 4.48 -35.18
C LEU E 147 13.16 3.75 -36.44
N PRO E 148 12.62 4.12 -37.63
CA PRO E 148 12.98 3.45 -38.89
C PRO E 148 14.49 3.38 -39.15
N SER E 149 14.91 2.44 -39.99
CA SER E 149 16.34 2.22 -40.24
C SER E 149 17.04 3.45 -40.84
N GLU E 150 16.37 4.08 -41.82
CA GLU E 150 16.91 5.25 -42.52
C GLU E 150 17.28 6.38 -41.56
N LEU E 151 16.56 6.45 -40.44
CA LEU E 151 16.72 7.53 -39.48
C LEU E 151 17.58 7.13 -38.29
N GLU E 152 17.99 5.85 -38.24
CA GLU E 152 18.77 5.34 -37.12
C GLU E 152 20.16 5.95 -37.07
N ARG E 153 20.82 6.02 -38.22
CA ARG E 153 22.09 6.75 -38.34
C ARG E 153 21.93 8.14 -37.76
N SER E 154 20.97 8.90 -38.27
CA SER E 154 20.76 10.29 -37.86
C SER E 154 20.30 10.37 -36.42
N TYR E 155 19.86 9.26 -35.86
CA TYR E 155 19.46 9.28 -34.46
C TYR E 155 20.73 9.35 -33.59
N GLN E 156 21.43 8.23 -33.45
CA GLN E 156 22.58 8.12 -32.55
C GLN E 156 23.78 9.00 -32.91
N ARG E 157 23.84 9.47 -34.15
CA ARG E 157 24.86 10.41 -34.56
C ARG E 157 24.74 11.74 -33.81
N PHE E 158 23.51 12.20 -33.62
CA PHE E 158 23.24 13.43 -32.85
C PHE E 158 23.16 13.15 -31.36
N THR E 159 22.62 11.99 -30.99
CA THR E 159 22.53 11.62 -29.58
C THR E 159 23.90 11.66 -28.91
N ALA E 160 24.91 11.23 -29.65
CA ALA E 160 26.28 11.14 -29.13
C ALA E 160 26.95 12.52 -29.10
N PHE E 161 26.54 13.38 -30.02
CA PHE E 161 27.02 14.76 -30.09
C PHE E 161 26.54 15.59 -28.90
N TYR E 162 25.26 15.48 -28.54
CA TYR E 162 24.71 16.33 -27.49
C TYR E 162 25.36 16.01 -26.13
N ALA E 163 25.95 14.82 -26.05
CA ALA E 163 26.66 14.39 -24.85
C ALA E 163 27.83 15.30 -24.54
N SER E 164 28.76 15.44 -25.49
CA SER E 164 29.89 16.35 -25.35
C SER E 164 29.40 17.79 -25.10
N ARG E 165 28.37 18.19 -25.84
CA ARG E 165 27.71 19.48 -25.69
C ARG E 165 27.54 19.97 -24.25
N HIS E 166 26.91 19.13 -23.42
CA HIS E 166 26.62 19.47 -22.04
C HIS E 166 26.77 18.20 -21.18
N SER E 167 27.23 18.37 -19.95
CA SER E 167 27.66 17.25 -19.10
C SER E 167 26.57 16.26 -18.66
N GLY E 168 25.44 16.75 -18.15
CA GLY E 168 24.43 15.85 -17.61
C GLY E 168 23.00 16.04 -18.04
N ARG E 169 22.80 16.09 -19.36
CA ARG E 169 21.48 16.34 -19.94
C ARG E 169 20.75 15.05 -20.26
N LYS E 170 19.61 15.19 -20.95
CA LYS E 170 18.78 14.05 -21.33
C LYS E 170 17.81 14.50 -22.42
N LEU E 171 17.62 13.64 -23.44
CA LEU E 171 16.86 13.99 -24.64
C LEU E 171 15.55 13.21 -24.82
N THR E 172 14.47 13.95 -25.01
CA THR E 172 13.16 13.34 -25.15
C THR E 172 12.61 13.60 -26.53
N TRP E 173 12.86 12.65 -27.44
CA TRP E 173 12.53 12.84 -28.85
C TRP E 173 11.04 12.83 -29.11
N LEU E 174 10.52 13.94 -29.63
CA LEU E 174 9.10 14.08 -29.91
C LEU E 174 8.83 13.86 -31.40
N TYR E 175 8.45 12.64 -31.75
CA TYR E 175 8.21 12.27 -33.14
C TYR E 175 6.89 12.81 -33.68
N GLN E 176 5.93 13.07 -32.79
CA GLN E 176 4.63 13.57 -33.19
C GLN E 176 4.73 15.00 -33.70
N LEU E 177 5.88 15.61 -33.45
CA LEU E 177 6.11 17.00 -33.83
C LEU E 177 7.26 17.12 -34.82
N SER E 178 7.63 15.99 -35.44
CA SER E 178 8.69 16.00 -36.43
C SER E 178 8.19 15.67 -37.84
N LYS E 179 8.58 16.52 -38.79
CA LYS E 179 8.20 16.38 -40.19
C LYS E 179 9.43 16.15 -41.05
N GLY E 180 9.21 15.78 -42.32
CA GLY E 180 10.30 15.56 -43.25
C GLY E 180 9.86 15.51 -44.70
N GLU E 181 10.77 15.11 -45.58
CA GLU E 181 10.44 14.98 -47.00
C GLU E 181 10.95 13.69 -47.63
N LEU E 182 10.07 13.07 -48.43
CA LEU E 182 10.33 11.83 -49.16
C LEU E 182 10.21 12.08 -50.66
N VAL E 183 10.98 11.32 -51.44
CA VAL E 183 10.94 11.38 -52.90
C VAL E 183 10.53 10.02 -53.47
N THR E 184 9.62 10.02 -54.42
CA THR E 184 9.02 8.77 -54.90
C THR E 184 9.63 8.23 -56.18
N ASN E 185 10.01 6.95 -56.14
CA ASN E 185 10.59 6.29 -57.31
C ASN E 185 9.66 5.22 -57.89
N CYS E 186 8.50 5.04 -57.27
CA CYS E 186 7.62 3.94 -57.64
C CYS E 186 6.41 4.39 -58.46
N PHE E 187 5.94 5.60 -58.22
CA PHE E 187 4.76 6.11 -58.95
C PHE E 187 5.14 6.49 -60.38
N LYS E 188 4.13 6.64 -61.23
CA LYS E 188 4.36 7.05 -62.61
C LYS E 188 5.35 8.22 -62.66
N ASN E 189 5.06 9.28 -61.92
CA ASN E 189 5.93 10.46 -61.92
C ASN E 189 6.94 10.54 -60.76
N ARG E 190 7.39 11.76 -60.48
CA ARG E 190 8.29 12.04 -59.37
C ARG E 190 7.65 13.12 -58.48
N TYR E 191 7.09 12.67 -57.35
CA TYR E 191 6.43 13.55 -56.40
C TYR E 191 7.27 13.70 -55.13
N THR E 192 7.39 14.94 -54.66
CA THR E 192 8.01 15.23 -53.38
C THR E 192 6.91 15.35 -52.33
N LEU E 193 7.01 14.56 -51.27
CA LEU E 193 5.97 14.53 -50.23
C LEU E 193 6.39 15.25 -48.94
N GLN E 194 5.55 16.19 -48.49
CA GLN E 194 5.72 16.79 -47.17
C GLN E 194 4.92 15.96 -46.17
N ALA E 195 5.62 15.15 -45.38
CA ALA E 195 4.98 14.22 -44.47
C ALA E 195 5.58 14.25 -43.08
N SER E 196 4.75 14.00 -42.08
CA SER E 196 5.20 13.90 -40.71
C SER E 196 6.05 12.65 -40.56
N THR E 197 6.70 12.51 -39.41
CA THR E 197 7.51 11.33 -39.15
C THR E 197 6.63 10.10 -39.11
N PHE E 198 5.47 10.23 -38.49
CA PHE E 198 4.49 9.15 -38.41
C PHE E 198 4.06 8.68 -39.79
N GLN E 199 3.95 9.63 -40.72
CA GLN E 199 3.61 9.30 -42.10
C GLN E 199 4.81 8.73 -42.87
N MET E 200 6.01 9.07 -42.43
CA MET E 200 7.24 8.51 -43.00
C MET E 200 7.51 7.08 -42.52
N ALA E 201 7.06 6.75 -41.31
CA ALA E 201 7.26 5.40 -40.75
C ALA E 201 6.41 4.33 -41.44
N ILE E 202 5.18 4.70 -41.78
CA ILE E 202 4.26 3.78 -42.45
C ILE E 202 4.50 3.66 -43.97
N LEU E 203 5.38 4.48 -44.51
CA LEU E 203 5.64 4.44 -45.95
C LEU E 203 7.00 3.80 -46.26
N LEU E 204 7.95 3.94 -45.33
CA LEU E 204 9.23 3.25 -45.45
C LEU E 204 9.04 1.75 -45.29
N GLN E 205 7.83 1.37 -44.87
CA GLN E 205 7.45 -0.04 -44.68
C GLN E 205 7.01 -0.69 -45.99
N TYR E 206 6.80 0.13 -47.03
CA TYR E 206 6.45 -0.37 -48.36
C TYR E 206 7.68 -0.52 -49.28
N ASN E 207 8.86 -0.60 -48.69
CA ASN E 207 10.12 -0.88 -49.42
C ASN E 207 10.44 -2.39 -49.54
N THR E 208 10.10 -3.15 -48.49
CA THR E 208 10.26 -4.61 -48.49
C THR E 208 9.07 -5.28 -49.20
N GLU E 209 7.86 -5.07 -48.67
CA GLU E 209 6.62 -5.57 -49.26
C GLU E 209 5.69 -4.40 -49.64
N ASP E 210 4.57 -4.69 -50.29
CA ASP E 210 3.64 -3.62 -50.69
C ASP E 210 2.17 -3.92 -50.35
N ALA E 211 1.98 -4.73 -49.31
CA ALA E 211 0.66 -4.97 -48.74
C ALA E 211 0.84 -5.28 -47.25
N TYR E 212 0.38 -4.38 -46.41
CA TYR E 212 0.46 -4.63 -44.97
C TYR E 212 -0.92 -4.65 -44.32
N THR E 213 -1.10 -5.56 -43.36
CA THR E 213 -2.27 -5.56 -42.50
C THR E 213 -1.98 -4.64 -41.32
N VAL E 214 -2.98 -3.84 -40.92
CA VAL E 214 -2.80 -2.90 -39.82
C VAL E 214 -2.08 -3.48 -38.60
N GLN E 215 -2.33 -4.75 -38.28
CA GLN E 215 -1.66 -5.44 -37.18
C GLN E 215 -0.17 -5.66 -37.42
N GLN E 216 0.20 -5.88 -38.68
CA GLN E 216 1.60 -6.02 -39.10
C GLN E 216 2.29 -4.67 -38.97
N LEU E 217 1.65 -3.63 -39.49
CA LEU E 217 2.13 -2.27 -39.39
C LEU E 217 2.42 -1.84 -37.93
N THR E 218 1.58 -2.28 -36.99
CA THR E 218 1.78 -1.94 -35.59
C THR E 218 2.89 -2.80 -34.95
N ASP E 219 3.12 -3.98 -35.52
CA ASP E 219 4.15 -4.90 -35.02
C ASP E 219 5.56 -4.49 -35.49
N SER E 220 5.61 -3.60 -36.48
CA SER E 220 6.86 -3.05 -37.00
C SER E 220 7.08 -1.58 -36.62
N THR E 221 6.08 -0.72 -36.85
CA THR E 221 6.17 0.71 -36.53
C THR E 221 5.91 1.02 -35.05
N GLN E 222 5.57 -0.01 -34.28
CA GLN E 222 5.23 0.12 -32.87
C GLN E 222 4.17 1.22 -32.61
N ILE E 223 3.58 1.77 -33.68
CA ILE E 223 2.59 2.85 -33.57
C ILE E 223 1.20 2.40 -33.07
N LYS E 224 0.85 2.88 -31.89
CA LYS E 224 -0.40 2.53 -31.20
C LYS E 224 -1.63 2.72 -32.10
N MET E 225 -2.40 1.65 -32.34
CA MET E 225 -3.47 1.69 -33.36
C MET E 225 -4.26 3.00 -33.47
N ASP E 226 -4.74 3.52 -32.34
CA ASP E 226 -5.51 4.76 -32.29
C ASP E 226 -4.97 5.85 -33.20
N ILE E 227 -3.65 6.04 -33.14
CA ILE E 227 -2.96 7.09 -33.90
C ILE E 227 -2.78 6.62 -35.36
N LEU E 228 -2.13 5.46 -35.53
CA LEU E 228 -1.98 4.81 -36.83
C LEU E 228 -3.23 4.87 -37.70
N ALA E 229 -4.39 4.60 -37.11
CA ALA E 229 -5.65 4.68 -37.85
C ALA E 229 -5.92 6.09 -38.40
N GLN E 230 -5.77 7.12 -37.57
CA GLN E 230 -5.85 8.51 -38.01
C GLN E 230 -4.80 8.89 -39.10
N VAL E 231 -3.57 8.38 -38.98
CA VAL E 231 -2.48 8.68 -39.94
C VAL E 231 -2.79 8.01 -41.25
N LEU E 232 -3.39 6.83 -41.13
CA LEU E 232 -3.83 6.03 -42.28
C LEU E 232 -5.03 6.68 -42.94
N GLN E 233 -5.85 7.36 -42.15
CA GLN E 233 -7.00 8.05 -42.69
C GLN E 233 -6.53 9.13 -43.64
N ILE E 234 -5.70 10.03 -43.13
CA ILE E 234 -5.04 11.04 -43.96
C ILE E 234 -4.42 10.42 -45.22
N LEU E 235 -3.62 9.36 -45.06
CA LEU E 235 -2.97 8.68 -46.18
C LEU E 235 -3.98 8.16 -47.19
N LEU E 236 -5.16 7.80 -46.71
CA LEU E 236 -6.20 7.37 -47.61
C LEU E 236 -6.81 8.55 -48.31
N LYS E 237 -6.96 9.67 -47.60
CA LYS E 237 -7.49 10.88 -48.23
C LYS E 237 -6.71 11.21 -49.51
N SER E 238 -5.38 11.32 -49.42
CA SER E 238 -4.55 11.55 -50.59
C SER E 238 -4.19 10.17 -51.15
N LYS E 239 -4.77 9.75 -52.28
CA LYS E 239 -4.50 8.38 -52.71
C LYS E 239 -2.99 8.09 -52.74
N LEU E 240 -2.54 7.27 -51.81
CA LEU E 240 -1.13 6.88 -51.72
C LEU E 240 -1.09 5.45 -51.24
N LEU E 241 -1.68 5.23 -50.08
CA LEU E 241 -2.05 3.91 -49.62
C LEU E 241 -3.45 3.70 -50.20
N VAL E 242 -3.96 2.48 -50.16
CA VAL E 242 -5.31 2.22 -50.69
C VAL E 242 -5.87 0.85 -50.28
N LEU E 243 -7.16 0.84 -49.94
CA LEU E 243 -7.89 -0.39 -49.59
C LEU E 243 -8.67 -0.90 -50.79
N GLU E 244 -8.56 -2.21 -51.08
CA GLU E 244 -9.17 -2.76 -52.30
C GLU E 244 -10.70 -2.64 -52.31
N ASP E 245 -11.26 -2.41 -51.13
CA ASP E 245 -12.64 -1.96 -50.99
C ASP E 245 -12.74 -0.58 -51.64
N GLU E 246 -12.77 -0.53 -52.97
CA GLU E 246 -12.78 0.76 -53.67
C GLU E 246 -14.08 1.52 -53.39
N ASN E 247 -14.91 0.91 -52.55
CA ASN E 247 -16.21 1.46 -52.18
C ASN E 247 -16.05 2.57 -51.14
N ALA E 248 -15.52 2.18 -49.98
CA ALA E 248 -15.48 3.02 -48.75
C ALA E 248 -15.40 4.54 -48.94
N ASN E 249 -16.15 5.24 -48.11
CA ASN E 249 -16.16 6.69 -48.14
C ASN E 249 -14.84 7.27 -47.67
N VAL E 250 -14.05 6.46 -46.95
CA VAL E 250 -12.68 6.84 -46.59
C VAL E 250 -12.64 7.75 -45.37
N ASP E 251 -13.82 8.15 -44.89
CA ASP E 251 -13.91 8.93 -43.65
C ASP E 251 -14.92 8.32 -42.67
N GLU E 252 -15.40 7.12 -42.99
CA GLU E 252 -16.45 6.44 -42.22
C GLU E 252 -15.97 5.10 -41.65
N VAL E 253 -15.17 4.37 -42.45
CA VAL E 253 -14.78 3.00 -42.14
C VAL E 253 -13.74 2.85 -41.03
N GLU E 254 -14.00 1.90 -40.13
CA GLU E 254 -13.10 1.64 -39.01
C GLU E 254 -12.27 0.38 -39.22
N LEU E 255 -10.95 0.57 -39.37
CA LEU E 255 -10.03 -0.52 -39.71
C LEU E 255 -9.92 -1.60 -38.64
N LYS E 256 -9.42 -2.77 -39.02
CA LYS E 256 -9.11 -3.83 -38.06
C LYS E 256 -7.65 -4.27 -38.16
N PRO E 257 -7.10 -4.90 -37.10
CA PRO E 257 -5.74 -5.45 -37.18
C PRO E 257 -5.56 -6.40 -38.37
N ASP E 258 -6.68 -6.89 -38.92
CA ASP E 258 -6.67 -7.82 -40.07
C ASP E 258 -7.22 -7.22 -41.40
N THR E 259 -7.38 -5.91 -41.46
CA THR E 259 -7.70 -5.24 -42.74
C THR E 259 -6.42 -4.94 -43.52
N LEU E 260 -6.44 -5.28 -44.80
CA LEU E 260 -5.27 -5.12 -45.64
C LEU E 260 -5.18 -3.69 -46.18
N ILE E 261 -3.98 -3.15 -46.10
CA ILE E 261 -3.62 -1.86 -46.72
C ILE E 261 -2.52 -2.13 -47.75
N LYS E 262 -2.71 -1.60 -48.97
CA LYS E 262 -1.78 -1.82 -50.09
C LYS E 262 -1.32 -0.49 -50.71
N LEU E 263 -0.16 -0.50 -51.36
CA LEU E 263 0.34 0.69 -52.06
C LEU E 263 -0.35 0.90 -53.42
N TYR E 264 -0.93 2.08 -53.62
CA TYR E 264 -1.64 2.44 -54.85
C TYR E 264 -0.70 2.97 -55.92
N LEU E 265 -0.03 2.08 -56.65
CA LEU E 265 0.96 2.47 -57.64
C LEU E 265 0.39 3.42 -58.71
N GLY E 266 -0.94 3.54 -58.77
CA GLY E 266 -1.59 4.39 -59.75
C GLY E 266 -1.76 5.83 -59.30
N TYR E 267 -0.90 6.26 -58.38
CA TYR E 267 -0.97 7.62 -57.84
C TYR E 267 -0.79 8.68 -58.91
N LYS E 268 -1.78 9.57 -59.02
CA LYS E 268 -1.75 10.64 -60.00
C LYS E 268 -2.20 11.97 -59.36
N ASN E 269 -1.25 12.88 -59.12
CA ASN E 269 -1.53 14.17 -58.48
C ASN E 269 -1.08 15.38 -59.32
N LYS E 270 -2.00 16.32 -59.53
CA LYS E 270 -1.78 17.48 -60.40
C LYS E 270 -0.51 18.26 -60.05
N LYS E 271 -0.36 18.56 -58.77
CA LYS E 271 0.82 19.27 -58.24
C LYS E 271 2.00 18.32 -58.03
N LEU E 272 3.20 18.75 -58.41
CA LEU E 272 4.39 17.88 -58.33
C LEU E 272 4.93 17.74 -56.90
N ARG E 273 4.62 18.69 -56.02
CA ARG E 273 5.09 18.66 -54.63
C ARG E 273 3.91 18.65 -53.67
N VAL E 274 3.51 17.45 -53.24
CA VAL E 274 2.31 17.24 -52.42
C VAL E 274 2.60 17.48 -50.94
N ASN E 275 1.68 18.17 -50.26
CA ASN E 275 1.81 18.35 -48.82
C ASN E 275 0.77 17.48 -48.09
N ILE E 276 1.17 16.24 -47.78
CA ILE E 276 0.25 15.27 -47.18
C ILE E 276 0.17 15.40 -45.67
N ASN E 277 1.15 16.11 -45.09
CA ASN E 277 1.22 16.33 -43.67
C ASN E 277 0.12 17.29 -43.18
N VAL E 278 -1.12 16.84 -43.17
CA VAL E 278 -2.23 17.62 -42.62
C VAL E 278 -2.63 17.08 -41.24
N PRO E 279 -3.27 17.91 -40.40
CA PRO E 279 -3.69 17.49 -39.05
C PRO E 279 -4.81 16.44 -39.04
N MET E 280 -4.74 15.42 -38.17
CA MET E 280 -5.86 14.46 -38.12
C MET E 280 -7.18 15.19 -37.80
N LYS E 281 -8.31 14.48 -37.92
CA LYS E 281 -9.59 15.08 -37.57
C LYS E 281 -9.78 15.00 -36.06
N THR E 282 -9.43 13.86 -35.45
CA THR E 282 -9.58 13.79 -34.00
C THR E 282 -8.42 14.38 -33.18
N GLU E 283 -7.57 15.14 -33.87
CA GLU E 283 -6.43 15.81 -33.24
C GLU E 283 -6.89 17.03 -32.41
N GLN E 284 -7.80 17.83 -32.95
CA GLN E 284 -8.25 19.04 -32.25
C GLN E 284 -8.95 18.75 -30.92
N LYS E 285 -9.63 17.61 -30.84
CA LYS E 285 -10.31 17.27 -29.61
C LYS E 285 -9.34 16.69 -28.58
N GLN E 286 -8.34 15.96 -29.06
CA GLN E 286 -7.38 15.32 -28.17
C GLN E 286 -6.37 16.32 -27.59
N GLU E 287 -6.04 17.34 -28.37
CA GLU E 287 -5.13 18.37 -27.91
C GLU E 287 -5.85 19.42 -27.04
N GLN E 288 -7.17 19.39 -27.08
CA GLN E 288 -7.96 20.23 -26.18
C GLN E 288 -8.09 19.56 -24.82
N GLU E 289 -8.22 18.24 -24.81
CA GLU E 289 -8.36 17.49 -23.58
C GLU E 289 -7.05 17.45 -22.81
N THR E 290 -5.94 17.35 -23.55
CA THR E 290 -4.64 17.33 -22.92
C THR E 290 -4.37 18.69 -22.27
N THR E 291 -4.79 19.75 -22.96
CA THR E 291 -4.60 21.10 -22.44
C THR E 291 -5.41 21.31 -21.17
N HIS E 292 -6.66 20.86 -21.17
CA HIS E 292 -7.50 21.00 -19.98
C HIS E 292 -6.91 20.29 -18.77
N LYS E 293 -6.29 19.13 -19.01
CA LYS E 293 -5.63 18.42 -17.92
C LYS E 293 -4.47 19.26 -17.40
N ASN E 294 -3.64 19.74 -18.32
CA ASN E 294 -2.53 20.59 -17.94
C ASN E 294 -2.99 21.74 -17.05
N ILE E 295 -4.08 22.39 -17.45
CA ILE E 295 -4.62 23.52 -16.71
C ILE E 295 -5.03 23.15 -15.29
N GLU E 296 -5.73 22.02 -15.14
CA GLU E 296 -6.16 21.59 -13.81
C GLU E 296 -4.97 21.51 -12.87
N GLU E 297 -3.86 20.98 -13.38
CA GLU E 297 -2.63 20.82 -12.59
C GLU E 297 -1.94 22.16 -12.27
N ASP E 298 -1.91 23.06 -13.24
CA ASP E 298 -1.34 24.39 -13.01
C ASP E 298 -2.12 25.11 -11.92
N ARG E 299 -3.43 24.86 -11.89
CA ARG E 299 -4.28 25.45 -10.87
C ARG E 299 -3.96 24.84 -9.52
N LYS E 300 -3.61 23.56 -9.52
CA LYS E 300 -3.27 22.87 -8.30
C LYS E 300 -1.94 23.43 -7.76
N LEU E 301 -1.01 23.70 -8.67
CA LEU E 301 0.27 24.23 -8.25
C LEU E 301 0.15 25.68 -7.78
N LEU E 302 -0.82 26.40 -8.31
CA LEU E 302 -1.04 27.79 -7.90
C LEU E 302 -1.65 27.87 -6.52
N ILE E 303 -2.51 26.91 -6.20
CA ILE E 303 -3.07 26.80 -4.87
C ILE E 303 -1.98 26.57 -3.83
N GLN E 304 -1.11 25.59 -4.08
CA GLN E 304 0.03 25.37 -3.20
C GLN E 304 0.83 26.65 -3.03
N ALA E 305 1.14 27.31 -4.15
CA ALA E 305 1.93 28.53 -4.10
C ALA E 305 1.26 29.57 -3.22
N ALA E 306 -0.04 29.73 -3.41
CA ALA E 306 -0.79 30.70 -2.64
C ALA E 306 -0.71 30.37 -1.16
N ILE E 307 -0.85 29.09 -0.82
CA ILE E 307 -0.86 28.68 0.57
C ILE E 307 0.52 28.80 1.23
N VAL E 308 1.57 28.64 0.42
CA VAL E 308 2.92 28.80 0.92
C VAL E 308 3.20 30.27 1.17
N ARG E 309 2.66 31.12 0.31
CA ARG E 309 2.85 32.54 0.44
C ARG E 309 2.14 33.06 1.68
N ILE E 310 0.92 32.56 1.90
CA ILE E 310 0.10 32.95 3.05
C ILE E 310 0.69 32.49 4.38
N MET E 311 1.21 31.26 4.40
CA MET E 311 1.81 30.72 5.61
C MET E 311 3.21 31.26 5.87
N LYS E 312 4.02 31.35 4.82
CA LYS E 312 5.40 31.79 4.98
C LYS E 312 5.37 33.19 5.58
N MET E 313 4.21 33.84 5.47
CA MET E 313 4.00 35.15 6.08
C MET E 313 3.48 35.03 7.51
N ARG E 314 2.18 34.83 7.67
CA ARG E 314 1.61 34.69 9.02
C ARG E 314 1.93 33.33 9.63
N LYS E 315 3.08 33.21 10.29
CA LYS E 315 3.61 31.93 10.81
C LYS E 315 2.55 30.91 11.28
N VAL E 316 1.39 31.39 11.71
CA VAL E 316 0.27 30.53 12.12
C VAL E 316 -1.06 31.06 11.57
N LEU E 317 -2.07 30.20 11.56
CA LEU E 317 -3.40 30.58 11.08
C LEU E 317 -4.41 29.48 11.37
N LYS E 318 -5.69 29.78 11.22
CA LYS E 318 -6.74 28.77 11.36
C LYS E 318 -7.17 28.29 9.98
N HIS E 319 -7.64 27.04 9.89
CA HIS E 319 -8.04 26.44 8.62
C HIS E 319 -8.90 27.38 7.78
N GLN E 320 -10.03 27.79 8.35
CA GLN E 320 -11.01 28.60 7.64
C GLN E 320 -10.41 29.94 7.20
N GLN E 321 -9.55 30.52 8.02
CA GLN E 321 -8.94 31.80 7.69
C GLN E 321 -7.92 31.63 6.58
N LEU E 322 -7.31 30.46 6.53
CA LEU E 322 -6.41 30.11 5.44
C LEU E 322 -7.23 29.91 4.16
N LEU E 323 -8.40 29.32 4.33
CA LEU E 323 -9.27 28.97 3.22
C LEU E 323 -9.80 30.22 2.52
N GLY E 324 -10.19 31.22 3.32
CA GLY E 324 -10.65 32.48 2.78
C GLY E 324 -9.53 33.26 2.10
N GLU E 325 -8.37 33.27 2.75
CA GLU E 325 -7.16 33.98 2.27
C GLU E 325 -6.63 33.50 0.91
N VAL E 326 -6.85 32.23 0.61
CA VAL E 326 -6.43 31.66 -0.68
C VAL E 326 -7.37 32.11 -1.79
N LEU E 327 -8.66 32.23 -1.46
CA LEU E 327 -9.67 32.60 -2.45
C LEU E 327 -9.45 33.99 -3.03
N THR E 328 -8.93 34.90 -2.19
CA THR E 328 -8.75 36.33 -2.51
C THR E 328 -7.57 36.64 -3.41
N GLN E 329 -6.43 35.98 -3.19
CA GLN E 329 -5.25 36.18 -4.03
C GLN E 329 -5.42 35.53 -5.42
N LEU E 330 -6.26 34.50 -5.47
CA LEU E 330 -6.52 33.72 -6.68
C LEU E 330 -7.88 34.03 -7.34
N SER E 331 -8.65 34.91 -6.71
CA SER E 331 -9.90 35.40 -7.29
C SER E 331 -9.69 35.95 -8.71
N SER E 332 -8.54 36.61 -8.94
CA SER E 332 -8.26 37.27 -10.22
C SER E 332 -8.01 36.32 -11.40
N ARG E 333 -7.51 35.12 -11.09
CA ARG E 333 -7.22 34.15 -12.13
C ARG E 333 -8.40 33.19 -12.37
N PHE E 334 -9.00 32.72 -11.28
CA PHE E 334 -10.09 31.72 -11.33
C PHE E 334 -10.74 31.47 -9.97
N LYS E 335 -11.65 30.49 -9.91
CA LYS E 335 -12.38 30.17 -8.69
C LYS E 335 -12.05 28.77 -8.16
N PRO E 336 -11.02 28.67 -7.28
CA PRO E 336 -10.60 27.39 -6.72
C PRO E 336 -11.77 26.66 -6.08
N ARG E 337 -11.82 25.34 -6.17
CA ARG E 337 -12.82 24.60 -5.43
C ARG E 337 -12.36 24.41 -3.99
N VAL E 338 -13.27 24.04 -3.09
CA VAL E 338 -12.93 23.83 -1.67
C VAL E 338 -12.22 22.50 -1.39
N PRO E 339 -12.76 21.39 -1.88
CA PRO E 339 -12.11 20.12 -1.57
C PRO E 339 -10.66 20.10 -2.05
N VAL E 340 -10.41 20.80 -3.16
CA VAL E 340 -9.07 20.85 -3.76
C VAL E 340 -8.09 21.62 -2.87
N ILE E 341 -8.55 22.70 -2.26
CA ILE E 341 -7.70 23.44 -1.33
C ILE E 341 -7.32 22.54 -0.17
N LYS E 342 -8.29 21.79 0.34
CA LYS E 342 -8.01 20.88 1.44
C LYS E 342 -6.87 19.95 1.07
N LYS E 343 -6.99 19.28 -0.06
CA LYS E 343 -5.97 18.32 -0.50
C LYS E 343 -4.60 18.99 -0.59
N CYS E 344 -4.54 20.14 -1.25
CA CYS E 344 -3.26 20.82 -1.41
C CYS E 344 -2.65 21.09 -0.05
N ILE E 345 -3.52 21.37 0.92
CA ILE E 345 -3.05 21.60 2.27
C ILE E 345 -2.46 20.33 2.82
N ASP E 346 -3.18 19.24 2.66
CA ASP E 346 -2.74 17.96 3.22
C ASP E 346 -1.43 17.52 2.60
N ILE E 347 -1.25 17.84 1.33
CA ILE E 347 -0.04 17.45 0.63
C ILE E 347 1.17 18.20 1.16
N LEU E 348 0.97 19.46 1.54
CA LEU E 348 2.05 20.25 2.09
C LEU E 348 2.48 19.69 3.45
N ILE E 349 1.52 19.27 4.25
CA ILE E 349 1.84 18.64 5.52
C ILE E 349 2.67 17.39 5.32
N GLU E 350 2.30 16.59 4.33
CA GLU E 350 3.03 15.37 4.01
C GLU E 350 4.41 15.72 3.49
N LYS E 351 4.50 16.81 2.74
CA LYS E 351 5.77 17.27 2.16
C LYS E 351 6.61 18.03 3.18
N GLU E 352 6.07 18.23 4.37
CA GLU E 352 6.80 18.84 5.51
C GLU E 352 7.05 20.36 5.41
N TYR E 353 6.29 21.05 4.58
CA TYR E 353 6.41 22.50 4.50
C TYR E 353 5.56 23.19 5.57
N LEU E 354 4.47 22.55 5.99
CA LEU E 354 3.73 23.05 7.13
C LEU E 354 3.26 21.92 8.07
N GLU E 355 2.75 22.29 9.25
CA GLU E 355 2.37 21.32 10.27
C GLU E 355 1.09 21.73 11.01
N ARG E 356 0.46 20.76 11.65
CA ARG E 356 -0.73 21.00 12.47
C ARG E 356 -0.32 21.34 13.88
N VAL E 357 -0.86 22.42 14.43
CA VAL E 357 -0.53 22.78 15.80
C VAL E 357 -1.27 21.89 16.79
N ASP E 358 -0.57 20.93 17.38
CA ASP E 358 -1.16 20.04 18.38
C ASP E 358 -1.79 20.83 19.54
N GLY E 359 -2.91 20.33 20.03
CA GLY E 359 -3.70 21.06 21.00
C GLY E 359 -4.62 22.02 20.26
N GLU E 360 -4.64 21.86 18.93
CA GLU E 360 -5.54 22.63 18.08
C GLU E 360 -6.28 21.72 17.11
N LYS E 361 -7.56 21.97 16.94
CA LYS E 361 -8.38 21.17 16.04
C LYS E 361 -7.97 21.41 14.58
N ASP E 362 -8.23 22.62 14.09
CA ASP E 362 -7.87 22.93 12.71
C ASP E 362 -6.95 24.14 12.63
N THR E 363 -5.73 23.98 13.14
CA THR E 363 -4.73 25.06 13.11
C THR E 363 -3.42 24.64 12.43
N TYR E 364 -2.90 25.51 11.58
CA TYR E 364 -1.71 25.21 10.79
C TYR E 364 -0.57 26.19 11.06
N SER E 365 0.64 25.67 11.19
CA SER E 365 1.83 26.50 11.38
C SER E 365 2.90 26.22 10.33
N TYR E 366 3.50 27.27 9.78
CA TYR E 366 4.50 27.11 8.73
C TYR E 366 5.86 26.75 9.30
N LEU E 367 6.34 25.57 8.93
CA LEU E 367 7.68 25.12 9.29
C LEU E 367 8.75 26.01 8.64
N ALA E 368 9.29 26.94 9.42
CA ALA E 368 10.30 27.89 8.95
C ALA E 368 11.50 27.23 8.25
N ARG F 19 10.03 2.00 -54.30
CA ARG F 19 11.15 2.71 -53.70
C ARG F 19 10.72 4.05 -53.11
N PHE F 20 11.16 4.27 -51.87
CA PHE F 20 10.90 5.52 -51.17
C PHE F 20 12.18 6.01 -50.51
N GLU F 21 12.65 7.17 -50.95
CA GLU F 21 13.87 7.79 -50.39
C GLU F 21 13.55 8.90 -49.37
N VAL F 22 14.21 8.82 -48.21
CA VAL F 22 14.05 9.82 -47.15
C VAL F 22 15.14 10.87 -47.27
N LYS F 23 14.78 12.03 -47.79
CA LYS F 23 15.77 13.07 -48.03
C LYS F 23 15.75 14.16 -46.96
N LYS F 24 14.60 14.37 -46.33
CA LYS F 24 14.52 15.34 -45.24
C LYS F 24 13.94 14.76 -43.93
N TRP F 25 14.53 15.18 -42.81
CA TRP F 25 13.98 14.91 -41.47
C TRP F 25 14.29 16.04 -40.48
N ASN F 26 13.26 16.75 -40.05
CA ASN F 26 13.38 17.76 -39.00
C ASN F 26 12.87 17.23 -37.65
N ALA F 27 13.80 16.78 -36.81
CA ALA F 27 13.46 16.25 -35.48
C ALA F 27 13.29 17.35 -34.43
N VAL F 28 12.35 17.14 -33.51
CA VAL F 28 12.17 18.05 -32.37
C VAL F 28 12.31 17.23 -31.07
N ALA F 29 13.12 17.71 -30.14
CA ALA F 29 13.40 16.99 -28.88
C ALA F 29 13.48 17.93 -27.67
N LEU F 30 13.26 17.38 -26.47
CA LEU F 30 13.34 18.17 -25.23
C LEU F 30 14.50 17.71 -24.34
N TRP F 31 15.30 18.66 -23.86
CA TRP F 31 16.37 18.30 -22.95
C TRP F 31 15.94 18.54 -21.53
N ALA F 32 16.46 17.70 -20.64
CA ALA F 32 16.19 17.85 -19.22
C ALA F 32 17.40 17.27 -18.55
N TRP F 33 17.64 17.65 -17.31
CA TRP F 33 18.77 17.13 -16.57
C TRP F 33 18.67 15.61 -16.55
N ASP F 34 19.65 14.94 -15.98
CA ASP F 34 19.56 13.49 -15.87
C ASP F 34 19.86 13.05 -14.45
N ILE F 35 18.90 12.39 -13.81
CA ILE F 35 19.08 11.92 -12.45
C ILE F 35 19.12 10.41 -12.31
N VAL F 36 20.32 9.86 -12.14
CA VAL F 36 20.47 8.45 -11.84
C VAL F 36 20.05 8.18 -10.40
N VAL F 37 18.95 7.46 -10.25
CA VAL F 37 18.43 7.06 -8.95
C VAL F 37 18.35 5.55 -8.88
N ASP F 38 19.29 4.93 -8.16
CA ASP F 38 19.26 3.48 -7.97
C ASP F 38 18.84 3.10 -6.57
N ASN F 39 18.65 4.10 -5.70
CA ASN F 39 18.20 3.79 -4.36
C ASN F 39 16.69 3.84 -4.21
N CYS F 40 16.22 3.22 -3.13
CA CYS F 40 14.85 3.39 -2.68
C CYS F 40 14.74 4.71 -1.95
N ALA F 41 13.88 5.59 -2.43
CA ALA F 41 13.81 6.93 -1.87
C ALA F 41 13.50 6.91 -0.38
N ILE F 42 12.93 5.81 0.09
CA ILE F 42 12.41 5.78 1.45
C ILE F 42 13.43 5.33 2.50
N CYS F 43 14.11 4.21 2.26
CA CYS F 43 15.07 3.67 3.22
C CYS F 43 16.51 4.02 2.87
N ARG F 44 16.69 4.45 1.63
CA ARG F 44 17.92 5.06 1.12
C ARG F 44 19.00 4.07 0.67
N ASN F 45 18.64 2.84 0.41
CA ASN F 45 19.62 1.94 -0.16
C ASN F 45 19.17 1.25 -1.46
N HIS F 46 20.15 0.72 -2.17
CA HIS F 46 19.96 0.28 -3.54
C HIS F 46 18.64 -0.46 -3.68
N ILE F 47 17.87 -0.24 -4.74
CA ILE F 47 16.63 -0.97 -4.83
C ILE F 47 16.87 -2.39 -5.26
N MET F 48 18.13 -2.77 -5.38
CA MET F 48 18.41 -4.12 -5.85
C MET F 48 18.73 -5.03 -4.69
N ASP F 49 18.81 -4.46 -3.49
CA ASP F 49 19.04 -5.27 -2.30
C ASP F 49 18.02 -4.98 -1.19
N LEU F 50 18.20 -5.62 -0.03
CA LEU F 50 17.18 -5.63 1.01
C LEU F 50 16.87 -4.23 1.53
N CYS F 51 15.61 -3.98 1.88
CA CYS F 51 15.24 -2.75 2.54
C CYS F 51 15.84 -2.75 3.92
N ILE F 52 15.77 -1.64 4.63
CA ILE F 52 16.43 -1.56 5.91
C ILE F 52 15.79 -2.53 6.92
N GLU F 53 14.47 -2.69 6.84
CA GLU F 53 13.74 -3.58 7.74
C GLU F 53 14.09 -5.04 7.51
N CYS F 54 14.59 -5.33 6.33
CA CYS F 54 14.96 -6.69 5.98
C CYS F 54 16.42 -7.01 6.36
N GLN F 55 17.30 -6.03 6.36
CA GLN F 55 18.66 -6.29 6.81
C GLN F 55 18.59 -6.43 8.31
N ALA F 56 17.55 -5.85 8.90
CA ALA F 56 17.30 -5.99 10.33
C ALA F 56 17.00 -7.44 10.70
N ASN F 57 16.15 -8.11 9.92
CA ASN F 57 15.76 -9.48 10.21
C ASN F 57 16.42 -10.54 9.31
N GLN F 58 17.56 -10.17 8.74
CA GLN F 58 18.36 -11.02 7.83
C GLN F 58 17.88 -11.08 6.38
N GLU F 64 14.42 -12.93 -0.67
CA GLU F 64 13.21 -13.69 -0.40
C GLU F 64 11.94 -12.90 -0.71
N GLU F 65 11.35 -12.34 0.33
CA GLU F 65 10.10 -11.59 0.22
C GLU F 65 10.36 -10.20 -0.36
N CYS F 66 11.53 -9.61 -0.10
CA CYS F 66 11.70 -8.16 -0.37
C CYS F 66 11.72 -7.78 -1.84
N THR F 67 10.57 -7.30 -2.31
CA THR F 67 10.35 -7.02 -3.72
C THR F 67 10.11 -5.53 -3.95
N VAL F 68 10.25 -5.10 -5.20
CA VAL F 68 9.99 -3.71 -5.55
C VAL F 68 8.56 -3.53 -6.03
N ALA F 69 8.00 -2.36 -5.74
CA ALA F 69 6.67 -2.01 -6.21
C ALA F 69 6.77 -0.79 -7.08
N TRP F 70 6.02 -0.78 -8.17
CA TRP F 70 6.02 0.34 -9.09
C TRP F 70 4.64 0.98 -9.00
N GLY F 71 4.60 2.30 -9.08
CA GLY F 71 3.32 3.01 -9.02
C GLY F 71 2.81 3.25 -10.42
N VAL F 72 1.79 4.09 -10.56
CA VAL F 72 1.33 4.45 -11.89
C VAL F 72 2.22 5.56 -12.44
N CYS F 73 3.01 6.13 -11.54
CA CYS F 73 3.95 7.19 -11.85
C CYS F 73 5.25 6.59 -12.38
N ASN F 74 5.32 5.27 -12.34
CA ASN F 74 6.48 4.52 -12.80
C ASN F 74 7.71 4.67 -11.93
N HIS F 75 7.49 5.11 -10.69
CA HIS F 75 8.51 5.18 -9.65
C HIS F 75 8.54 3.86 -8.93
N ALA F 76 9.69 3.50 -8.38
CA ALA F 76 9.81 2.22 -7.67
C ALA F 76 10.41 2.33 -6.26
N PHE F 77 9.79 1.64 -5.32
CA PHE F 77 10.29 1.50 -3.97
C PHE F 77 10.09 0.06 -3.55
N HIS F 78 10.93 -0.41 -2.65
CA HIS F 78 10.71 -1.70 -2.04
C HIS F 78 9.26 -1.74 -1.63
N PHE F 79 8.62 -2.88 -1.81
CA PHE F 79 7.24 -3.01 -1.38
C PHE F 79 7.13 -2.68 0.09
N HIS F 80 8.03 -3.26 0.89
CA HIS F 80 8.04 -3.07 2.32
C HIS F 80 8.13 -1.62 2.71
N CYS F 81 8.73 -0.82 1.85
CA CYS F 81 9.00 0.55 2.24
C CYS F 81 7.81 1.45 1.90
N ILE F 82 7.30 1.31 0.69
CA ILE F 82 6.14 2.09 0.32
C ILE F 82 4.92 1.71 1.16
N SER F 83 4.92 0.48 1.71
CA SER F 83 3.83 0.05 2.57
C SER F 83 3.80 0.80 3.92
N ARG F 84 4.97 0.99 4.52
CA ARG F 84 5.10 1.89 5.67
C ARG F 84 4.64 3.28 5.29
N TRP F 85 5.19 3.79 4.20
CA TRP F 85 4.91 5.15 3.74
C TRP F 85 3.42 5.48 3.80
N LEU F 86 2.61 4.58 3.25
CA LEU F 86 1.18 4.79 3.15
C LEU F 86 0.49 4.91 4.50
N LYS F 87 1.16 4.52 5.56
CA LYS F 87 0.57 4.60 6.88
C LYS F 87 0.37 6.04 7.33
N THR F 88 1.25 6.93 6.90
CA THR F 88 1.20 8.31 7.38
C THR F 88 1.16 9.32 6.25
N ARG F 89 1.35 8.85 5.02
CA ARG F 89 1.28 9.74 3.87
C ARG F 89 0.64 9.06 2.66
N GLN F 90 0.11 9.85 1.75
CA GLN F 90 -0.60 9.32 0.60
C GLN F 90 0.02 9.74 -0.73
N VAL F 91 0.75 10.84 -0.73
CA VAL F 91 1.47 11.24 -1.93
C VAL F 91 2.76 10.50 -2.07
N CYS F 92 3.17 10.32 -3.31
CA CYS F 92 4.34 9.53 -3.64
C CYS F 92 5.58 10.28 -3.21
N PRO F 93 6.59 9.53 -2.77
CA PRO F 93 7.81 10.15 -2.26
C PRO F 93 8.59 11.00 -3.29
N LEU F 94 8.21 10.91 -4.56
CA LEU F 94 8.96 11.55 -5.63
C LEU F 94 8.12 12.39 -6.59
N ASP F 95 6.83 12.59 -6.30
CA ASP F 95 5.99 13.45 -7.13
C ASP F 95 4.75 13.96 -6.34
N ASN F 96 3.85 14.64 -7.03
CA ASN F 96 2.68 15.23 -6.36
C ASN F 96 1.45 14.34 -6.36
N ARG F 97 1.38 13.44 -7.33
CA ARG F 97 0.25 12.51 -7.45
C ARG F 97 0.17 11.62 -6.22
N GLU F 98 -0.96 10.96 -6.04
CA GLU F 98 -1.11 10.01 -4.97
C GLU F 98 -0.58 8.69 -5.45
N TRP F 99 -0.04 7.90 -4.54
CA TRP F 99 0.56 6.65 -4.94
C TRP F 99 -0.51 5.63 -5.30
N GLU F 100 -0.40 5.05 -6.48
CA GLU F 100 -1.26 3.94 -6.88
C GLU F 100 -0.40 2.84 -7.47
N PHE F 101 -0.64 1.61 -7.05
CA PHE F 101 0.08 0.45 -7.54
C PHE F 101 -0.35 0.09 -8.96
N GLN F 102 0.61 -0.30 -9.80
CA GLN F 102 0.27 -0.81 -11.12
C GLN F 102 0.52 -2.33 -11.20
N LYS F 103 0.52 -2.90 -12.40
CA LYS F 103 1.03 -4.27 -12.65
C LYS F 103 2.51 -4.22 -13.13
N TYR F 104 3.40 -5.00 -12.49
CA TYR F 104 4.86 -4.78 -12.59
C TYR F 104 5.59 -5.24 -13.86
N LYS G 9 45.45 -4.79 7.20
CA LYS G 9 46.03 -5.51 6.07
C LYS G 9 45.99 -7.05 6.25
N SER G 10 46.06 -7.55 7.47
CA SER G 10 46.02 -9.00 7.70
C SER G 10 44.76 -9.68 7.14
N PRO G 11 43.56 -9.17 7.48
CA PRO G 11 42.33 -9.77 6.95
C PRO G 11 42.22 -9.59 5.43
N GLU G 12 42.83 -8.54 4.89
CA GLU G 12 42.89 -8.33 3.45
C GLU G 12 43.82 -9.34 2.76
N GLU G 13 45.04 -9.48 3.27
CA GLU G 13 46.04 -10.39 2.70
C GLU G 13 45.54 -11.84 2.69
N LEU G 14 44.75 -12.21 3.70
CA LEU G 14 44.15 -13.53 3.75
C LEU G 14 43.21 -13.75 2.57
N ALA G 15 42.42 -12.74 2.24
CA ALA G 15 41.54 -12.80 1.07
C ALA G 15 42.33 -12.85 -0.22
N ARG G 16 43.29 -11.95 -0.35
CA ARG G 16 44.19 -11.95 -1.50
C ARG G 16 44.83 -13.32 -1.65
N TYR G 17 45.12 -13.96 -0.52
CA TYR G 17 45.73 -15.29 -0.50
C TYR G 17 44.77 -16.32 -1.08
N CYS G 18 43.51 -16.24 -0.66
CA CYS G 18 42.47 -17.12 -1.17
C CYS G 18 42.36 -17.00 -2.69
N ASP G 19 42.45 -15.76 -3.17
CA ASP G 19 42.45 -15.51 -4.61
C ASP G 19 43.58 -16.34 -5.22
N SER G 20 44.79 -16.16 -4.69
CA SER G 20 45.96 -16.94 -5.08
C SER G 20 45.63 -18.41 -5.32
N LEU G 21 45.00 -19.03 -4.32
CA LEU G 21 44.70 -20.47 -4.35
C LEU G 21 43.58 -20.84 -5.33
N LEU G 22 42.53 -20.03 -5.38
CA LEU G 22 41.39 -20.32 -6.25
C LEU G 22 41.47 -19.59 -7.60
N LYS G 23 42.59 -18.94 -7.85
CA LYS G 23 42.83 -18.31 -9.14
C LYS G 23 43.73 -19.22 -9.97
N LYS G 24 43.48 -19.29 -11.27
CA LYS G 24 44.35 -20.04 -12.19
C LYS G 24 45.20 -19.13 -13.06
N SER G 25 46.50 -19.08 -12.78
CA SER G 25 47.41 -18.42 -13.71
C SER G 25 48.01 -19.49 -14.61
N SER G 26 47.15 -20.43 -14.98
CA SER G 26 47.40 -21.52 -15.94
C SER G 26 47.93 -22.85 -15.34
N LYS G 27 48.46 -22.75 -14.11
CA LYS G 27 49.04 -23.91 -13.42
C LYS G 27 48.05 -24.64 -12.49
N ASN G 28 47.73 -25.88 -12.85
CA ASN G 28 46.76 -26.70 -12.13
C ASN G 28 47.18 -27.09 -10.70
N PRO G 29 46.33 -26.74 -9.70
CA PRO G 29 46.57 -27.12 -8.29
C PRO G 29 45.90 -28.43 -7.89
N GLU G 30 46.67 -29.32 -7.28
CA GLU G 30 46.12 -30.56 -6.74
C GLU G 30 44.83 -30.22 -5.98
N GLU G 31 43.74 -30.89 -6.36
CA GLU G 31 42.41 -30.62 -5.83
C GLU G 31 42.27 -30.84 -4.33
N ALA G 32 42.46 -32.09 -3.91
CA ALA G 32 42.23 -32.52 -2.53
C ALA G 32 42.99 -31.68 -1.49
N GLU G 33 44.28 -31.46 -1.74
CA GLU G 33 45.15 -30.75 -0.78
C GLU G 33 44.70 -29.30 -0.56
N LEU G 34 44.15 -28.67 -1.61
CA LEU G 34 43.61 -27.33 -1.49
C LEU G 34 42.38 -27.31 -0.58
N GLU G 35 41.61 -28.39 -0.59
CA GLU G 35 40.49 -28.53 0.34
C GLU G 35 40.96 -28.43 1.80
N ASP G 36 42.12 -29.03 2.06
CA ASP G 36 42.72 -28.97 3.39
C ASP G 36 43.19 -27.56 3.71
N THR G 37 43.79 -26.90 2.72
CA THR G 37 44.33 -25.55 2.91
C THR G 37 43.24 -24.47 2.94
N LEU G 38 42.09 -24.76 2.32
CA LEU G 38 40.91 -23.90 2.41
C LEU G 38 40.35 -23.99 3.83
N ASN G 39 40.25 -25.22 4.33
CA ASN G 39 39.81 -25.50 5.68
C ASN G 39 40.83 -24.99 6.72
N GLN G 40 42.08 -24.84 6.29
CA GLN G 40 43.12 -24.22 7.10
C GLN G 40 42.89 -22.71 7.12
N VAL G 41 42.67 -22.12 5.95
CA VAL G 41 42.44 -20.69 5.84
C VAL G 41 41.24 -20.26 6.69
N MET G 42 40.22 -21.11 6.73
CA MET G 42 38.99 -20.86 7.48
C MET G 42 39.19 -20.73 8.99
N GLU G 43 40.28 -21.30 9.49
CA GLU G 43 40.60 -21.26 10.92
C GLU G 43 41.39 -20.00 11.31
N LYS G 44 42.25 -19.53 10.41
CA LYS G 44 42.94 -18.24 10.61
C LYS G 44 41.95 -17.10 10.39
N PHE G 45 40.82 -17.41 9.77
CA PHE G 45 39.73 -16.44 9.56
C PHE G 45 38.87 -16.22 10.80
N LYS G 46 38.48 -17.31 11.47
CA LYS G 46 37.64 -17.20 12.66
C LYS G 46 38.33 -16.36 13.74
N LYS G 47 39.64 -16.18 13.59
CA LYS G 47 40.45 -15.42 14.53
C LYS G 47 40.73 -13.99 14.03
N ILE G 48 39.91 -13.54 13.09
CA ILE G 48 40.04 -12.19 12.51
C ILE G 48 39.09 -11.20 13.19
N GLU G 49 39.56 -9.98 13.42
CA GLU G 49 38.75 -8.95 14.06
C GLU G 49 37.74 -8.36 13.10
N ASP G 50 38.26 -7.65 12.09
CA ASP G 50 37.44 -7.04 11.06
C ASP G 50 37.02 -8.05 9.98
N LYS G 51 36.29 -9.08 10.37
CA LYS G 51 35.73 -10.02 9.42
C LYS G 51 35.24 -9.29 8.18
N ASP G 52 34.41 -8.27 8.40
CA ASP G 52 33.75 -7.57 7.31
C ASP G 52 34.72 -7.07 6.24
N VAL G 53 35.97 -6.82 6.61
CA VAL G 53 36.96 -6.39 5.61
C VAL G 53 37.34 -7.54 4.70
N PHE G 54 37.62 -8.69 5.30
CA PHE G 54 37.86 -9.90 4.53
C PHE G 54 36.73 -10.15 3.53
N GLN G 55 35.48 -9.98 3.97
CA GLN G 55 34.30 -10.21 3.13
C GLN G 55 34.31 -9.35 1.87
N LYS G 56 34.46 -8.04 2.05
CA LYS G 56 34.50 -7.14 0.92
C LYS G 56 35.63 -7.53 -0.05
N PHE G 57 36.79 -7.88 0.50
CA PHE G 57 37.94 -8.21 -0.33
C PHE G 57 37.81 -9.56 -0.99
N TYR G 58 37.18 -10.50 -0.31
CA TYR G 58 37.01 -11.83 -0.88
C TYR G 58 35.88 -11.88 -1.90
N ALA G 59 34.95 -10.94 -1.82
CA ALA G 59 33.88 -10.84 -2.81
C ALA G 59 34.41 -10.18 -4.07
N LYS G 60 34.94 -8.97 -3.92
CA LYS G 60 35.48 -8.26 -5.05
C LYS G 60 36.47 -9.17 -5.77
N MET G 61 37.07 -10.08 -5.01
CA MET G 61 38.06 -11.01 -5.56
C MET G 61 37.39 -12.18 -6.29
N LEU G 62 36.35 -12.75 -5.69
CA LEU G 62 35.54 -13.76 -6.36
C LEU G 62 34.85 -13.14 -7.56
N ALA G 63 34.77 -11.81 -7.58
CA ALA G 63 34.10 -11.12 -8.69
C ALA G 63 34.93 -11.19 -9.96
N LYS G 64 36.19 -10.79 -9.85
CA LYS G 64 37.09 -10.80 -10.99
C LYS G 64 37.27 -12.19 -11.55
N ARG G 65 37.24 -13.20 -10.68
CA ARG G 65 37.38 -14.56 -11.16
C ARG G 65 36.18 -15.01 -12.00
N LEU G 66 34.97 -14.76 -11.50
CA LEU G 66 33.77 -15.21 -12.22
C LEU G 66 33.65 -14.56 -13.59
N VAL G 67 33.78 -13.24 -13.61
CA VAL G 67 33.58 -12.47 -14.84
C VAL G 67 34.56 -12.84 -15.96
N HIS G 68 35.76 -13.28 -15.59
CA HIS G 68 36.76 -13.59 -16.60
C HIS G 68 37.05 -15.07 -16.74
N GLN G 69 36.17 -15.90 -16.20
CA GLN G 69 36.31 -17.34 -16.26
C GLN G 69 37.63 -17.78 -15.63
N ASN G 70 38.24 -16.88 -14.87
CA ASN G 70 39.57 -17.09 -14.30
C ASN G 70 39.57 -17.95 -13.02
N SER G 71 38.60 -18.85 -12.90
CA SER G 71 38.43 -19.63 -11.68
C SER G 71 39.12 -20.99 -11.76
N ALA G 72 40.05 -21.24 -10.85
CA ALA G 72 40.80 -22.49 -10.83
C ALA G 72 39.91 -23.74 -10.94
N SER G 73 38.87 -23.81 -10.12
CA SER G 73 37.97 -24.98 -10.15
C SER G 73 36.55 -24.63 -9.71
N ASP G 74 35.58 -25.02 -10.53
CA ASP G 74 34.18 -24.78 -10.23
C ASP G 74 33.80 -25.29 -8.83
N ASP G 75 34.35 -26.45 -8.45
CA ASP G 75 34.01 -27.06 -7.17
C ASP G 75 34.58 -26.34 -5.94
N ALA G 76 35.84 -25.92 -6.00
CA ALA G 76 36.47 -25.26 -4.86
C ALA G 76 35.73 -23.98 -4.49
N GLU G 77 35.33 -23.22 -5.49
CA GLU G 77 34.69 -21.94 -5.26
C GLU G 77 33.48 -22.06 -4.32
N ALA G 78 32.55 -22.96 -4.63
CA ALA G 78 31.34 -23.16 -3.81
C ALA G 78 31.66 -23.86 -2.49
N SER G 79 32.84 -24.49 -2.44
CA SER G 79 33.30 -25.16 -1.24
C SER G 79 33.58 -24.12 -0.17
N MET G 80 34.18 -23.01 -0.58
CA MET G 80 34.45 -21.91 0.33
C MET G 80 33.19 -21.13 0.72
N ILE G 81 32.15 -21.16 -0.12
CA ILE G 81 30.89 -20.48 0.19
C ILE G 81 30.02 -21.25 1.21
N SER G 82 30.24 -22.56 1.32
CA SER G 82 29.54 -23.36 2.32
C SER G 82 30.22 -23.27 3.68
N LYS G 83 31.53 -23.06 3.66
CA LYS G 83 32.29 -22.83 4.88
C LYS G 83 32.00 -21.44 5.43
N LEU G 84 32.05 -20.43 4.57
CA LEU G 84 31.83 -19.04 4.99
C LEU G 84 30.41 -18.79 5.53
N LYS G 85 29.41 -19.38 4.88
CA LYS G 85 28.02 -19.29 5.31
C LYS G 85 27.82 -19.97 6.68
N GLN G 86 28.58 -21.04 6.90
CA GLN G 86 28.54 -21.79 8.15
C GLN G 86 29.31 -21.06 9.25
N ALA G 87 30.02 -20.01 8.88
CA ALA G 87 30.86 -19.28 9.81
C ALA G 87 30.51 -17.79 9.95
N CYS G 88 29.47 -17.34 9.25
CA CYS G 88 29.01 -15.96 9.38
C CYS G 88 27.56 -15.76 8.92
N GLY G 89 26.78 -16.83 8.90
CA GLY G 89 25.37 -16.72 8.57
C GLY G 89 25.12 -16.51 7.08
N PHE G 90 23.87 -16.26 6.70
CA PHE G 90 23.54 -16.11 5.29
C PHE G 90 23.60 -14.65 4.84
N GLU G 91 23.90 -13.75 5.77
CA GLU G 91 24.12 -12.36 5.37
C GLU G 91 25.46 -12.26 4.69
N TYR G 92 26.43 -12.98 5.26
CA TYR G 92 27.81 -12.90 4.83
C TYR G 92 27.98 -13.50 3.41
N THR G 93 27.25 -14.58 3.15
CA THR G 93 27.28 -15.22 1.83
C THR G 93 25.95 -15.08 1.12
N SER G 94 25.38 -13.89 1.16
CA SER G 94 24.14 -13.63 0.41
C SER G 94 24.50 -13.22 -1.00
N LYS G 95 25.15 -12.06 -1.11
CA LYS G 95 25.62 -11.50 -2.38
C LYS G 95 26.55 -12.46 -3.14
N LEU G 96 27.39 -13.18 -2.41
CA LEU G 96 28.24 -14.19 -3.02
C LEU G 96 27.43 -15.17 -3.86
N GLN G 97 26.57 -15.96 -3.23
CA GLN G 97 25.78 -16.95 -3.99
C GLN G 97 24.98 -16.32 -5.14
N ARG G 98 24.54 -15.08 -4.96
CA ARG G 98 23.75 -14.40 -6.00
C ARG G 98 24.62 -14.15 -7.22
N MET G 99 25.93 -13.99 -7.00
CA MET G 99 26.86 -13.76 -8.09
C MET G 99 27.05 -15.03 -8.92
N PHE G 100 26.98 -16.18 -8.27
CA PHE G 100 27.12 -17.45 -8.98
C PHE G 100 25.90 -17.70 -9.82
N GLN G 101 24.74 -17.55 -9.20
CA GLN G 101 23.47 -17.74 -9.86
C GLN G 101 23.33 -16.72 -11.01
N ASP G 102 23.95 -15.57 -10.84
CA ASP G 102 23.91 -14.50 -11.83
C ASP G 102 24.72 -14.84 -13.08
N ILE G 103 25.91 -15.37 -12.85
CA ILE G 103 26.78 -15.80 -13.94
C ILE G 103 26.10 -16.90 -14.74
N GLY G 104 25.32 -17.73 -14.05
CA GLY G 104 24.65 -18.83 -14.69
C GLY G 104 23.48 -18.36 -15.53
N VAL G 105 22.69 -17.42 -15.00
CA VAL G 105 21.58 -16.88 -15.75
C VAL G 105 22.11 -16.11 -16.94
N SER G 106 23.28 -15.51 -16.76
CA SER G 106 23.94 -14.82 -17.84
C SER G 106 24.32 -15.81 -18.93
N LYS G 107 24.99 -16.89 -18.54
CA LYS G 107 25.34 -17.92 -19.51
C LYS G 107 24.09 -18.27 -20.33
N ASP G 108 22.99 -18.55 -19.64
CA ASP G 108 21.74 -18.95 -20.29
C ASP G 108 21.18 -17.81 -21.13
N LEU G 109 21.33 -16.60 -20.64
CA LEU G 109 20.84 -15.45 -21.34
C LEU G 109 21.55 -15.26 -22.68
N ASN G 110 22.87 -15.39 -22.68
CA ASN G 110 23.67 -15.19 -23.88
C ASN G 110 23.16 -16.06 -25.03
N GLU G 111 23.09 -17.36 -24.79
CA GLU G 111 22.63 -18.30 -25.82
C GLU G 111 21.32 -17.82 -26.41
N GLN G 112 20.37 -17.58 -25.52
CA GLN G 112 19.06 -17.06 -25.87
C GLN G 112 19.13 -15.80 -26.76
N PHE G 113 20.27 -15.10 -26.74
CA PHE G 113 20.47 -13.94 -27.63
C PHE G 113 21.11 -14.33 -28.95
N LYS G 114 21.95 -15.37 -28.94
CA LYS G 114 22.56 -15.88 -30.16
C LYS G 114 21.46 -16.43 -31.10
N LYS G 115 20.61 -17.30 -30.58
CA LYS G 115 19.48 -17.84 -31.34
C LYS G 115 18.67 -16.74 -32.02
N HIS G 116 18.18 -15.77 -31.24
CA HIS G 116 17.42 -14.64 -31.80
C HIS G 116 18.16 -13.94 -32.93
N LEU G 117 19.49 -13.97 -32.87
CA LEU G 117 20.34 -13.35 -33.88
C LEU G 117 20.59 -14.34 -35.01
N THR G 118 20.72 -15.61 -34.64
CA THR G 118 20.97 -16.70 -35.59
C THR G 118 19.94 -16.69 -36.73
N ASN G 119 18.70 -16.35 -36.39
CA ASN G 119 17.54 -16.43 -37.29
C ASN G 119 17.19 -15.14 -38.05
N SER G 120 17.73 -14.03 -37.53
CA SER G 120 17.38 -12.68 -37.97
C SER G 120 18.61 -11.89 -38.52
N GLU G 121 19.46 -11.36 -37.65
CA GLU G 121 20.49 -10.38 -38.08
C GLU G 121 21.93 -10.92 -38.19
N PRO G 122 22.77 -10.23 -38.99
CA PRO G 122 24.20 -10.60 -39.07
C PRO G 122 25.08 -9.97 -37.98
N LEU G 123 26.20 -10.62 -37.69
CA LEU G 123 27.16 -10.08 -36.74
C LEU G 123 28.58 -10.00 -37.29
N ASP G 124 29.12 -8.78 -37.29
CA ASP G 124 30.44 -8.51 -37.83
C ASP G 124 31.58 -9.01 -36.92
N LEU G 125 31.24 -9.34 -35.67
CA LEU G 125 32.21 -9.83 -34.69
C LEU G 125 31.60 -10.95 -33.82
N ASP G 126 32.42 -11.64 -33.05
CA ASP G 126 31.94 -12.68 -32.12
C ASP G 126 31.62 -12.07 -30.75
N PHE G 127 30.33 -11.80 -30.53
CA PHE G 127 29.87 -11.07 -29.34
C PHE G 127 29.47 -11.98 -28.17
N SER G 128 29.79 -11.51 -26.96
CA SER G 128 29.61 -12.29 -25.76
C SER G 128 29.48 -11.32 -24.59
N ILE G 129 28.38 -11.41 -23.85
CA ILE G 129 28.06 -10.43 -22.82
C ILE G 129 27.61 -11.06 -21.50
N GLN G 130 28.00 -10.42 -20.40
CA GLN G 130 27.62 -10.87 -19.07
C GLN G 130 26.85 -9.82 -18.32
N VAL G 131 25.53 -10.00 -18.28
CA VAL G 131 24.66 -9.16 -17.50
C VAL G 131 24.71 -9.62 -16.05
N LEU G 132 24.91 -8.67 -15.15
CA LEU G 132 24.99 -8.96 -13.74
C LEU G 132 24.06 -8.02 -13.01
N SER G 133 23.42 -8.51 -11.94
CA SER G 133 22.45 -7.73 -11.18
C SER G 133 23.09 -6.58 -10.42
N SER G 134 22.62 -5.37 -10.69
CA SER G 134 23.29 -4.15 -10.26
C SER G 134 23.62 -4.06 -8.78
N GLY G 135 23.20 -5.04 -8.00
CA GLY G 135 23.38 -4.99 -6.56
C GLY G 135 24.52 -5.81 -5.97
N SER G 136 24.68 -7.03 -6.47
CA SER G 136 25.55 -8.02 -5.84
C SER G 136 27.04 -7.85 -6.15
N TRP G 137 27.35 -7.33 -7.34
CA TRP G 137 28.72 -7.23 -7.84
C TRP G 137 29.39 -5.90 -7.46
N PRO G 138 30.54 -5.98 -6.76
CA PRO G 138 31.35 -4.84 -6.29
C PRO G 138 32.04 -4.03 -7.39
N PHE G 139 31.35 -3.75 -8.50
CA PHE G 139 31.94 -3.00 -9.61
C PHE G 139 31.37 -1.57 -9.66
N GLN G 140 31.93 -0.73 -10.53
CA GLN G 140 31.50 0.67 -10.61
C GLN G 140 31.40 1.19 -12.03
N GLN G 141 30.72 2.32 -12.19
CA GLN G 141 30.54 2.92 -13.50
C GLN G 141 31.87 3.15 -14.21
N SER G 142 31.85 3.05 -15.54
CA SER G 142 33.04 3.29 -16.36
C SER G 142 33.45 4.76 -16.29
N CYS G 143 34.14 5.23 -17.32
CA CYS G 143 34.68 6.58 -17.25
C CYS G 143 34.36 7.36 -18.53
N THR G 144 33.07 7.53 -18.77
CA THR G 144 32.54 8.33 -19.89
C THR G 144 33.22 8.00 -21.21
N PHE G 145 32.96 6.80 -21.69
CA PHE G 145 33.70 6.24 -22.81
C PHE G 145 32.92 6.36 -24.12
N ALA G 146 33.57 6.84 -25.17
CA ALA G 146 32.92 7.02 -26.47
C ALA G 146 33.06 5.78 -27.35
N LEU G 147 31.93 5.17 -27.68
CA LEU G 147 31.90 3.84 -28.29
C LEU G 147 32.29 3.79 -29.78
N PRO G 148 33.35 3.04 -30.10
CA PRO G 148 33.80 2.79 -31.48
C PRO G 148 32.69 2.19 -32.34
N SER G 149 32.63 2.61 -33.61
CA SER G 149 31.54 2.29 -34.55
C SER G 149 31.23 0.80 -34.76
N GLU G 150 32.27 -0.03 -34.75
CA GLU G 150 32.13 -1.46 -35.03
C GLU G 150 31.42 -2.21 -33.89
N LEU G 151 31.77 -1.82 -32.68
CA LEU G 151 31.16 -2.37 -31.47
C LEU G 151 29.73 -1.89 -31.34
N GLU G 152 29.49 -0.67 -31.81
CA GLU G 152 28.20 -0.01 -31.65
C GLU G 152 27.04 -0.83 -32.22
N ARG G 153 27.28 -1.51 -33.34
CA ARG G 153 26.27 -2.38 -33.93
C ARG G 153 25.83 -3.45 -32.92
N SER G 154 26.80 -3.99 -32.18
CA SER G 154 26.51 -5.03 -31.18
C SER G 154 25.92 -4.41 -29.94
N TYR G 155 26.19 -3.13 -29.71
CA TYR G 155 25.58 -2.46 -28.59
C TYR G 155 24.09 -2.36 -28.85
N GLN G 156 23.68 -1.36 -29.62
CA GLN G 156 22.26 -1.12 -29.94
C GLN G 156 21.48 -2.41 -30.23
N ARG G 157 22.11 -3.37 -30.91
CA ARG G 157 21.46 -4.63 -31.26
C ARG G 157 21.15 -5.47 -30.02
N PHE G 158 21.87 -5.22 -28.93
CA PHE G 158 21.64 -5.97 -27.71
C PHE G 158 20.74 -5.19 -26.78
N THR G 159 21.06 -3.93 -26.55
CA THR G 159 20.19 -3.05 -25.77
C THR G 159 18.74 -3.19 -26.22
N ALA G 160 18.53 -3.21 -27.53
CA ALA G 160 17.20 -3.40 -28.11
C ALA G 160 16.69 -4.81 -27.85
N PHE G 161 17.59 -5.79 -27.95
CA PHE G 161 17.20 -7.15 -27.65
C PHE G 161 16.69 -7.26 -26.23
N TYR G 162 17.42 -6.64 -25.30
CA TYR G 162 17.14 -6.73 -23.86
C TYR G 162 15.82 -6.03 -23.50
N ALA G 163 15.55 -4.89 -24.14
CA ALA G 163 14.28 -4.19 -23.92
C ALA G 163 13.11 -5.15 -24.04
N SER G 164 13.19 -6.09 -24.97
CA SER G 164 12.14 -7.10 -25.13
C SER G 164 12.09 -8.06 -23.95
N ARG G 165 13.27 -8.42 -23.45
CA ARG G 165 13.41 -9.41 -22.37
C ARG G 165 12.64 -9.01 -21.10
N HIS G 166 12.69 -7.73 -20.75
CA HIS G 166 12.19 -7.30 -19.45
C HIS G 166 11.48 -5.96 -19.44
N SER G 167 10.58 -5.82 -18.47
CA SER G 167 9.63 -4.71 -18.43
C SER G 167 10.25 -3.38 -18.13
N GLY G 168 10.85 -3.26 -16.94
CA GLY G 168 11.48 -2.02 -16.53
C GLY G 168 12.96 -2.02 -16.19
N ARG G 169 13.73 -2.88 -16.83
CA ARG G 169 15.16 -2.94 -16.56
C ARG G 169 15.97 -1.91 -17.37
N LYS G 170 17.27 -1.81 -17.08
CA LYS G 170 18.17 -0.90 -17.79
C LYS G 170 19.60 -1.41 -17.71
N LEU G 171 20.36 -1.27 -18.79
CA LEU G 171 21.73 -1.78 -18.83
C LEU G 171 22.78 -0.71 -18.61
N THR G 172 23.77 -1.03 -17.80
CA THR G 172 24.84 -0.08 -17.54
C THR G 172 26.17 -0.71 -17.90
N TRP G 173 26.70 -0.30 -19.05
CA TRP G 173 27.86 -0.98 -19.61
C TRP G 173 29.12 -0.61 -18.88
N LEU G 174 29.90 -1.63 -18.54
CA LEU G 174 31.11 -1.47 -17.75
C LEU G 174 32.31 -1.72 -18.62
N TYR G 175 32.63 -0.74 -19.47
CA TYR G 175 33.69 -0.88 -20.47
C TYR G 175 35.06 -1.10 -19.86
N GLN G 176 35.24 -0.62 -18.64
CA GLN G 176 36.50 -0.80 -17.95
C GLN G 176 36.66 -2.24 -17.49
N LEU G 177 35.71 -3.10 -17.85
CA LEU G 177 35.81 -4.52 -17.53
C LEU G 177 35.67 -5.36 -18.77
N SER G 178 35.37 -4.71 -19.89
CA SER G 178 35.15 -5.42 -21.13
C SER G 178 36.44 -5.55 -21.91
N LYS G 179 36.63 -6.72 -22.50
CA LYS G 179 37.79 -7.00 -23.30
C LYS G 179 37.31 -7.47 -24.67
N GLY G 180 38.25 -7.86 -25.52
CA GLY G 180 37.94 -8.31 -26.86
C GLY G 180 39.20 -8.68 -27.61
N GLU G 181 39.07 -9.00 -28.89
CA GLU G 181 40.21 -9.41 -29.72
C GLU G 181 40.31 -8.69 -31.05
N LEU G 182 41.43 -7.99 -31.26
CA LEU G 182 41.74 -7.36 -32.53
C LEU G 182 42.61 -8.25 -33.39
N VAL G 183 42.53 -8.05 -34.71
CA VAL G 183 43.41 -8.75 -35.64
C VAL G 183 44.12 -7.73 -36.54
N THR G 184 45.44 -7.88 -36.68
CA THR G 184 46.28 -6.88 -37.33
C THR G 184 46.58 -7.19 -38.80
N ASN G 185 46.47 -6.17 -39.64
CA ASN G 185 46.77 -6.31 -41.07
C ASN G 185 47.93 -5.43 -41.48
N CYS G 186 48.16 -4.39 -40.68
CA CYS G 186 49.10 -3.32 -41.01
C CYS G 186 50.54 -3.60 -40.55
N PHE G 187 50.81 -4.85 -40.16
CA PHE G 187 52.16 -5.20 -39.72
C PHE G 187 52.77 -6.30 -40.58
N LYS G 188 54.08 -6.52 -40.40
CA LYS G 188 54.77 -7.57 -41.14
C LYS G 188 53.94 -8.86 -41.15
N ASN G 189 53.46 -9.25 -39.97
CA ASN G 189 52.66 -10.47 -39.82
C ASN G 189 51.18 -10.28 -39.49
N ARG G 190 50.52 -11.40 -39.25
CA ARG G 190 49.11 -11.44 -38.87
C ARG G 190 48.97 -11.82 -37.40
N TYR G 191 48.72 -10.82 -36.56
CA TYR G 191 48.65 -11.01 -35.12
C TYR G 191 47.20 -11.03 -34.61
N THR G 192 46.94 -11.74 -33.51
CA THR G 192 45.66 -11.66 -32.83
C THR G 192 45.82 -11.00 -31.45
N LEU G 193 45.54 -9.70 -31.38
CA LEU G 193 45.72 -8.94 -30.14
C LEU G 193 44.57 -9.16 -29.14
N GLN G 194 44.90 -9.55 -27.92
CA GLN G 194 43.93 -9.67 -26.85
C GLN G 194 43.98 -8.38 -26.06
N ALA G 195 43.01 -7.50 -26.31
CA ALA G 195 43.08 -6.16 -25.77
C ALA G 195 41.83 -5.77 -24.99
N SER G 196 42.02 -4.94 -23.97
CA SER G 196 40.92 -4.34 -23.23
C SER G 196 40.09 -3.50 -24.19
N THR G 197 38.86 -3.16 -23.79
CA THR G 197 37.99 -2.36 -24.65
C THR G 197 38.44 -0.91 -24.78
N PHE G 198 39.18 -0.43 -23.77
CA PHE G 198 39.79 0.88 -23.88
C PHE G 198 40.87 0.83 -24.96
N GLN G 199 41.66 -0.23 -24.93
CA GLN G 199 42.72 -0.40 -25.91
C GLN G 199 42.12 -0.43 -27.31
N MET G 200 41.37 -1.49 -27.60
CA MET G 200 40.66 -1.58 -28.87
C MET G 200 40.27 -0.22 -29.44
N ALA G 201 39.76 0.66 -28.59
CA ALA G 201 39.17 1.93 -29.05
C ALA G 201 40.20 2.89 -29.59
N ILE G 202 41.38 2.92 -28.97
CA ILE G 202 42.42 3.81 -29.44
C ILE G 202 43.15 3.18 -30.64
N LEU G 203 43.19 1.85 -30.70
CA LEU G 203 43.81 1.16 -31.82
C LEU G 203 43.00 1.31 -33.11
N LEU G 204 41.68 1.26 -33.01
CA LEU G 204 40.83 1.42 -34.18
C LEU G 204 40.92 2.83 -34.74
N GLN G 205 41.43 3.75 -33.94
CA GLN G 205 41.59 5.14 -34.35
C GLN G 205 42.63 5.25 -35.47
N TYR G 206 43.63 4.37 -35.44
CA TYR G 206 44.67 4.37 -36.47
C TYR G 206 44.21 3.54 -37.67
N ASN G 207 42.98 3.77 -38.09
CA ASN G 207 42.47 3.24 -39.34
C ASN G 207 42.29 4.38 -40.33
N THR G 208 42.83 5.55 -39.98
CA THR G 208 42.84 6.70 -40.88
C THR G 208 44.20 7.39 -40.82
N GLU G 209 44.41 8.22 -39.79
CA GLU G 209 45.74 8.78 -39.55
C GLU G 209 46.58 7.81 -38.76
N ASP G 210 47.84 8.15 -38.59
CA ASP G 210 48.78 7.28 -37.89
C ASP G 210 49.43 7.99 -36.71
N ALA G 211 48.92 9.16 -36.38
CA ALA G 211 49.38 9.87 -35.18
C ALA G 211 48.41 10.95 -34.68
N TYR G 212 48.10 10.90 -33.39
CA TYR G 212 47.32 11.96 -32.76
C TYR G 212 48.02 12.39 -31.46
N THR G 213 47.67 13.58 -30.96
CA THR G 213 48.19 14.04 -29.67
C THR G 213 47.32 13.48 -28.54
N VAL G 214 47.83 13.55 -27.32
CA VAL G 214 47.05 13.13 -26.15
C VAL G 214 45.69 13.86 -26.10
N GLN G 215 45.60 15.06 -26.68
CA GLN G 215 44.36 15.86 -26.65
C GLN G 215 43.33 15.47 -27.72
N GLN G 216 43.80 14.81 -28.78
CA GLN G 216 42.93 14.42 -29.89
C GLN G 216 42.21 13.09 -29.63
N LEU G 217 42.82 12.24 -28.82
CA LEU G 217 42.22 10.97 -28.42
C LEU G 217 41.12 11.17 -27.38
N THR G 218 41.41 12.04 -26.41
CA THR G 218 40.44 12.40 -25.39
C THR G 218 39.17 13.01 -25.99
N ASP G 219 39.31 13.55 -27.22
CA ASP G 219 38.17 14.15 -27.92
C ASP G 219 37.41 13.17 -28.84
N SER G 220 38.04 12.04 -29.16
CA SER G 220 37.45 11.09 -30.10
C SER G 220 37.07 9.77 -29.44
N THR G 221 37.54 9.57 -28.21
CA THR G 221 37.18 8.38 -27.44
C THR G 221 36.54 8.75 -26.08
N GLN G 222 36.45 10.06 -25.83
CA GLN G 222 35.87 10.59 -24.59
C GLN G 222 36.52 10.03 -23.31
N ILE G 223 37.67 9.38 -23.46
CA ILE G 223 38.35 8.81 -22.31
C ILE G 223 39.01 9.92 -21.49
N LYS G 224 38.56 10.06 -20.25
CA LYS G 224 39.19 10.95 -19.30
C LYS G 224 40.69 10.66 -19.34
N MET G 225 41.50 11.69 -19.48
CA MET G 225 42.95 11.52 -19.66
C MET G 225 43.62 10.75 -18.52
N ASP G 226 43.29 11.11 -17.29
CA ASP G 226 43.75 10.34 -16.12
C ASP G 226 43.89 8.86 -16.45
N ILE G 227 42.81 8.29 -16.99
CA ILE G 227 42.76 6.88 -17.36
C ILE G 227 43.31 6.64 -18.76
N LEU G 228 43.24 7.65 -19.63
CA LEU G 228 43.81 7.57 -20.97
C LEU G 228 45.34 7.55 -20.92
N ALA G 229 45.91 8.23 -19.92
CA ALA G 229 47.36 8.27 -19.77
C ALA G 229 47.90 6.91 -19.36
N GLN G 230 47.26 6.30 -18.37
CA GLN G 230 47.70 4.99 -17.88
C GLN G 230 47.59 3.94 -18.99
N VAL G 231 46.65 4.12 -19.90
CA VAL G 231 46.42 3.15 -20.98
C VAL G 231 47.51 3.27 -22.03
N LEU G 232 47.76 4.50 -22.49
CA LEU G 232 48.82 4.74 -23.47
C LEU G 232 50.16 4.23 -22.95
N GLN G 233 50.41 4.43 -21.66
CA GLN G 233 51.63 3.93 -21.05
C GLN G 233 51.74 2.40 -21.12
N ILE G 234 50.63 1.72 -21.40
CA ILE G 234 50.66 0.28 -21.68
C ILE G 234 50.88 0.02 -23.19
N LEU G 235 50.24 0.83 -24.03
CA LEU G 235 50.40 0.75 -25.48
C LEU G 235 51.79 1.18 -25.97
N LEU G 236 52.58 1.76 -25.08
CA LEU G 236 53.96 2.08 -25.39
C LEU G 236 54.87 0.99 -24.85
N LYS G 237 54.42 0.32 -23.79
CA LYS G 237 55.13 -0.84 -23.25
C LYS G 237 55.34 -1.88 -24.35
N SER G 238 54.24 -2.36 -24.93
CA SER G 238 54.31 -3.15 -26.15
C SER G 238 54.70 -2.17 -27.24
N LYS G 239 55.63 -2.55 -28.12
CA LYS G 239 56.07 -1.62 -29.16
C LYS G 239 55.03 -1.41 -30.27
N LEU G 240 53.75 -1.40 -29.91
CA LEU G 240 52.69 -1.17 -30.89
C LEU G 240 52.61 0.30 -31.27
N LEU G 241 52.72 1.16 -30.27
CA LEU G 241 52.73 2.60 -30.48
C LEU G 241 54.04 3.15 -29.97
N VAL G 242 54.50 4.25 -30.57
CA VAL G 242 55.73 4.91 -30.15
C VAL G 242 55.63 6.42 -30.41
N LEU G 243 56.53 7.18 -29.78
CA LEU G 243 56.58 8.64 -29.92
C LEU G 243 57.82 9.07 -30.73
N GLU G 244 57.93 10.37 -31.00
CA GLU G 244 59.08 10.98 -31.70
C GLU G 244 60.47 10.55 -31.16
N ASP G 245 60.59 10.30 -29.86
CA ASP G 245 61.86 9.89 -29.24
C ASP G 245 61.84 8.42 -28.80
N GLU G 246 62.56 7.57 -29.53
CA GLU G 246 62.59 6.13 -29.24
C GLU G 246 63.55 5.74 -28.09
N ASN G 247 63.77 6.66 -27.16
CA ASN G 247 64.70 6.42 -26.03
C ASN G 247 64.14 6.82 -24.64
N ALA G 248 63.03 7.55 -24.63
CA ALA G 248 62.46 8.10 -23.40
C ALA G 248 62.20 7.07 -22.30
N ASN G 249 62.12 7.55 -21.06
CA ASN G 249 61.84 6.70 -19.89
C ASN G 249 60.45 6.02 -20.03
N VAL G 250 60.47 4.71 -20.27
CA VAL G 250 59.24 3.93 -20.49
C VAL G 250 58.29 3.97 -19.29
N ASP G 251 58.81 4.32 -18.11
CA ASP G 251 58.00 4.32 -16.89
C ASP G 251 57.77 5.72 -16.33
N GLU G 252 58.81 6.55 -16.30
CA GLU G 252 58.73 7.83 -15.60
C GLU G 252 58.26 9.02 -16.46
N VAL G 253 58.47 8.95 -17.77
CA VAL G 253 58.16 10.08 -18.68
C VAL G 253 56.66 10.33 -18.88
N GLU G 254 56.05 11.10 -17.98
CA GLU G 254 54.63 11.43 -18.09
C GLU G 254 54.33 12.15 -19.43
N LEU G 255 53.11 11.96 -19.93
CA LEU G 255 52.72 12.54 -21.20
C LEU G 255 52.04 13.89 -20.99
N LYS G 256 51.81 14.59 -22.08
CA LYS G 256 51.11 15.86 -22.04
C LYS G 256 50.02 15.87 -23.12
N PRO G 257 48.99 16.70 -22.93
CA PRO G 257 47.90 16.84 -23.92
C PRO G 257 48.42 17.16 -25.32
N ASP G 258 49.67 17.61 -25.42
CA ASP G 258 50.27 17.98 -26.71
C ASP G 258 51.29 16.96 -27.26
N THR G 259 51.68 15.98 -26.45
CA THR G 259 52.58 14.93 -26.93
C THR G 259 51.88 14.04 -27.95
N LEU G 260 52.59 13.77 -29.03
CA LEU G 260 52.07 13.01 -30.15
C LEU G 260 52.16 11.50 -29.87
N ILE G 261 51.37 10.72 -30.61
CA ILE G 261 51.43 9.26 -30.53
C ILE G 261 51.49 8.67 -31.94
N LYS G 262 52.46 7.79 -32.17
CA LYS G 262 52.71 7.25 -33.51
C LYS G 262 52.53 5.73 -33.56
N LEU G 263 51.82 5.26 -34.59
CA LEU G 263 51.60 3.83 -34.85
C LEU G 263 52.87 3.19 -35.40
N TYR G 264 53.58 2.44 -34.55
CA TYR G 264 54.84 1.82 -34.94
C TYR G 264 54.61 0.66 -35.93
N LEU G 265 54.94 0.89 -37.20
CA LEU G 265 54.65 -0.10 -38.25
C LEU G 265 55.67 -1.24 -38.26
N GLY G 266 56.73 -1.07 -37.46
CA GLY G 266 57.76 -2.08 -37.37
C GLY G 266 57.48 -3.06 -36.26
N TYR G 267 56.21 -3.41 -36.08
CA TYR G 267 55.84 -4.29 -34.98
C TYR G 267 56.23 -5.73 -35.26
N LYS G 268 56.94 -6.30 -34.28
CA LYS G 268 57.47 -7.65 -34.38
C LYS G 268 57.22 -8.36 -33.05
N ASN G 269 56.68 -9.58 -33.11
CA ASN G 269 56.55 -10.38 -31.89
C ASN G 269 56.65 -11.90 -32.11
N LYS G 270 57.36 -12.54 -31.18
CA LYS G 270 57.72 -13.96 -31.30
C LYS G 270 56.52 -14.90 -31.17
N LYS G 271 55.32 -14.32 -31.12
CA LYS G 271 54.08 -15.10 -31.03
C LYS G 271 52.90 -14.42 -31.74
N LEU G 272 51.99 -15.26 -32.22
CA LEU G 272 50.85 -14.84 -33.06
C LEU G 272 49.69 -14.23 -32.29
N ARG G 273 49.38 -14.80 -31.13
CA ARG G 273 48.38 -14.23 -30.26
C ARG G 273 49.05 -13.60 -29.06
N VAL G 274 48.89 -12.29 -28.92
CA VAL G 274 49.52 -11.57 -27.83
C VAL G 274 48.48 -11.18 -26.79
N ASN G 275 48.94 -10.92 -25.57
CA ASN G 275 48.10 -10.32 -24.54
C ASN G 275 48.64 -8.95 -24.17
N ILE G 276 48.00 -7.91 -24.68
CA ILE G 276 48.37 -6.54 -24.32
C ILE G 276 47.43 -6.00 -23.24
N ASN G 277 46.51 -6.85 -22.79
CA ASN G 277 45.52 -6.46 -21.80
C ASN G 277 46.00 -6.77 -20.39
N VAL G 278 47.07 -6.07 -19.99
CA VAL G 278 47.71 -6.31 -18.71
C VAL G 278 47.21 -5.33 -17.65
N PRO G 279 47.20 -5.78 -16.38
CA PRO G 279 46.81 -4.92 -15.27
C PRO G 279 47.79 -3.76 -15.14
N MET G 280 47.34 -2.52 -15.28
CA MET G 280 48.22 -1.36 -15.10
C MET G 280 48.47 -1.07 -13.61
N LYS G 281 49.67 -0.58 -13.29
CA LYS G 281 50.19 -0.49 -11.89
C LYS G 281 49.40 0.35 -10.89
N THR G 282 48.70 1.38 -11.38
CA THR G 282 47.90 2.27 -10.55
C THR G 282 46.56 1.63 -10.19
N GLU G 283 46.36 0.38 -10.63
CA GLU G 283 45.11 -0.34 -10.39
C GLU G 283 45.04 -1.03 -9.03
N GLN G 284 46.12 -1.67 -8.59
CA GLN G 284 46.10 -2.38 -7.30
C GLN G 284 46.08 -1.42 -6.11
N LYS G 285 46.32 -0.14 -6.38
CA LYS G 285 46.14 0.91 -5.38
C LYS G 285 44.71 1.47 -5.48
N GLN G 286 44.39 2.15 -6.58
CA GLN G 286 43.06 2.77 -6.77
C GLN G 286 41.85 1.89 -6.40
N GLU G 287 41.93 0.60 -6.70
CA GLU G 287 40.82 -0.31 -6.41
C GLU G 287 40.80 -0.65 -4.93
N GLN G 288 41.97 -0.59 -4.31
CA GLN G 288 42.04 -0.77 -2.87
C GLN G 288 41.39 0.40 -2.12
N GLU G 289 41.73 1.63 -2.51
CA GLU G 289 41.15 2.82 -1.87
C GLU G 289 39.63 2.83 -1.97
N THR G 290 39.12 2.45 -3.12
CA THR G 290 37.68 2.46 -3.34
C THR G 290 36.98 1.39 -2.50
N THR G 291 37.63 0.23 -2.36
CA THR G 291 37.06 -0.84 -1.57
C THR G 291 37.03 -0.43 -0.10
N HIS G 292 38.03 0.35 0.33
CA HIS G 292 38.01 0.82 1.71
C HIS G 292 36.83 1.76 1.96
N LYS G 293 36.52 2.63 1.01
CA LYS G 293 35.40 3.53 1.18
C LYS G 293 34.08 2.77 1.18
N ASN G 294 34.02 1.71 0.40
CA ASN G 294 32.81 0.89 0.34
C ASN G 294 32.61 0.08 1.61
N ILE G 295 33.70 -0.22 2.27
CA ILE G 295 33.62 -0.92 3.53
C ILE G 295 33.12 0.03 4.59
N GLU G 296 33.68 1.22 4.64
CA GLU G 296 33.31 2.21 5.63
C GLU G 296 31.83 2.52 5.55
N GLU G 297 31.28 2.48 4.35
CA GLU G 297 29.88 2.82 4.17
C GLU G 297 29.02 1.60 4.47
N ASP G 298 29.58 0.43 4.18
CA ASP G 298 28.88 -0.81 4.43
C ASP G 298 28.65 -1.02 5.91
N ARG G 299 29.63 -0.65 6.72
CA ARG G 299 29.52 -0.74 8.17
C ARG G 299 28.39 0.15 8.66
N LYS G 300 28.28 1.34 8.07
CA LYS G 300 27.24 2.27 8.46
C LYS G 300 25.87 1.67 8.19
N LEU G 301 25.76 0.90 7.11
CA LEU G 301 24.48 0.27 6.80
C LEU G 301 24.20 -0.86 7.78
N LEU G 302 25.21 -1.67 8.05
CA LEU G 302 25.08 -2.75 9.02
C LEU G 302 24.55 -2.22 10.32
N ILE G 303 25.08 -1.08 10.72
CA ILE G 303 24.72 -0.47 11.99
C ILE G 303 23.27 0.01 12.00
N GLN G 304 22.88 0.80 11.01
CA GLN G 304 21.49 1.22 10.94
C GLN G 304 20.61 0.00 11.05
N ALA G 305 21.04 -1.08 10.43
CA ALA G 305 20.29 -2.33 10.47
C ALA G 305 20.14 -2.81 11.91
N ALA G 306 21.22 -2.77 12.68
CA ALA G 306 21.22 -3.17 14.08
C ALA G 306 20.28 -2.28 14.87
N ILE G 307 20.52 -0.99 14.80
CA ILE G 307 19.68 -0.01 15.47
C ILE G 307 18.21 -0.30 15.25
N VAL G 308 17.85 -0.75 14.05
CA VAL G 308 16.44 -1.02 13.76
C VAL G 308 15.97 -2.38 14.27
N ARG G 309 16.86 -3.37 14.27
CA ARG G 309 16.52 -4.66 14.83
C ARG G 309 16.26 -4.50 16.31
N ILE G 310 17.00 -3.59 16.92
CA ILE G 310 16.97 -3.43 18.36
C ILE G 310 15.82 -2.55 18.78
N MET G 311 15.71 -1.40 18.15
CA MET G 311 14.61 -0.49 18.42
C MET G 311 13.27 -1.12 18.11
N LYS G 312 13.21 -1.86 17.01
CA LYS G 312 12.01 -2.57 16.66
C LYS G 312 11.64 -3.50 17.81
N MET G 313 12.63 -4.17 18.38
CA MET G 313 12.39 -5.08 19.49
C MET G 313 11.89 -4.32 20.72
N ARG G 314 12.76 -3.58 21.40
CA ARG G 314 12.34 -2.84 22.59
C ARG G 314 11.92 -1.42 22.25
N LYS G 315 10.63 -1.23 22.03
CA LYS G 315 10.11 0.00 21.44
C LYS G 315 10.70 1.32 21.98
N VAL G 316 11.30 1.31 23.16
CA VAL G 316 11.93 2.51 23.69
C VAL G 316 13.19 2.19 24.44
N LEU G 317 14.17 3.08 24.36
CA LEU G 317 15.49 2.82 24.89
C LEU G 317 16.25 4.12 24.97
N LYS G 318 17.15 4.23 25.94
CA LYS G 318 17.97 5.42 26.11
C LYS G 318 19.24 5.30 25.27
N HIS G 319 19.74 6.43 24.78
CA HIS G 319 20.89 6.43 23.89
C HIS G 319 21.96 5.46 24.35
N GLN G 320 22.34 5.55 25.61
CA GLN G 320 23.48 4.78 26.08
C GLN G 320 23.20 3.28 26.03
N GLN G 321 21.97 2.89 26.34
CA GLN G 321 21.56 1.49 26.27
C GLN G 321 21.56 1.00 24.84
N LEU G 322 21.15 1.87 23.92
CA LEU G 322 21.20 1.56 22.51
C LEU G 322 22.64 1.24 22.08
N LEU G 323 23.55 2.20 22.26
CA LEU G 323 24.95 1.99 21.91
C LEU G 323 25.48 0.64 22.37
N GLY G 324 25.21 0.30 23.62
CA GLY G 324 25.70 -0.95 24.18
C GLY G 324 25.15 -2.18 23.51
N GLU G 325 23.88 -2.13 23.10
CA GLU G 325 23.29 -3.26 22.41
C GLU G 325 23.90 -3.40 21.04
N VAL G 326 24.03 -2.27 20.35
CA VAL G 326 24.58 -2.27 19.01
C VAL G 326 25.98 -2.85 19.00
N LEU G 327 26.79 -2.50 19.99
CA LEU G 327 28.12 -3.07 20.07
C LEU G 327 28.06 -4.57 20.32
N THR G 328 27.15 -4.98 21.17
CA THR G 328 27.02 -6.39 21.50
C THR G 328 26.75 -7.20 20.26
N GLN G 329 25.79 -6.73 19.45
CA GLN G 329 25.37 -7.49 18.29
C GLN G 329 26.38 -7.49 17.15
N LEU G 330 27.07 -6.38 16.96
CA LEU G 330 28.04 -6.28 15.86
C LEU G 330 29.44 -6.76 16.23
N SER G 331 29.67 -6.96 17.52
CA SER G 331 31.01 -7.31 18.01
C SER G 331 31.62 -8.52 17.29
N SER G 332 30.77 -9.41 16.81
CA SER G 332 31.20 -10.64 16.16
C SER G 332 31.67 -10.44 14.73
N ARG G 333 31.18 -9.37 14.09
CA ARG G 333 31.61 -9.06 12.73
C ARG G 333 32.70 -8.00 12.71
N PHE G 334 32.62 -7.02 13.60
CA PHE G 334 33.69 -6.03 13.71
C PHE G 334 33.70 -5.16 14.99
N LYS G 335 34.69 -4.27 15.08
CA LYS G 335 34.90 -3.45 16.27
C LYS G 335 34.41 -2.02 16.04
N PRO G 336 33.10 -1.79 16.19
CA PRO G 336 32.49 -0.51 15.83
C PRO G 336 33.13 0.67 16.54
N ARG G 337 33.14 1.83 15.88
CA ARG G 337 33.59 3.06 16.51
C ARG G 337 32.37 3.79 17.07
N VAL G 338 32.49 4.32 18.27
CA VAL G 338 31.32 4.96 18.89
C VAL G 338 30.71 6.11 18.08
N PRO G 339 31.54 7.05 17.60
CA PRO G 339 31.03 8.23 16.92
C PRO G 339 30.14 7.88 15.73
N VAL G 340 30.41 6.74 15.12
CA VAL G 340 29.67 6.28 13.96
C VAL G 340 28.23 5.90 14.31
N ILE G 341 28.05 5.04 15.31
CA ILE G 341 26.72 4.64 15.74
C ILE G 341 25.89 5.84 16.14
N LYS G 342 26.54 6.81 16.77
CA LYS G 342 25.92 8.09 17.01
C LYS G 342 25.34 8.60 15.71
N LYS G 343 26.20 8.70 14.70
CA LYS G 343 25.79 9.24 13.41
C LYS G 343 24.70 8.39 12.77
N CYS G 344 24.78 7.09 12.87
CA CYS G 344 23.76 6.20 12.29
C CYS G 344 22.38 6.43 12.91
N ILE G 345 22.34 6.55 14.23
CA ILE G 345 21.11 6.89 14.94
C ILE G 345 20.53 8.18 14.39
N ASP G 346 21.38 9.21 14.33
CA ASP G 346 20.98 10.52 13.84
C ASP G 346 20.35 10.44 12.46
N ILE G 347 21.05 9.79 11.54
CA ILE G 347 20.54 9.61 10.18
C ILE G 347 19.19 8.90 10.25
N LEU G 348 19.08 7.88 11.08
CA LEU G 348 17.84 7.12 11.22
C LEU G 348 16.63 7.96 11.63
N ILE G 349 16.89 9.04 12.36
CA ILE G 349 15.83 10.00 12.69
C ILE G 349 15.47 10.88 11.51
N GLU G 350 16.48 11.29 10.74
CA GLU G 350 16.25 12.09 9.55
C GLU G 350 15.45 11.24 8.58
N LYS G 351 15.53 9.93 8.74
CA LYS G 351 14.84 9.01 7.88
C LYS G 351 13.47 8.65 8.44
N GLU G 352 13.23 9.03 9.71
CA GLU G 352 11.95 8.81 10.35
C GLU G 352 11.71 7.37 10.74
N TYR G 353 12.77 6.69 11.13
CA TYR G 353 12.63 5.34 11.63
C TYR G 353 12.57 5.37 13.12
N LEU G 354 13.17 6.39 13.70
CA LEU G 354 13.00 6.59 15.12
C LEU G 354 13.06 8.05 15.50
N GLU G 355 12.42 8.38 16.61
CA GLU G 355 12.32 9.76 17.05
C GLU G 355 12.73 9.92 18.51
N ARG G 356 12.86 11.17 18.94
CA ARG G 356 13.24 11.48 20.31
C ARG G 356 12.01 11.68 21.15
N VAL G 357 11.94 11.04 22.32
CA VAL G 357 10.80 11.25 23.19
C VAL G 357 10.82 12.65 23.79
N ASP G 358 9.85 13.49 23.43
CA ASP G 358 9.85 14.83 23.99
C ASP G 358 9.75 14.76 25.52
N GLY G 359 10.39 15.71 26.19
CA GLY G 359 10.50 15.71 27.64
C GLY G 359 11.75 14.97 28.08
N GLU G 360 11.87 13.74 27.61
CA GLU G 360 13.06 12.90 27.82
C GLU G 360 14.22 13.45 27.01
N LYS G 361 15.44 13.24 27.51
CA LYS G 361 16.62 13.85 26.92
C LYS G 361 17.19 13.05 25.76
N ASP G 362 17.82 11.93 26.08
CA ASP G 362 18.43 11.08 25.08
C ASP G 362 17.77 9.72 25.10
N THR G 363 16.45 9.73 25.10
CA THR G 363 15.70 8.49 24.96
C THR G 363 15.05 8.51 23.59
N TYR G 364 15.27 7.45 22.83
CA TYR G 364 14.72 7.31 21.48
C TYR G 364 13.58 6.32 21.48
N SER G 365 12.67 6.45 20.53
CA SER G 365 11.61 5.47 20.34
C SER G 365 11.43 5.15 18.87
N TYR G 366 11.20 3.87 18.57
CA TYR G 366 10.99 3.43 17.20
C TYR G 366 9.64 3.90 16.68
N LEU G 367 9.62 4.34 15.42
CA LEU G 367 8.40 4.78 14.77
C LEU G 367 7.78 3.64 13.99
N ALA G 368 6.80 2.97 14.58
CA ALA G 368 6.15 1.84 13.96
C ALA G 368 5.66 2.23 12.57
N LYS H 18 47.44 0.69 -42.11
CA LYS H 18 46.62 1.19 -41.02
C LYS H 18 45.26 0.48 -40.95
N ARG H 19 45.22 -0.72 -40.38
CA ARG H 19 43.94 -1.44 -40.28
C ARG H 19 43.88 -2.51 -39.21
N PHE H 20 43.02 -2.27 -38.22
CA PHE H 20 42.68 -3.24 -37.18
C PHE H 20 41.22 -3.68 -37.32
N GLU H 21 40.94 -4.94 -37.01
CA GLU H 21 39.59 -5.51 -37.07
C GLU H 21 39.17 -6.18 -35.75
N VAL H 22 37.86 -6.17 -35.47
CA VAL H 22 37.31 -6.81 -34.28
C VAL H 22 36.83 -8.22 -34.57
N LYS H 23 37.47 -9.20 -33.92
CA LYS H 23 37.03 -10.60 -34.02
C LYS H 23 36.15 -10.99 -32.84
N LYS H 24 36.55 -10.56 -31.64
CA LYS H 24 35.77 -10.84 -30.43
C LYS H 24 35.56 -9.59 -29.59
N TRP H 25 34.44 -9.55 -28.88
CA TRP H 25 34.19 -8.54 -27.85
C TRP H 25 33.39 -9.17 -26.71
N ASN H 26 34.00 -9.27 -25.53
CA ASN H 26 33.31 -9.79 -24.34
C ASN H 26 32.90 -8.66 -23.40
N ALA H 27 31.60 -8.38 -23.38
CA ALA H 27 31.07 -7.23 -22.64
C ALA H 27 30.60 -7.60 -21.24
N VAL H 28 30.52 -6.58 -20.39
CA VAL H 28 30.03 -6.74 -19.04
C VAL H 28 29.08 -5.61 -18.74
N ALA H 29 27.90 -5.93 -18.22
CA ALA H 29 26.89 -4.93 -17.94
C ALA H 29 26.20 -5.16 -16.59
N LEU H 30 25.64 -4.09 -16.02
CA LEU H 30 24.88 -4.18 -14.78
C LEU H 30 23.41 -3.86 -15.02
N TRP H 31 22.54 -4.79 -14.69
CA TRP H 31 21.11 -4.53 -14.82
C TRP H 31 20.47 -4.03 -13.51
N ALA H 32 19.64 -3.01 -13.61
CA ALA H 32 18.91 -2.48 -12.47
C ALA H 32 17.52 -2.09 -12.92
N TRP H 33 16.65 -1.73 -11.99
CA TRP H 33 15.33 -1.21 -12.36
C TRP H 33 15.49 0.24 -12.73
N ASP H 34 14.73 0.67 -13.72
CA ASP H 34 14.91 2.01 -14.25
C ASP H 34 13.89 2.98 -13.66
N ILE H 35 14.37 3.88 -12.79
CA ILE H 35 13.49 4.83 -12.15
C ILE H 35 13.64 6.22 -12.73
N VAL H 36 12.62 6.68 -13.46
CA VAL H 36 12.66 7.99 -14.10
C VAL H 36 12.29 9.13 -13.14
N VAL H 37 13.28 9.66 -12.43
CA VAL H 37 13.04 10.78 -11.53
C VAL H 37 13.45 12.10 -12.18
N ASP H 38 12.51 12.78 -12.82
CA ASP H 38 12.78 14.12 -13.32
C ASP H 38 12.06 15.23 -12.54
N ASN H 39 11.81 14.96 -11.27
CA ASN H 39 11.28 15.95 -10.33
C ASN H 39 12.30 16.31 -9.25
N CYS H 40 12.05 17.39 -8.52
CA CYS H 40 12.83 17.66 -7.32
C CYS H 40 12.24 16.86 -6.16
N ALA H 41 13.09 16.07 -5.52
CA ALA H 41 12.64 15.16 -4.48
C ALA H 41 12.11 15.88 -3.25
N ILE H 42 12.43 17.17 -3.12
CA ILE H 42 12.12 17.87 -1.89
C ILE H 42 10.84 18.68 -1.96
N CYS H 43 10.54 19.22 -3.14
CA CYS H 43 9.32 20.03 -3.29
C CYS H 43 8.39 19.39 -4.31
N ARG H 44 8.92 18.42 -5.05
CA ARG H 44 8.10 17.50 -5.83
C ARG H 44 7.69 17.92 -7.24
N ASN H 45 8.12 19.07 -7.71
CA ASN H 45 7.76 19.46 -9.08
C ASN H 45 8.97 19.43 -10.02
N HIS H 46 8.72 19.61 -11.31
CA HIS H 46 9.75 19.39 -12.33
C HIS H 46 11.02 20.15 -12.01
N ILE H 47 12.18 19.52 -12.18
CA ILE H 47 13.43 20.21 -11.92
C ILE H 47 13.56 21.42 -12.82
N MET H 48 13.11 21.26 -14.06
CA MET H 48 13.28 22.26 -15.11
C MET H 48 12.40 23.49 -14.95
N ASP H 49 11.45 23.43 -14.03
CA ASP H 49 10.68 24.63 -13.69
C ASP H 49 10.98 25.09 -12.27
N LEU H 50 10.28 26.12 -11.81
CA LEU H 50 10.62 26.76 -10.53
C LEU H 50 10.27 25.87 -9.33
N CYS H 51 10.91 26.11 -8.18
CA CYS H 51 10.60 25.36 -6.98
C CYS H 51 9.35 25.89 -6.31
N ILE H 52 8.81 25.12 -5.36
CA ILE H 52 7.59 25.51 -4.67
C ILE H 52 7.68 26.92 -4.08
N GLU H 53 8.85 27.27 -3.55
CA GLU H 53 8.98 28.50 -2.77
C GLU H 53 8.98 29.77 -3.63
N CYS H 54 9.46 29.62 -4.87
CA CYS H 54 9.55 30.73 -5.82
C CYS H 54 8.22 30.98 -6.55
N GLN H 55 7.35 29.98 -6.59
CA GLN H 55 6.03 30.18 -7.16
C GLN H 55 5.19 30.88 -6.12
N ALA H 56 5.70 30.92 -4.89
CA ALA H 56 5.06 31.68 -3.84
C ALA H 56 5.43 33.14 -3.97
N ASN H 57 6.52 33.40 -4.70
CA ASN H 57 7.06 34.75 -4.90
C ASN H 57 6.83 35.32 -6.32
N GLN H 58 6.25 34.49 -7.20
CA GLN H 58 5.85 34.85 -8.57
C GLN H 58 6.98 35.40 -9.47
N ALA H 59 6.90 36.70 -9.75
CA ALA H 59 7.95 37.45 -10.46
C ALA H 59 8.64 38.45 -9.52
N GLU H 64 15.88 33.71 -13.28
CA GLU H 64 17.12 32.97 -13.47
C GLU H 64 17.77 32.47 -12.18
N GLU H 65 17.47 33.08 -11.04
CA GLU H 65 18.20 32.76 -9.79
C GLU H 65 17.63 31.58 -8.99
N CYS H 66 16.89 30.70 -9.67
CA CYS H 66 16.46 29.42 -9.08
C CYS H 66 17.11 28.25 -9.81
N THR H 67 18.40 28.00 -9.55
CA THR H 67 19.16 26.94 -10.24
C THR H 67 19.04 25.57 -9.59
N VAL H 68 19.62 24.56 -10.24
CA VAL H 68 19.64 23.20 -9.67
C VAL H 68 21.06 22.81 -9.23
N ALA H 69 21.19 22.44 -7.95
CA ALA H 69 22.49 22.06 -7.40
C ALA H 69 22.76 20.57 -7.59
N TRP H 70 24.01 20.22 -7.85
CA TRP H 70 24.39 18.82 -8.04
C TRP H 70 25.30 18.34 -6.91
N GLY H 71 25.21 17.06 -6.59
CA GLY H 71 26.04 16.48 -5.56
C GLY H 71 27.03 15.49 -6.11
N VAL H 72 28.08 15.20 -5.36
CA VAL H 72 29.08 14.23 -5.81
C VAL H 72 28.40 12.92 -6.16
N CYS H 73 27.18 12.78 -5.65
CA CYS H 73 26.36 11.57 -5.83
C CYS H 73 25.57 11.67 -7.12
N ASN H 74 25.71 12.80 -7.78
CA ASN H 74 25.13 13.01 -9.10
C ASN H 74 23.63 13.27 -9.11
N HIS H 75 23.07 13.32 -7.89
CA HIS H 75 21.66 13.60 -7.68
C HIS H 75 21.44 15.10 -7.80
N ALA H 76 20.31 15.52 -8.32
CA ALA H 76 20.05 16.95 -8.45
C ALA H 76 18.71 17.42 -7.85
N PHE H 77 18.75 18.56 -7.17
CA PHE H 77 17.59 19.20 -6.58
C PHE H 77 17.74 20.68 -6.79
N HIS H 78 16.62 21.39 -6.87
CA HIS H 78 16.68 22.84 -6.85
C HIS H 78 17.61 23.24 -5.74
N PHE H 79 18.50 24.17 -6.01
CA PHE H 79 19.37 24.65 -4.96
C PHE H 79 18.58 25.22 -3.79
N HIS H 80 17.41 25.81 -4.07
CA HIS H 80 16.57 26.39 -3.01
C HIS H 80 16.00 25.40 -2.02
N CYS H 81 15.62 24.24 -2.53
CA CYS H 81 15.00 23.23 -1.70
C CYS H 81 16.06 22.57 -0.82
N ILE H 82 17.04 21.99 -1.51
CA ILE H 82 18.15 21.31 -0.86
C ILE H 82 18.88 22.17 0.18
N SER H 83 18.46 23.41 0.34
CA SER H 83 19.03 24.27 1.37
C SER H 83 18.17 24.18 2.62
N ARG H 84 16.90 24.53 2.45
CA ARG H 84 15.93 24.39 3.50
C ARG H 84 15.98 22.98 4.04
N TRP H 85 16.16 22.02 3.14
CA TRP H 85 16.22 20.64 3.55
C TRP H 85 17.48 20.46 4.38
N LEU H 86 18.62 20.93 3.88
CA LEU H 86 19.88 20.81 4.62
C LEU H 86 19.89 21.52 5.99
N LYS H 87 18.82 22.23 6.31
CA LYS H 87 18.74 22.93 7.60
C LYS H 87 18.54 21.95 8.75
N THR H 88 17.86 20.86 8.48
CA THR H 88 17.50 19.90 9.51
C THR H 88 18.08 18.52 9.26
N ARG H 89 18.53 18.26 8.04
CA ARG H 89 19.09 16.96 7.69
C ARG H 89 20.42 17.09 6.95
N GLN H 90 21.14 15.99 6.80
CA GLN H 90 22.48 16.07 6.23
C GLN H 90 22.83 15.02 5.19
N VAL H 91 22.04 13.95 5.14
CA VAL H 91 22.25 12.89 4.17
C VAL H 91 21.29 13.01 3.01
N CYS H 92 21.83 13.33 1.83
CA CYS H 92 21.07 13.39 0.57
C CYS H 92 19.71 12.73 0.62
N PRO H 93 18.69 13.50 0.22
CA PRO H 93 17.31 13.02 0.24
C PRO H 93 17.15 11.69 -0.48
N LEU H 94 18.14 11.28 -1.28
CA LEU H 94 17.98 10.12 -2.13
C LEU H 94 19.05 9.05 -1.94
N ASP H 95 19.96 9.24 -1.00
CA ASP H 95 20.91 8.18 -0.66
C ASP H 95 21.34 8.18 0.81
N ASN H 96 22.24 7.26 1.11
CA ASN H 96 22.67 7.05 2.49
C ASN H 96 23.92 7.87 2.89
N ARG H 97 24.44 8.64 1.95
CA ARG H 97 25.67 9.40 2.17
C ARG H 97 25.38 10.86 2.48
N GLU H 98 26.30 11.52 3.17
CA GLU H 98 26.09 12.93 3.44
C GLU H 98 26.11 13.72 2.13
N TRP H 99 25.40 14.86 2.10
CA TRP H 99 25.28 15.63 0.87
C TRP H 99 26.57 16.41 0.59
N GLU H 100 27.05 16.33 -0.64
CA GLU H 100 28.24 17.07 -1.07
C GLU H 100 28.04 17.76 -2.41
N PHE H 101 28.20 19.07 -2.42
CA PHE H 101 28.14 19.87 -3.64
C PHE H 101 29.27 19.51 -4.59
N GLN H 102 29.44 20.32 -5.63
CA GLN H 102 30.52 20.04 -6.57
C GLN H 102 30.77 21.20 -7.55
ZN ZN I . -24.94 -8.51 0.70
ZN ZN J . -18.13 -17.84 8.63
ZN ZN K . -31.47 -9.04 -2.38
ZN ZN L . -4.41 -11.57 7.58
ZN ZN M . -13.67 -0.61 6.59
ZN ZN N . 2.76 -11.15 9.04
ZN ZN O . 13.42 0.71 0.66
ZN ZN P . 5.63 8.37 -8.17
ZN ZN Q . 12.01 -5.80 2.87
ZN ZN R . 12.51 21.56 -5.44
ZN ZN S . 22.49 11.55 -3.51
ZN ZN T . 13.40 28.63 -6.14
#